data_8XH9
#
_entry.id   8XH9
#
_cell.length_a   1.00
_cell.length_b   1.00
_cell.length_c   1.00
_cell.angle_alpha   90.00
_cell.angle_beta   90.00
_cell.angle_gamma   90.00
#
_symmetry.space_group_name_H-M   'P 1'
#
loop_
_entity.id
_entity.type
_entity.pdbx_description
1 polymer 'Gap junction delta-2 protein'
2 non-polymer 1,2-DIMYRISTOYL-RAC-GLYCERO-3-PHOSPHOCHOLINE
#
_entity_poly.entity_id   1
_entity_poly.type   'polypeptide(L)'
_entity_poly.pdbx_seq_one_letter_code
;MGEWTILERLLEAVQQHSTMIGRILLTVVVIFRILIVAIVGETVYDDEQTMFVCNTLQPGCNQACYDRAFPISHIRYWVF
QIIMVCTPSLCFITYSVHQSAKQRERRYSTVFLALDRDPPESIGGPGGTGGGGSGGGKREDKKLQNAIVNGVLQNTENTS
KETEPDCLEVKELTPHPSGLRTASKSKLRRQEGISRFYIIQVVFRNALEIGFLVGQYFLYGFSVPGLYECNRYPCIKEVE
CYVSRPTEKTVFLVFMFAVSGICVVLNLAELNHLGWRKIKLAVRGAQAKRKSIYEIRNKDLPRVSVPNFGRTQSSDSAYV
SRDYKDDDDK
;
_entity_poly.pdbx_strand_id   A,B,C,D,E,F,G,H,I,J,K,L
#
loop_
_chem_comp.id
_chem_comp.type
_chem_comp.name
_chem_comp.formula
MC3 non-polymer 1,2-DIMYRISTOYL-RAC-GLYCERO-3-PHOSPHOCHOLINE 'C36 H72 N O8 P'
#
# COMPACT_ATOMS: atom_id res chain seq x y z
N THR A 19 23.09 -63.70 -13.43
CA THR A 19 23.49 -62.90 -12.25
C THR A 19 24.58 -61.91 -12.57
N MET A 20 25.00 -61.89 -13.82
CA MET A 20 26.07 -61.02 -14.27
C MET A 20 25.57 -59.61 -14.58
N ILE A 21 24.49 -59.52 -15.36
CA ILE A 21 23.97 -58.21 -15.75
C ILE A 21 23.33 -57.48 -14.56
N GLY A 22 22.86 -58.23 -13.56
CA GLY A 22 22.18 -57.58 -12.44
C GLY A 22 23.05 -56.57 -11.73
N ARG A 23 24.33 -56.91 -11.61
CA ARG A 23 25.25 -56.01 -10.96
C ARG A 23 25.38 -54.73 -11.75
N ILE A 24 25.54 -54.86 -13.05
CA ILE A 24 25.77 -53.73 -13.95
C ILE A 24 24.56 -52.80 -13.90
N LEU A 25 23.36 -53.38 -13.91
CA LEU A 25 22.17 -52.56 -13.91
C LEU A 25 21.95 -51.91 -12.55
N LEU A 26 22.34 -52.59 -11.47
CA LEU A 26 22.24 -51.96 -10.15
C LEU A 26 23.12 -50.73 -10.07
N THR A 27 24.36 -50.85 -10.56
CA THR A 27 25.28 -49.71 -10.56
C THR A 27 24.73 -48.57 -11.42
N VAL A 28 24.13 -48.91 -12.56
CA VAL A 28 23.63 -47.87 -13.45
C VAL A 28 22.43 -47.16 -12.82
N VAL A 29 21.56 -47.93 -12.16
CA VAL A 29 20.39 -47.34 -11.52
C VAL A 29 20.83 -46.40 -10.40
N VAL A 30 21.80 -46.84 -9.60
CA VAL A 30 22.28 -46.00 -8.49
C VAL A 30 22.83 -44.68 -9.02
N ILE A 31 23.68 -44.75 -10.06
CA ILE A 31 24.26 -43.51 -10.57
C ILE A 31 23.18 -42.61 -11.18
N PHE A 32 22.22 -43.20 -11.89
CA PHE A 32 21.14 -42.43 -12.48
C PHE A 32 20.34 -41.69 -11.42
N ARG A 33 19.99 -42.39 -10.33
CA ARG A 33 19.24 -41.79 -9.24
C ARG A 33 20.01 -40.62 -8.63
N ILE A 34 21.30 -40.83 -8.35
CA ILE A 34 22.09 -39.74 -7.77
C ILE A 34 22.09 -38.53 -8.69
N LEU A 35 22.29 -38.75 -10.00
CA LEU A 35 22.35 -37.61 -10.92
C LEU A 35 21.02 -36.85 -10.96
N ILE A 36 19.91 -37.58 -11.05
CA ILE A 36 18.61 -36.93 -11.10
C ILE A 36 18.37 -36.11 -9.84
N VAL A 37 18.72 -36.66 -8.68
CA VAL A 37 18.45 -35.93 -7.45
C VAL A 37 19.35 -34.71 -7.36
N ALA A 38 20.62 -34.86 -7.74
CA ALA A 38 21.59 -33.78 -7.53
C ALA A 38 21.38 -32.60 -8.48
N ILE A 39 20.96 -32.85 -9.72
CA ILE A 39 20.99 -31.77 -10.71
C ILE A 39 19.70 -30.94 -10.73
N VAL A 40 18.53 -31.55 -10.64
CA VAL A 40 17.28 -30.81 -10.83
C VAL A 40 16.44 -30.65 -9.56
N GLY A 41 16.47 -31.61 -8.65
CA GLY A 41 15.54 -31.56 -7.53
C GLY A 41 15.68 -30.36 -6.60
N GLU A 42 16.87 -29.80 -6.49
CA GLU A 42 17.05 -28.62 -5.64
C GLU A 42 16.30 -27.37 -6.10
N THR A 43 15.70 -27.35 -7.29
CA THR A 43 15.17 -26.11 -7.84
C THR A 43 13.67 -26.14 -8.15
N VAL A 44 13.03 -27.31 -8.05
CA VAL A 44 11.57 -27.38 -8.03
C VAL A 44 11.02 -26.90 -6.70
N TYR A 45 11.68 -27.25 -5.60
CA TYR A 45 11.25 -26.95 -4.24
C TYR A 45 11.78 -25.61 -3.70
N ASP A 46 12.56 -24.86 -4.47
CA ASP A 46 13.17 -23.63 -3.96
C ASP A 46 12.13 -22.63 -3.45
N ASP A 47 11.02 -22.44 -4.17
CA ASP A 47 9.99 -21.48 -3.78
C ASP A 47 8.84 -22.10 -2.98
N GLU A 48 9.09 -23.15 -2.19
CA GLU A 48 7.98 -23.90 -1.59
C GLU A 48 7.16 -23.05 -0.63
N GLN A 49 7.82 -22.27 0.23
CA GLN A 49 7.12 -21.48 1.24
C GLN A 49 6.82 -20.04 0.80
N THR A 50 7.63 -19.49 -0.10
CA THR A 50 7.40 -18.12 -0.57
C THR A 50 6.14 -18.02 -1.44
N MET A 51 5.77 -19.09 -2.14
CA MET A 51 4.54 -19.14 -2.94
C MET A 51 3.42 -19.94 -2.29
N PHE A 52 3.52 -20.28 -1.00
CA PHE A 52 2.43 -20.87 -0.26
C PHE A 52 1.60 -19.74 0.34
N VAL A 53 0.28 -19.76 0.11
CA VAL A 53 -0.58 -18.67 0.52
C VAL A 53 -1.92 -19.19 1.03
N CYS A 54 -2.45 -18.53 2.06
CA CYS A 54 -3.73 -18.84 2.68
C CYS A 54 -4.65 -17.63 2.66
N ASN A 55 -5.95 -17.89 2.64
CA ASN A 55 -6.98 -16.86 2.62
C ASN A 55 -7.31 -16.46 4.06
N THR A 56 -6.66 -15.40 4.54
CA THR A 56 -6.72 -15.02 5.95
C THR A 56 -6.05 -13.66 6.12
N LEU A 57 -6.35 -13.01 7.25
CA LEU A 57 -5.68 -11.78 7.65
C LEU A 57 -4.95 -11.91 8.98
N GLN A 58 -4.79 -13.12 9.49
CA GLN A 58 -4.19 -13.36 10.80
C GLN A 58 -2.68 -13.56 10.67
N PRO A 59 -1.86 -12.80 11.41
CA PRO A 59 -0.40 -13.03 11.36
C PRO A 59 -0.01 -14.35 12.01
N GLY A 60 0.87 -15.09 11.32
CA GLY A 60 1.38 -16.38 11.76
C GLY A 60 0.63 -17.58 11.25
N CYS A 61 -0.48 -17.39 10.54
CA CYS A 61 -1.26 -18.53 10.11
C CYS A 61 -0.57 -19.23 8.95
N ASN A 62 0.05 -18.47 8.05
CA ASN A 62 0.77 -19.09 6.95
C ASN A 62 1.89 -19.99 7.47
N GLN A 63 2.64 -19.50 8.47
CA GLN A 63 3.71 -20.30 9.06
C GLN A 63 3.18 -21.59 9.67
N ALA A 64 2.14 -21.48 10.51
CA ALA A 64 1.61 -22.68 11.15
C ALA A 64 1.06 -23.68 10.15
N CYS A 65 0.34 -23.21 9.14
CA CYS A 65 -0.27 -24.13 8.18
C CYS A 65 0.76 -24.76 7.24
N TYR A 66 1.76 -23.99 6.81
CA TYR A 66 2.84 -24.61 6.03
C TYR A 66 3.56 -25.67 6.83
N ASP A 67 3.86 -25.38 8.11
CA ASP A 67 4.56 -26.35 8.93
C ASP A 67 3.75 -27.62 9.13
N ARG A 68 2.43 -27.50 9.29
CA ARG A 68 1.61 -28.69 9.45
C ARG A 68 1.42 -29.46 8.15
N ALA A 69 1.37 -28.78 7.01
CA ALA A 69 1.21 -29.48 5.74
C ALA A 69 2.48 -30.19 5.29
N PHE A 70 3.66 -29.58 5.50
CA PHE A 70 4.93 -30.14 5.00
C PHE A 70 5.97 -30.20 6.11
N PRO A 71 5.90 -31.22 6.98
CA PRO A 71 6.85 -31.32 8.09
C PRO A 71 8.31 -31.55 7.71
N ILE A 72 8.58 -32.51 6.83
CA ILE A 72 9.90 -32.73 6.25
C ILE A 72 9.77 -32.74 4.73
N SER A 73 10.55 -31.89 4.07
CA SER A 73 10.53 -31.81 2.61
C SER A 73 11.08 -33.06 1.92
N HIS A 74 10.51 -33.33 0.74
CA HIS A 74 10.87 -34.52 -0.02
C HIS A 74 12.36 -34.57 -0.30
N ILE A 75 12.93 -33.42 -0.70
CA ILE A 75 14.31 -33.40 -1.15
C ILE A 75 15.25 -33.70 0.02
N ARG A 76 14.91 -33.23 1.22
CA ARG A 76 15.69 -33.57 2.40
C ARG A 76 15.63 -35.07 2.68
N TYR A 77 14.43 -35.64 2.62
CA TYR A 77 14.30 -37.09 2.83
C TYR A 77 15.10 -37.89 1.81
N TRP A 78 15.07 -37.48 0.54
CA TRP A 78 15.77 -38.23 -0.50
C TRP A 78 17.28 -38.11 -0.36
N VAL A 79 17.80 -36.93 -0.04
CA VAL A 79 19.24 -36.79 0.19
C VAL A 79 19.68 -37.69 1.34
N PHE A 80 18.92 -37.66 2.45
CA PHE A 80 19.29 -38.51 3.58
C PHE A 80 19.32 -39.99 3.19
N GLN A 81 18.28 -40.45 2.50
CA GLN A 81 18.23 -41.85 2.07
C GLN A 81 19.41 -42.21 1.18
N ILE A 82 19.71 -41.36 0.19
CA ILE A 82 20.82 -41.62 -0.72
C ILE A 82 22.12 -41.76 0.04
N ILE A 83 22.37 -40.85 1.00
CA ILE A 83 23.62 -40.92 1.75
C ILE A 83 23.67 -42.17 2.62
N MET A 84 22.55 -42.52 3.26
CA MET A 84 22.55 -43.65 4.19
C MET A 84 22.67 -45.00 3.49
N VAL A 85 22.19 -45.12 2.24
CA VAL A 85 22.32 -46.40 1.54
C VAL A 85 23.72 -46.66 0.97
N CYS A 86 24.68 -45.76 1.18
CA CYS A 86 26.04 -45.95 0.69
C CYS A 86 27.06 -46.19 1.81
N THR A 87 26.62 -46.39 3.04
CA THR A 87 27.53 -46.51 4.18
C THR A 87 28.21 -47.88 4.24
N PRO A 88 27.51 -48.99 3.96
CA PRO A 88 28.20 -50.29 3.99
C PRO A 88 29.36 -50.38 3.02
N SER A 89 29.21 -49.78 1.83
CA SER A 89 30.32 -49.76 0.89
C SER A 89 31.53 -49.01 1.46
N LEU A 90 31.29 -47.86 2.10
CA LEU A 90 32.39 -47.12 2.70
C LEU A 90 33.09 -47.93 3.78
N CYS A 91 32.30 -48.64 4.59
CA CYS A 91 32.90 -49.49 5.63
C CYS A 91 33.77 -50.57 5.01
N PHE A 92 33.24 -51.26 3.98
CA PHE A 92 34.01 -52.31 3.33
C PHE A 92 35.29 -51.77 2.72
N ILE A 93 35.22 -50.58 2.11
CA ILE A 93 36.41 -50.00 1.49
C ILE A 93 37.45 -49.68 2.54
N THR A 94 37.03 -49.07 3.66
CA THR A 94 37.98 -48.74 4.72
C THR A 94 38.61 -49.99 5.30
N TYR A 95 37.82 -51.05 5.49
CA TYR A 95 38.37 -52.31 5.96
C TYR A 95 39.42 -52.85 4.99
N SER A 96 39.08 -52.93 3.71
CA SER A 96 40.02 -53.50 2.75
C SER A 96 41.29 -52.66 2.65
N VAL A 97 41.16 -51.34 2.75
CA VAL A 97 42.34 -50.48 2.73
C VAL A 97 43.22 -50.79 3.92
N HIS A 98 42.63 -51.00 5.10
CA HIS A 98 43.50 -51.37 6.21
C HIS A 98 44.11 -52.74 5.95
N GLN A 99 43.33 -53.64 5.34
CA GLN A 99 43.80 -54.99 5.03
C GLN A 99 45.03 -54.95 4.13
N ILE A 194 36.87 -61.75 4.35
CA ILE A 194 36.26 -60.70 3.52
C ILE A 194 34.86 -61.11 3.08
N SER A 195 34.67 -62.40 2.78
CA SER A 195 33.39 -62.84 2.25
C SER A 195 32.27 -62.70 3.28
N ARG A 196 32.59 -62.94 4.56
CA ARG A 196 31.59 -62.72 5.60
C ARG A 196 31.17 -61.25 5.64
N PHE A 197 32.13 -60.34 5.50
CA PHE A 197 31.80 -58.92 5.44
C PHE A 197 30.91 -58.63 4.24
N TYR A 198 31.19 -59.26 3.09
CA TYR A 198 30.36 -59.08 1.91
C TYR A 198 28.92 -59.49 2.21
N ILE A 199 28.75 -60.67 2.82
CA ILE A 199 27.42 -61.16 3.13
C ILE A 199 26.70 -60.16 4.04
N ILE A 200 27.38 -59.73 5.10
CA ILE A 200 26.72 -58.87 6.08
C ILE A 200 26.33 -57.55 5.45
N GLN A 201 27.22 -56.97 4.65
CA GLN A 201 26.89 -55.68 4.05
C GLN A 201 25.75 -55.80 3.05
N VAL A 202 25.66 -56.92 2.33
CA VAL A 202 24.53 -57.13 1.43
C VAL A 202 23.23 -57.18 2.22
N VAL A 203 23.23 -57.93 3.32
CA VAL A 203 22.05 -58.03 4.17
C VAL A 203 21.63 -56.64 4.65
N PHE A 204 22.60 -55.86 5.12
CA PHE A 204 22.29 -54.55 5.68
C PHE A 204 21.71 -53.63 4.61
N ARG A 205 22.31 -53.65 3.42
CA ARG A 205 21.79 -52.81 2.33
C ARG A 205 20.35 -53.18 2.00
N ASN A 206 20.07 -54.48 1.88
CA ASN A 206 18.70 -54.91 1.63
C ASN A 206 17.74 -54.35 2.67
N ALA A 207 18.08 -54.54 3.95
CA ALA A 207 17.20 -54.09 5.02
C ALA A 207 16.97 -52.58 4.93
N LEU A 208 18.05 -51.83 4.72
CA LEU A 208 17.94 -50.37 4.72
C LEU A 208 17.04 -49.89 3.58
N GLU A 209 17.15 -50.52 2.40
CA GLU A 209 16.37 -50.03 1.28
C GLU A 209 14.90 -50.39 1.41
N ILE A 210 14.61 -51.54 2.01
CA ILE A 210 13.20 -51.88 2.24
C ILE A 210 12.61 -50.94 3.27
N GLY A 211 13.35 -50.66 4.35
CA GLY A 211 12.86 -49.73 5.35
C GLY A 211 12.57 -48.35 4.77
N PHE A 212 13.48 -47.85 3.92
CA PHE A 212 13.29 -46.51 3.37
C PHE A 212 12.10 -46.46 2.42
N LEU A 213 11.90 -47.50 1.60
CA LEU A 213 10.73 -47.49 0.72
C LEU A 213 9.43 -47.52 1.52
N VAL A 214 9.36 -48.37 2.55
CA VAL A 214 8.16 -48.41 3.38
C VAL A 214 7.91 -47.05 4.04
N GLY A 215 8.96 -46.44 4.58
CA GLY A 215 8.80 -45.15 5.20
C GLY A 215 8.32 -44.08 4.23
N GLN A 216 8.84 -44.09 3.00
CA GLN A 216 8.36 -43.16 1.98
C GLN A 216 6.86 -43.31 1.76
N TYR A 217 6.41 -44.56 1.57
CA TYR A 217 4.98 -44.76 1.37
C TYR A 217 4.16 -44.26 2.53
N PHE A 218 4.62 -44.50 3.76
CA PHE A 218 3.85 -44.10 4.94
C PHE A 218 3.90 -42.60 5.19
N LEU A 219 4.96 -41.92 4.77
CA LEU A 219 5.04 -40.49 5.01
C LEU A 219 4.27 -39.70 3.96
N TYR A 220 4.36 -40.10 2.69
CA TYR A 220 3.87 -39.24 1.62
C TYR A 220 2.76 -39.82 0.77
N GLY A 221 2.65 -41.14 0.63
CA GLY A 221 1.67 -41.68 -0.30
C GLY A 221 2.05 -41.56 -1.77
N PHE A 222 1.05 -41.29 -2.62
CA PHE A 222 1.24 -41.27 -4.07
C PHE A 222 0.80 -39.98 -4.77
N SER A 223 0.42 -38.93 -4.04
CA SER A 223 -0.01 -37.71 -4.71
C SER A 223 0.15 -36.51 -3.80
N VAL A 224 0.22 -35.34 -4.42
CA VAL A 224 0.27 -34.05 -3.73
C VAL A 224 -0.97 -33.25 -4.16
N PRO A 225 -1.94 -33.03 -3.28
CA PRO A 225 -3.12 -32.26 -3.68
C PRO A 225 -2.87 -30.75 -3.73
N GLY A 226 -3.73 -30.08 -4.50
CA GLY A 226 -3.65 -28.63 -4.66
C GLY A 226 -4.25 -27.80 -3.54
N LEU A 227 -5.19 -28.34 -2.77
CA LEU A 227 -5.78 -27.64 -1.64
C LEU A 227 -5.43 -28.33 -0.32
N TYR A 228 -5.36 -27.54 0.75
CA TYR A 228 -5.13 -28.05 2.09
C TYR A 228 -6.01 -27.30 3.09
N GLU A 229 -6.60 -28.05 4.02
CA GLU A 229 -7.50 -27.51 5.04
C GLU A 229 -6.79 -27.53 6.39
N CYS A 230 -6.71 -26.36 7.04
CA CYS A 230 -5.87 -26.14 8.21
C CYS A 230 -6.71 -25.64 9.37
N ASN A 231 -6.43 -26.16 10.56
CA ASN A 231 -7.11 -25.74 11.79
C ASN A 231 -6.14 -25.61 12.96
N ARG A 232 -4.98 -24.98 12.76
CA ARG A 232 -4.00 -24.81 13.82
C ARG A 232 -3.93 -23.37 14.31
N TYR A 233 -3.77 -23.22 15.62
CA TYR A 233 -3.57 -21.91 16.23
C TYR A 233 -2.34 -21.23 15.61
N PRO A 234 -2.39 -19.92 15.31
CA PRO A 234 -3.44 -18.92 15.61
C PRO A 234 -4.54 -18.78 14.59
N CYS A 235 -4.69 -19.70 13.63
CA CYS A 235 -5.78 -19.61 12.68
C CYS A 235 -7.13 -19.82 13.37
N ILE A 236 -8.08 -18.95 13.05
CA ILE A 236 -9.45 -19.07 13.55
C ILE A 236 -10.21 -20.12 12.76
N LYS A 237 -10.81 -21.07 13.47
CA LYS A 237 -11.48 -22.23 12.89
C LYS A 237 -10.69 -22.85 11.74
N GLU A 238 -11.34 -23.25 10.65
CA GLU A 238 -10.65 -23.85 9.51
C GLU A 238 -10.50 -22.90 8.33
N VAL A 239 -9.30 -22.91 7.74
CA VAL A 239 -8.94 -22.04 6.62
C VAL A 239 -8.47 -22.90 5.44
N GLU A 240 -8.51 -22.31 4.25
CA GLU A 240 -8.09 -22.96 3.01
C GLU A 240 -6.81 -22.34 2.48
N CYS A 241 -5.84 -23.18 2.11
CA CYS A 241 -4.53 -22.77 1.61
C CYS A 241 -4.25 -23.44 0.27
N TYR A 242 -3.29 -22.89 -0.47
CA TYR A 242 -3.04 -23.26 -1.87
C TYR A 242 -1.56 -23.55 -2.08
N VAL A 243 -1.28 -24.67 -2.78
CA VAL A 243 0.07 -25.24 -2.94
C VAL A 243 0.66 -24.85 -4.28
N SER A 244 2.00 -24.82 -4.34
CA SER A 244 2.78 -24.56 -5.54
C SER A 244 3.25 -25.85 -6.22
N ARG A 245 3.11 -25.88 -7.55
CA ARG A 245 3.59 -26.96 -8.41
C ARG A 245 3.18 -28.39 -8.02
N PRO A 246 1.89 -28.64 -7.83
CA PRO A 246 1.49 -29.98 -7.37
C PRO A 246 1.70 -31.07 -8.41
N THR A 247 1.48 -30.77 -9.69
CA THR A 247 1.61 -31.80 -10.73
C THR A 247 3.05 -32.25 -10.88
N GLU A 248 3.98 -31.29 -10.95
CA GLU A 248 5.39 -31.62 -11.04
C GLU A 248 5.85 -32.40 -9.81
N LYS A 249 5.39 -32.01 -8.62
CA LYS A 249 5.79 -32.74 -7.43
C LYS A 249 5.25 -34.16 -7.40
N THR A 250 4.01 -34.36 -7.88
CA THR A 250 3.47 -35.70 -8.02
C THR A 250 4.27 -36.57 -9.00
N VAL A 251 4.66 -35.99 -10.14
CA VAL A 251 5.47 -36.73 -11.10
C VAL A 251 6.78 -37.18 -10.47
N PHE A 252 7.45 -36.27 -9.77
CA PHE A 252 8.70 -36.60 -9.08
C PHE A 252 8.50 -37.73 -8.05
N LEU A 253 7.45 -37.64 -7.24
CA LEU A 253 7.14 -38.71 -6.30
C LEU A 253 7.04 -40.07 -6.98
N VAL A 254 6.25 -40.16 -8.06
CA VAL A 254 6.03 -41.44 -8.71
C VAL A 254 7.33 -41.98 -9.30
N PHE A 255 8.11 -41.11 -9.95
CA PHE A 255 9.39 -41.55 -10.52
C PHE A 255 10.32 -42.12 -9.45
N MET A 256 10.45 -41.43 -8.32
CA MET A 256 11.34 -41.93 -7.27
C MET A 256 10.87 -43.25 -6.71
N PHE A 257 9.56 -43.41 -6.51
CA PHE A 257 9.06 -44.70 -6.03
C PHE A 257 9.41 -45.82 -7.00
N ALA A 258 9.26 -45.57 -8.31
CA ALA A 258 9.57 -46.60 -9.30
C ALA A 258 11.05 -47.01 -9.25
N VAL A 259 11.93 -46.03 -9.20
CA VAL A 259 13.37 -46.33 -9.16
C VAL A 259 13.71 -47.16 -7.91
N SER A 260 13.19 -46.74 -6.75
CA SER A 260 13.52 -47.48 -5.53
C SER A 260 12.97 -48.90 -5.58
N GLY A 261 11.79 -49.10 -6.19
CA GLY A 261 11.31 -50.45 -6.38
C GLY A 261 12.23 -51.32 -7.22
N ILE A 262 12.73 -50.76 -8.32
CA ILE A 262 13.69 -51.49 -9.15
C ILE A 262 14.89 -51.93 -8.30
N CYS A 263 15.44 -51.00 -7.52
CA CYS A 263 16.62 -51.33 -6.72
C CYS A 263 16.32 -52.44 -5.70
N VAL A 264 15.15 -52.38 -5.06
CA VAL A 264 14.77 -53.42 -4.12
C VAL A 264 14.73 -54.77 -4.80
N VAL A 265 14.09 -54.83 -5.98
CA VAL A 265 13.98 -56.10 -6.69
C VAL A 265 15.37 -56.67 -6.98
N LEU A 266 16.27 -55.82 -7.50
CA LEU A 266 17.60 -56.32 -7.87
C LEU A 266 18.37 -56.85 -6.66
N ASN A 267 18.33 -56.12 -5.54
CA ASN A 267 19.07 -56.59 -4.37
C ASN A 267 18.50 -57.89 -3.83
N LEU A 268 17.17 -58.04 -3.83
CA LEU A 268 16.61 -59.33 -3.42
C LEU A 268 17.05 -60.44 -4.39
N ALA A 269 17.12 -60.11 -5.69
CA ALA A 269 17.59 -61.08 -6.66
C ALA A 269 18.94 -61.63 -6.25
N GLU A 270 19.89 -60.73 -5.98
CA GLU A 270 21.25 -61.20 -5.68
C GLU A 270 21.32 -61.91 -4.34
N LEU A 271 20.59 -61.42 -3.33
CA LEU A 271 20.53 -62.11 -2.05
C LEU A 271 20.09 -63.56 -2.22
N ASN A 272 19.02 -63.78 -3.00
CA ASN A 272 18.55 -65.14 -3.19
C ASN A 272 19.45 -65.94 -4.11
N HIS A 273 20.20 -65.27 -4.99
CA HIS A 273 21.15 -65.98 -5.84
C HIS A 273 22.25 -66.61 -5.00
N LEU A 274 22.80 -65.86 -4.05
CA LEU A 274 23.83 -66.45 -3.20
C LEU A 274 23.22 -67.39 -2.15
N GLY A 275 22.21 -66.94 -1.43
CA GLY A 275 21.47 -67.83 -0.55
C GLY A 275 22.09 -67.93 0.84
N THR B 19 30.43 -43.63 -44.04
CA THR B 19 30.02 -43.98 -42.67
C THR B 19 31.03 -43.54 -41.64
N MET B 20 32.09 -42.92 -42.09
CA MET B 20 33.17 -42.48 -41.21
C MET B 20 32.84 -41.14 -40.56
N ILE B 21 32.42 -40.16 -41.36
CA ILE B 21 32.15 -38.83 -40.82
C ILE B 21 30.91 -38.83 -39.94
N GLY B 22 29.98 -39.76 -40.17
CA GLY B 22 28.74 -39.77 -39.41
C GLY B 22 28.97 -39.87 -37.91
N ARG B 23 29.95 -40.69 -37.55
CA ARG B 23 30.25 -40.85 -36.15
C ARG B 23 30.75 -39.55 -35.58
N ILE B 24 31.65 -38.90 -36.26
CA ILE B 24 32.28 -37.66 -35.80
C ILE B 24 31.22 -36.60 -35.60
N LEU B 25 30.29 -36.50 -36.55
CA LEU B 25 29.28 -35.47 -36.46
C LEU B 25 28.27 -35.80 -35.38
N LEU B 26 27.99 -37.09 -35.15
CA LEU B 26 27.10 -37.43 -34.05
C LEU B 26 27.70 -37.01 -32.71
N THR B 27 28.99 -37.29 -32.52
CA THR B 27 29.66 -36.88 -31.28
C THR B 27 29.64 -35.37 -31.12
N VAL B 28 29.85 -34.64 -32.22
CA VAL B 28 29.89 -33.18 -32.13
C VAL B 28 28.51 -32.63 -31.81
N VAL B 29 27.47 -33.21 -32.40
CA VAL B 29 26.11 -32.75 -32.14
C VAL B 29 25.75 -32.99 -30.68
N VAL B 30 26.10 -34.17 -30.16
CA VAL B 30 25.80 -34.48 -28.77
C VAL B 30 26.47 -33.49 -27.83
N ILE B 31 27.76 -33.22 -28.05
CA ILE B 31 28.46 -32.30 -27.15
C ILE B 31 27.88 -30.89 -27.27
N PHE B 32 27.56 -30.46 -28.49
CA PHE B 32 26.97 -29.14 -28.70
C PHE B 32 25.66 -29.00 -27.93
N ARG B 33 24.80 -30.00 -28.04
CA ARG B 33 23.52 -29.99 -27.35
C ARG B 33 23.70 -29.90 -25.85
N ILE B 34 24.60 -30.73 -25.30
CA ILE B 34 24.84 -30.67 -23.85
C ILE B 34 25.30 -29.27 -23.43
N LEU B 35 26.23 -28.68 -24.18
CA LEU B 35 26.75 -27.37 -23.79
C LEU B 35 25.65 -26.30 -23.83
N ILE B 36 24.84 -26.29 -24.89
CA ILE B 36 23.79 -25.30 -25.00
C ILE B 36 22.80 -25.44 -23.85
N VAL B 37 22.45 -26.68 -23.50
CA VAL B 37 21.46 -26.86 -22.43
C VAL B 37 22.06 -26.45 -21.10
N ALA B 38 23.33 -26.82 -20.85
CA ALA B 38 23.92 -26.60 -19.54
C ALA B 38 24.24 -25.14 -19.26
N ILE B 39 24.63 -24.36 -20.26
CA ILE B 39 25.16 -23.03 -19.96
C ILE B 39 24.08 -21.94 -19.92
N VAL B 40 23.11 -21.95 -20.82
CA VAL B 40 22.17 -20.84 -20.92
C VAL B 40 20.75 -21.18 -20.50
N GLY B 41 20.28 -22.41 -20.72
CA GLY B 41 18.87 -22.70 -20.51
C GLY B 41 18.38 -22.53 -19.08
N GLU B 42 19.25 -22.70 -18.08
CA GLU B 42 18.81 -22.51 -16.70
C GLU B 42 18.40 -21.08 -16.34
N THR B 43 18.60 -20.09 -17.22
CA THR B 43 18.43 -18.70 -16.80
C THR B 43 17.40 -17.94 -17.64
N VAL B 44 16.89 -18.52 -18.72
CA VAL B 44 15.70 -18.00 -19.39
C VAL B 44 14.44 -18.29 -18.57
N TYR B 45 14.36 -19.48 -17.99
CA TYR B 45 13.21 -19.95 -17.24
C TYR B 45 13.23 -19.60 -15.74
N ASP B 46 14.27 -18.93 -15.26
CA ASP B 46 14.38 -18.66 -13.82
C ASP B 46 13.19 -17.89 -13.26
N ASP B 47 12.70 -16.88 -13.97
CA ASP B 47 11.58 -16.06 -13.52
C ASP B 47 10.21 -16.51 -14.05
N GLU B 48 10.02 -17.81 -14.30
CA GLU B 48 8.83 -18.25 -15.01
C GLU B 48 7.54 -17.96 -14.24
N GLN B 49 7.53 -18.23 -12.94
CA GLN B 49 6.32 -18.05 -12.13
C GLN B 49 6.25 -16.70 -11.44
N THR B 50 7.40 -16.08 -11.14
CA THR B 50 7.39 -14.78 -10.48
C THR B 50 6.88 -13.67 -11.40
N MET B 51 7.05 -13.80 -12.71
CA MET B 51 6.53 -12.84 -13.68
C MET B 51 5.29 -13.34 -14.43
N PHE B 52 4.65 -14.41 -13.96
CA PHE B 52 3.36 -14.84 -14.48
C PHE B 52 2.26 -14.12 -13.69
N VAL B 53 1.34 -13.47 -14.40
CA VAL B 53 0.33 -12.64 -13.74
C VAL B 53 -1.02 -12.79 -14.45
N CYS B 54 -2.09 -12.76 -13.66
CA CYS B 54 -3.47 -12.87 -14.11
C CYS B 54 -4.28 -11.67 -13.62
N ASN B 55 -5.30 -11.31 -14.40
CA ASN B 55 -6.19 -10.20 -14.08
C ASN B 55 -7.32 -10.69 -13.18
N THR B 56 -7.13 -10.54 -11.87
CA THR B 56 -8.03 -11.13 -10.89
C THR B 56 -7.67 -10.61 -9.50
N LEU B 57 -8.61 -10.75 -8.57
CA LEU B 57 -8.39 -10.44 -7.16
C LEU B 57 -8.56 -11.65 -6.25
N GLN B 58 -8.65 -12.84 -6.81
CA GLN B 58 -8.92 -14.06 -6.06
C GLN B 58 -7.61 -14.72 -5.61
N PRO B 59 -7.42 -14.98 -4.32
CA PRO B 59 -6.20 -15.69 -3.88
C PRO B 59 -6.17 -17.15 -4.36
N GLY B 60 -5.02 -17.57 -4.87
CA GLY B 60 -4.78 -18.91 -5.37
C GLY B 60 -5.01 -19.11 -6.85
N CYS B 61 -5.51 -18.09 -7.56
CA CYS B 61 -5.83 -18.27 -8.96
C CYS B 61 -4.55 -18.29 -9.79
N ASN B 62 -3.56 -17.47 -9.42
CA ASN B 62 -2.30 -17.48 -10.14
C ASN B 62 -1.63 -18.85 -10.05
N GLN B 63 -1.64 -19.45 -8.86
CA GLN B 63 -1.08 -20.78 -8.67
C GLN B 63 -1.79 -21.82 -9.54
N ALA B 64 -3.13 -21.86 -9.47
CA ALA B 64 -3.85 -22.85 -10.25
C ALA B 64 -3.65 -22.68 -11.75
N CYS B 65 -3.67 -21.44 -12.24
CA CYS B 65 -3.54 -21.22 -13.67
C CYS B 65 -2.13 -21.47 -14.18
N TYR B 66 -1.11 -21.08 -13.42
CA TYR B 66 0.25 -21.43 -13.80
C TYR B 66 0.44 -22.95 -13.85
N ASP B 67 -0.09 -23.67 -12.85
CA ASP B 67 0.07 -25.11 -12.84
C ASP B 67 -0.63 -25.76 -14.03
N ARG B 68 -1.80 -25.26 -14.41
CA ARG B 68 -2.49 -25.83 -15.57
C ARG B 68 -1.83 -25.46 -16.89
N ALA B 69 -1.25 -24.27 -17.01
CA ALA B 69 -0.59 -23.88 -18.25
C ALA B 69 0.75 -24.58 -18.46
N PHE B 70 1.54 -24.77 -17.40
CA PHE B 70 2.88 -25.35 -17.52
C PHE B 70 3.08 -26.50 -16.54
N PRO B 71 2.60 -27.69 -16.87
CA PRO B 71 2.71 -28.83 -15.95
C PRO B 71 4.13 -29.33 -15.70
N ILE B 72 4.92 -29.54 -16.75
CA ILE B 72 6.34 -29.84 -16.63
C ILE B 72 7.13 -28.85 -17.50
N SER B 73 8.10 -28.18 -16.88
CA SER B 73 8.91 -27.21 -17.59
C SER B 73 9.85 -27.84 -18.63
N HIS B 74 10.09 -27.06 -19.69
CA HIS B 74 10.90 -27.53 -20.81
C HIS B 74 12.27 -27.98 -20.34
N ILE B 75 12.90 -27.18 -19.45
CA ILE B 75 14.28 -27.44 -19.08
C ILE B 75 14.38 -28.74 -18.30
N ARG B 76 13.37 -29.03 -17.47
CA ARG B 76 13.33 -30.32 -16.78
C ARG B 76 13.22 -31.47 -17.76
N TYR B 77 12.31 -31.34 -18.73
CA TYR B 77 12.18 -32.39 -19.74
C TYR B 77 13.47 -32.61 -20.52
N TRP B 78 14.16 -31.54 -20.90
CA TRP B 78 15.38 -31.66 -21.67
C TRP B 78 16.52 -32.28 -20.87
N VAL B 79 16.67 -31.89 -19.60
CA VAL B 79 17.70 -32.51 -18.77
C VAL B 79 17.43 -34.01 -18.64
N PHE B 80 16.18 -34.39 -18.38
CA PHE B 80 15.87 -35.81 -18.25
C PHE B 80 16.20 -36.57 -19.53
N GLN B 81 15.79 -36.03 -20.68
CA GLN B 81 16.09 -36.69 -21.96
C GLN B 81 17.60 -36.84 -22.18
N ILE B 82 18.36 -35.77 -21.94
CA ILE B 82 19.80 -35.82 -22.13
C ILE B 82 20.43 -36.91 -21.26
N ILE B 83 20.02 -37.00 -19.99
CA ILE B 83 20.59 -38.00 -19.12
C ILE B 83 20.19 -39.41 -19.57
N MET B 84 18.94 -39.60 -19.97
CA MET B 84 18.47 -40.94 -20.32
C MET B 84 19.05 -41.45 -21.64
N VAL B 85 19.41 -40.57 -22.58
CA VAL B 85 20.00 -41.05 -23.83
C VAL B 85 21.47 -41.42 -23.72
N CYS B 86 22.08 -41.32 -22.53
CA CYS B 86 23.48 -41.69 -22.34
C CYS B 86 23.67 -42.95 -21.49
N THR B 87 22.60 -43.68 -21.19
CA THR B 87 22.69 -44.84 -20.30
C THR B 87 23.29 -46.07 -20.98
N PRO B 88 22.95 -46.36 -22.24
CA PRO B 88 23.57 -47.52 -22.90
C PRO B 88 25.08 -47.44 -22.97
N SER B 89 25.63 -46.24 -23.21
CA SER B 89 27.07 -46.08 -23.20
C SER B 89 27.66 -46.41 -21.84
N LEU B 90 27.03 -45.94 -20.76
CA LEU B 90 27.54 -46.25 -19.42
C LEU B 90 27.50 -47.75 -19.17
N CYS B 91 26.43 -48.42 -19.60
CA CYS B 91 26.37 -49.88 -19.43
C CYS B 91 27.50 -50.56 -20.18
N PHE B 92 27.71 -50.18 -21.44
CA PHE B 92 28.78 -50.78 -22.23
C PHE B 92 30.14 -50.55 -21.59
N ILE B 93 30.37 -49.35 -21.06
CA ILE B 93 31.66 -49.04 -20.45
C ILE B 93 31.87 -49.90 -19.21
N THR B 94 30.84 -50.02 -18.37
CA THR B 94 30.98 -50.83 -17.16
C THR B 94 31.23 -52.30 -17.51
N TYR B 95 30.53 -52.80 -18.54
CA TYR B 95 30.79 -54.17 -18.98
C TYR B 95 32.23 -54.34 -19.44
N SER B 96 32.71 -53.45 -20.30
CA SER B 96 34.07 -53.63 -20.82
C SER B 96 35.10 -53.50 -19.70
N VAL B 97 34.86 -52.62 -18.73
CA VAL B 97 35.78 -52.50 -17.60
C VAL B 97 35.81 -53.81 -16.83
N HIS B 98 34.65 -54.45 -16.63
CA HIS B 98 34.74 -55.74 -15.96
C HIS B 98 35.46 -56.74 -16.84
N GLN B 99 35.25 -56.65 -18.16
CA GLN B 99 35.89 -57.56 -19.10
C GLN B 99 37.41 -57.45 -19.01
N ILE B 194 31.08 -58.90 -27.44
CA ILE B 194 31.01 -57.44 -27.35
C ILE B 194 30.17 -56.88 -28.49
N SER B 195 30.27 -57.48 -29.68
CA SER B 195 29.56 -56.93 -30.84
C SER B 195 28.05 -57.05 -30.67
N ARG B 196 27.58 -58.13 -30.05
CA ARG B 196 26.15 -58.23 -29.78
C ARG B 196 25.69 -57.10 -28.86
N PHE B 197 26.50 -56.79 -27.84
CA PHE B 197 26.17 -55.66 -26.97
C PHE B 197 26.14 -54.36 -27.75
N TYR B 198 27.08 -54.19 -28.69
CA TYR B 198 27.08 -52.99 -29.53
C TYR B 198 25.77 -52.88 -30.30
N ILE B 199 25.35 -53.98 -30.93
CA ILE B 199 24.10 -53.98 -31.70
C ILE B 199 22.94 -53.59 -30.81
N ILE B 200 22.84 -54.23 -29.64
CA ILE B 200 21.68 -54.01 -28.78
C ILE B 200 21.66 -52.57 -28.30
N GLN B 201 22.81 -52.03 -27.91
CA GLN B 201 22.81 -50.66 -27.41
C GLN B 201 22.48 -49.66 -28.50
N VAL B 202 22.89 -49.93 -29.75
CA VAL B 202 22.52 -49.06 -30.85
C VAL B 202 21.01 -49.07 -31.05
N VAL B 203 20.42 -50.26 -31.02
CA VAL B 203 18.97 -50.39 -31.16
C VAL B 203 18.25 -49.59 -30.08
N PHE B 204 18.72 -49.75 -28.83
CA PHE B 204 18.06 -49.09 -27.71
C PHE B 204 18.17 -47.57 -27.84
N ARG B 205 19.35 -47.07 -28.22
CA ARG B 205 19.51 -45.62 -28.37
C ARG B 205 18.56 -45.09 -29.45
N ASN B 206 18.47 -45.79 -30.58
CA ASN B 206 17.54 -45.37 -31.64
C ASN B 206 16.12 -45.26 -31.08
N ALA B 207 15.66 -46.32 -30.41
CA ALA B 207 14.29 -46.33 -29.91
C ALA B 207 14.07 -45.18 -28.92
N LEU B 208 15.02 -44.96 -28.01
CA LEU B 208 14.85 -43.94 -26.99
C LEU B 208 14.76 -42.55 -27.62
N GLU B 209 15.57 -42.30 -28.65
CA GLU B 209 15.57 -40.95 -29.21
C GLU B 209 14.31 -40.69 -30.03
N ILE B 210 13.80 -41.72 -30.70
CA ILE B 210 12.55 -41.52 -31.43
C ILE B 210 11.40 -41.29 -30.46
N GLY B 211 11.36 -42.08 -29.37
CA GLY B 211 10.32 -41.88 -28.38
C GLY B 211 10.35 -40.48 -27.79
N PHE B 212 11.54 -39.98 -27.47
CA PHE B 212 11.63 -38.66 -26.84
C PHE B 212 11.21 -37.56 -27.82
N LEU B 213 11.59 -37.66 -29.09
CA LEU B 213 11.17 -36.64 -30.06
C LEU B 213 9.64 -36.64 -30.22
N VAL B 214 9.03 -37.82 -30.34
CA VAL B 214 7.59 -37.89 -30.46
C VAL B 214 6.92 -37.29 -29.23
N GLY B 215 7.42 -37.64 -28.04
CA GLY B 215 6.84 -37.09 -26.83
C GLY B 215 6.95 -35.58 -26.75
N GLN B 216 8.09 -35.03 -27.18
CA GLN B 216 8.23 -33.58 -27.22
C GLN B 216 7.17 -32.94 -28.09
N TYR B 217 6.98 -33.48 -29.31
CA TYR B 217 5.96 -32.93 -30.18
C TYR B 217 4.58 -32.99 -29.55
N PHE B 218 4.25 -34.10 -28.89
CA PHE B 218 2.92 -34.25 -28.32
C PHE B 218 2.72 -33.43 -27.06
N LEU B 219 3.78 -33.13 -26.31
CA LEU B 219 3.62 -32.35 -25.10
C LEU B 219 3.55 -30.86 -25.40
N TYR B 220 4.40 -30.36 -26.32
CA TYR B 220 4.57 -28.92 -26.45
C TYR B 220 4.20 -28.34 -27.80
N GLY B 221 4.27 -29.10 -28.89
CA GLY B 221 4.06 -28.48 -30.19
C GLY B 221 5.21 -27.64 -30.71
N PHE B 222 4.89 -26.53 -31.38
CA PHE B 222 5.89 -25.69 -32.03
C PHE B 222 5.85 -24.21 -31.63
N SER B 223 5.06 -23.81 -30.64
CA SER B 223 5.02 -22.40 -30.28
C SER B 223 4.55 -22.24 -28.84
N VAL B 224 4.91 -21.08 -28.27
CA VAL B 224 4.45 -20.66 -26.94
C VAL B 224 3.66 -19.37 -27.11
N PRO B 225 2.34 -19.37 -26.91
CA PRO B 225 1.57 -18.14 -27.07
C PRO B 225 1.70 -17.20 -25.87
N GLY B 226 1.42 -15.92 -26.13
CA GLY B 226 1.49 -14.88 -25.12
C GLY B 226 0.30 -14.78 -24.17
N LEU B 227 -0.87 -15.25 -24.58
CA LEU B 227 -2.06 -15.25 -23.73
C LEU B 227 -2.50 -16.68 -23.41
N TYR B 228 -3.12 -16.84 -22.24
CA TYR B 228 -3.69 -18.12 -21.83
C TYR B 228 -5.02 -17.89 -21.13
N GLU B 229 -6.01 -18.74 -21.45
CA GLU B 229 -7.37 -18.66 -20.92
C GLU B 229 -7.57 -19.78 -19.91
N CYS B 230 -7.96 -19.44 -18.68
CA CYS B 230 -7.97 -20.35 -17.56
C CYS B 230 -9.36 -20.41 -16.94
N ASN B 231 -9.80 -21.61 -16.58
CA ASN B 231 -11.09 -21.84 -15.93
C ASN B 231 -11.00 -22.87 -14.81
N ARG B 232 -9.98 -22.78 -13.95
CA ARG B 232 -9.82 -23.72 -12.86
C ARG B 232 -10.13 -23.08 -11.50
N TYR B 233 -10.77 -23.86 -10.64
CA TYR B 233 -11.05 -23.44 -9.28
C TYR B 233 -9.74 -23.09 -8.56
N PRO B 234 -9.68 -22.00 -7.78
CA PRO B 234 -10.77 -21.10 -7.32
C PRO B 234 -11.07 -19.92 -8.23
N CYS B 235 -10.59 -19.89 -9.47
CA CYS B 235 -10.92 -18.79 -10.38
C CYS B 235 -12.40 -18.83 -10.74
N ILE B 236 -13.05 -17.67 -10.68
CA ILE B 236 -14.44 -17.52 -11.10
C ILE B 236 -14.50 -17.42 -12.61
N LYS B 237 -15.35 -18.27 -13.20
CA LYS B 237 -15.49 -18.41 -14.65
C LYS B 237 -14.15 -18.43 -15.36
N GLU B 238 -14.01 -17.76 -16.50
CA GLU B 238 -12.75 -17.74 -17.24
C GLU B 238 -12.00 -16.42 -17.09
N VAL B 239 -10.67 -16.52 -16.89
CA VAL B 239 -9.79 -15.39 -16.67
C VAL B 239 -8.66 -15.42 -17.72
N GLU B 240 -8.04 -14.26 -17.92
CA GLU B 240 -6.94 -14.09 -18.86
C GLU B 240 -5.62 -13.85 -18.12
N CYS B 241 -4.58 -14.57 -18.52
CA CYS B 241 -3.25 -14.50 -17.91
C CYS B 241 -2.20 -14.25 -18.98
N TYR B 242 -1.02 -13.79 -18.55
CA TYR B 242 0.02 -13.26 -19.43
C TYR B 242 1.37 -13.91 -19.13
N VAL B 243 2.06 -14.34 -20.19
CA VAL B 243 3.28 -15.16 -20.12
C VAL B 243 4.53 -14.29 -20.27
N SER B 244 5.63 -14.77 -19.70
CA SER B 244 6.95 -14.17 -19.80
C SER B 244 7.81 -14.78 -20.91
N ARG B 245 8.47 -13.92 -21.68
CA ARG B 245 9.43 -14.30 -22.72
C ARG B 245 8.96 -15.35 -23.73
N PRO B 246 7.82 -15.11 -24.39
CA PRO B 246 7.31 -16.15 -25.31
C PRO B 246 8.16 -16.31 -26.56
N THR B 247 8.70 -15.22 -27.10
CA THR B 247 9.48 -15.32 -28.34
C THR B 247 10.77 -16.10 -28.13
N GLU B 248 11.49 -15.78 -27.07
CA GLU B 248 12.72 -16.51 -26.74
C GLU B 248 12.42 -17.99 -26.49
N LYS B 249 11.33 -18.28 -25.79
CA LYS B 249 11.00 -19.68 -25.52
C LYS B 249 10.63 -20.43 -26.80
N THR B 250 9.93 -19.76 -27.72
CA THR B 250 9.64 -20.37 -29.02
C THR B 250 10.92 -20.66 -29.83
N VAL B 251 11.87 -19.72 -29.82
CA VAL B 251 13.12 -19.94 -30.52
C VAL B 251 13.86 -21.15 -29.95
N PHE B 252 13.92 -21.25 -28.63
CA PHE B 252 14.55 -22.40 -27.98
C PHE B 252 13.87 -23.71 -28.36
N LEU B 253 12.54 -23.75 -28.32
CA LEU B 253 11.80 -24.93 -28.77
C LEU B 253 12.21 -25.38 -30.17
N VAL B 254 12.20 -24.45 -31.12
CA VAL B 254 12.48 -24.82 -32.51
C VAL B 254 13.92 -25.33 -32.65
N PHE B 255 14.87 -24.65 -32.01
CA PHE B 255 16.26 -25.10 -32.08
C PHE B 255 16.44 -26.52 -31.55
N MET B 256 15.83 -26.81 -30.39
CA MET B 256 15.98 -28.15 -29.83
C MET B 256 15.34 -29.22 -30.72
N PHE B 257 14.17 -28.92 -31.30
CA PHE B 257 13.58 -29.88 -32.22
C PHE B 257 14.50 -30.17 -33.40
N ALA B 258 15.12 -29.13 -33.96
CA ALA B 258 16.01 -29.32 -35.10
C ALA B 258 17.19 -30.22 -34.74
N VAL B 259 17.83 -29.95 -33.60
CA VAL B 259 18.99 -30.75 -33.19
C VAL B 259 18.59 -32.22 -33.00
N SER B 260 17.47 -32.46 -32.31
CA SER B 260 17.07 -33.84 -32.09
C SER B 260 16.74 -34.54 -33.41
N GLY B 261 16.15 -33.83 -34.36
CA GLY B 261 15.95 -34.42 -35.68
C GLY B 261 17.25 -34.85 -36.34
N ILE B 262 18.26 -33.99 -36.30
CA ILE B 262 19.56 -34.35 -36.86
C ILE B 262 20.07 -35.65 -36.22
N CYS B 263 20.00 -35.73 -34.89
CA CYS B 263 20.51 -36.92 -34.21
C CYS B 263 19.75 -38.18 -34.63
N VAL B 264 18.42 -38.07 -34.76
CA VAL B 264 17.62 -39.21 -35.20
C VAL B 264 18.08 -39.68 -36.58
N VAL B 265 18.25 -38.73 -37.50
CA VAL B 265 18.65 -39.10 -38.85
C VAL B 265 19.98 -39.84 -38.83
N LEU B 266 20.96 -39.32 -38.09
CA LEU B 266 22.28 -39.94 -38.08
C LEU B 266 22.23 -41.36 -37.50
N ASN B 267 21.50 -41.56 -36.40
CA ASN B 267 21.45 -42.89 -35.82
C ASN B 267 20.75 -43.88 -36.74
N LEU B 268 19.68 -43.45 -37.43
CA LEU B 268 19.08 -44.35 -38.41
C LEU B 268 20.06 -44.66 -39.54
N ALA B 269 20.85 -43.66 -39.94
CA ALA B 269 21.86 -43.89 -40.97
C ALA B 269 22.75 -45.07 -40.57
N GLU B 270 23.31 -45.01 -39.37
CA GLU B 270 24.26 -46.04 -38.96
C GLU B 270 23.58 -47.40 -38.77
N LEU B 271 22.37 -47.40 -38.19
CA LEU B 271 21.61 -48.64 -38.06
C LEU B 271 21.45 -49.33 -39.41
N ASN B 272 21.05 -48.56 -40.43
CA ASN B 272 20.87 -49.17 -41.75
C ASN B 272 22.18 -49.49 -42.42
N HIS B 273 23.26 -48.80 -42.06
CA HIS B 273 24.57 -49.11 -42.61
C HIS B 273 25.01 -50.50 -42.18
N LEU B 274 24.85 -50.81 -40.89
CA LEU B 274 25.23 -52.15 -40.44
C LEU B 274 24.19 -53.19 -40.85
N GLY B 275 22.91 -52.94 -40.59
CA GLY B 275 21.86 -53.79 -41.09
C GLY B 275 21.55 -54.97 -40.19
N THR C 19 53.00 -14.12 -41.99
CA THR C 19 51.89 -15.04 -41.72
C THR C 19 52.07 -15.80 -40.42
N MET C 20 53.15 -15.53 -39.74
CA MET C 20 53.49 -16.22 -38.50
C MET C 20 52.76 -15.60 -37.32
N ILE C 21 52.84 -14.28 -37.17
CA ILE C 21 52.22 -13.61 -36.03
C ILE C 21 50.70 -13.66 -36.11
N GLY C 22 50.14 -13.76 -37.32
CA GLY C 22 48.69 -13.73 -37.46
C GLY C 22 48.00 -14.83 -36.68
N ARG C 23 48.63 -16.00 -36.66
CA ARG C 23 48.07 -17.11 -35.93
C ARG C 23 48.05 -16.80 -34.46
N ILE C 24 49.14 -16.29 -33.94
CA ILE C 24 49.31 -16.01 -32.52
C ILE C 24 48.28 -14.99 -32.08
N LEU C 25 48.08 -13.95 -32.90
CA LEU C 25 47.15 -12.91 -32.53
C LEU C 25 45.71 -13.40 -32.64
N LEU C 26 45.42 -14.30 -33.60
CA LEU C 26 44.08 -14.86 -33.67
C LEU C 26 43.76 -15.64 -32.41
N THR C 27 44.71 -16.47 -31.96
CA THR C 27 44.50 -17.24 -30.73
C THR C 27 44.30 -16.32 -29.53
N VAL C 28 45.07 -15.23 -29.48
CA VAL C 28 44.97 -14.33 -28.33
C VAL C 28 43.62 -13.61 -28.35
N VAL C 29 43.17 -13.20 -29.53
CA VAL C 29 41.89 -12.51 -29.63
C VAL C 29 40.76 -13.43 -29.22
N VAL C 30 40.80 -14.69 -29.67
CA VAL C 30 39.76 -15.65 -29.32
C VAL C 30 39.70 -15.84 -27.80
N ILE C 31 40.85 -16.04 -27.16
CA ILE C 31 40.83 -16.26 -25.72
C ILE C 31 40.35 -15.02 -24.98
N PHE C 32 40.78 -13.83 -25.44
CA PHE C 32 40.36 -12.58 -24.82
C PHE C 32 38.84 -12.43 -24.88
N ARG C 33 38.27 -12.70 -26.05
CA ARG C 33 36.82 -12.58 -26.23
C ARG C 33 36.09 -13.55 -25.30
N ILE C 34 36.54 -14.80 -25.25
CA ILE C 34 35.88 -15.76 -24.36
C ILE C 34 35.92 -15.28 -22.92
N LEU C 35 37.08 -14.79 -22.47
CA LEU C 35 37.19 -14.36 -21.07
C LEU C 35 36.27 -13.19 -20.77
N ILE C 36 36.23 -12.19 -21.66
CA ILE C 36 35.38 -11.03 -21.44
C ILE C 36 33.92 -11.45 -21.37
N VAL C 37 33.50 -12.35 -22.25
CA VAL C 37 32.10 -12.73 -22.26
C VAL C 37 31.77 -13.53 -21.00
N ALA C 38 32.66 -14.44 -20.61
CA ALA C 38 32.36 -15.36 -19.52
C ALA C 38 32.37 -14.68 -18.16
N ILE C 39 33.22 -13.70 -17.92
CA ILE C 39 33.41 -13.20 -16.55
C ILE C 39 32.45 -12.07 -16.19
N VAL C 40 32.19 -11.11 -17.08
CA VAL C 40 31.43 -9.94 -16.71
C VAL C 40 30.04 -9.85 -17.37
N GLY C 41 29.88 -10.34 -18.59
CA GLY C 41 28.63 -10.10 -19.29
C GLY C 41 27.38 -10.68 -18.65
N GLU C 42 27.52 -11.76 -17.88
CA GLU C 42 26.34 -12.32 -17.21
C GLU C 42 25.72 -11.43 -16.14
N THR C 43 26.32 -10.30 -15.77
CA THR C 43 25.86 -9.55 -14.61
C THR C 43 25.46 -8.11 -14.92
N VAL C 44 25.73 -7.62 -16.12
CA VAL C 44 25.13 -6.37 -16.60
C VAL C 44 23.66 -6.56 -16.92
N TYR C 45 23.32 -7.70 -17.54
CA TYR C 45 21.97 -8.02 -18.00
C TYR C 45 21.09 -8.71 -16.96
N ASP C 46 21.61 -8.99 -15.77
CA ASP C 46 20.84 -9.75 -14.78
C ASP C 46 19.50 -9.10 -14.43
N ASP C 47 19.46 -7.78 -14.26
CA ASP C 47 18.24 -7.07 -13.90
C ASP C 47 17.48 -6.49 -15.10
N GLU C 48 17.54 -7.13 -16.27
CA GLU C 48 17.03 -6.48 -17.48
C GLU C 48 15.53 -6.25 -17.41
N GLN C 49 14.77 -7.24 -16.94
CA GLN C 49 13.31 -7.14 -16.91
C GLN C 49 12.76 -6.63 -15.58
N THR C 50 13.47 -6.87 -14.48
CA THR C 50 13.01 -6.41 -13.17
C THR C 50 13.07 -4.89 -13.05
N MET C 51 13.99 -4.22 -13.75
CA MET C 51 14.07 -2.78 -13.77
C MET C 51 13.54 -2.14 -15.06
N PHE C 52 12.81 -2.89 -15.89
CA PHE C 52 12.10 -2.33 -17.03
C PHE C 52 10.71 -1.89 -16.56
N VAL C 53 10.34 -0.65 -16.83
CA VAL C 53 9.09 -0.09 -16.31
C VAL C 53 8.43 0.79 -17.36
N CYS C 54 7.09 0.75 -17.40
CA CYS C 54 6.26 1.52 -18.31
C CYS C 54 5.25 2.35 -17.51
N ASN C 55 4.85 3.48 -18.08
CA ASN C 55 3.87 4.40 -17.48
C ASN C 55 2.47 3.96 -17.87
N THR C 56 1.84 3.16 -17.00
CA THR C 56 0.56 2.52 -17.31
C THR C 56 0.02 1.86 -16.05
N LEU C 57 -1.28 1.57 -16.09
CA LEU C 57 -1.94 0.80 -15.02
C LEU C 57 -2.54 -0.50 -15.53
N GLN C 58 -2.22 -0.92 -16.74
CA GLN C 58 -2.81 -2.10 -17.37
C GLN C 58 -1.97 -3.34 -17.06
N PRO C 59 -2.55 -4.40 -16.51
CA PRO C 59 -1.79 -5.64 -16.29
C PRO C 59 -1.40 -6.34 -17.59
N GLY C 60 -0.14 -6.75 -17.67
CA GLY C 60 0.42 -7.44 -18.83
C GLY C 60 1.12 -6.56 -19.84
N CYS C 61 1.07 -5.23 -19.67
CA CYS C 61 1.64 -4.35 -20.66
C CYS C 61 3.16 -4.37 -20.55
N ASN C 62 3.69 -4.44 -19.33
CA ASN C 62 5.15 -4.51 -19.16
C ASN C 62 5.70 -5.76 -19.85
N GLN C 63 5.03 -6.90 -19.68
CA GLN C 63 5.46 -8.13 -20.33
C GLN C 63 5.46 -8.00 -21.85
N ALA C 64 4.34 -7.53 -22.41
CA ALA C 64 4.27 -7.42 -23.87
C ALA C 64 5.31 -6.46 -24.43
N CYS C 65 5.50 -5.31 -23.77
CA CYS C 65 6.43 -4.32 -24.29
C CYS C 65 7.87 -4.74 -24.13
N TYR C 66 8.23 -5.36 -23.01
CA TYR C 66 9.58 -5.91 -22.88
C TYR C 66 9.85 -6.97 -23.96
N ASP C 67 8.88 -7.85 -24.19
CA ASP C 67 9.09 -8.91 -25.20
C ASP C 67 9.26 -8.31 -26.59
N ARG C 68 8.51 -7.26 -26.92
CA ARG C 68 8.67 -6.65 -28.23
C ARG C 68 9.95 -5.84 -28.37
N ALA C 69 10.42 -5.20 -27.29
CA ALA C 69 11.66 -4.44 -27.37
C ALA C 69 12.90 -5.32 -27.41
N PHE C 70 12.93 -6.43 -26.67
CA PHE C 70 14.12 -7.28 -26.58
C PHE C 70 13.78 -8.74 -26.84
N PRO C 71 13.64 -9.14 -28.10
CA PRO C 71 13.26 -10.52 -28.43
C PRO C 71 14.29 -11.59 -28.05
N ILE C 72 15.56 -11.39 -28.41
CA ILE C 72 16.67 -12.24 -27.96
C ILE C 72 17.74 -11.35 -27.35
N SER C 73 18.12 -11.68 -26.11
CA SER C 73 19.15 -10.92 -25.40
C SER C 73 20.54 -11.06 -26.01
N HIS C 74 21.31 -9.98 -25.87
CA HIS C 74 22.65 -9.92 -26.45
C HIS C 74 23.51 -11.07 -25.94
N ILE C 75 23.45 -11.35 -24.63
CA ILE C 75 24.36 -12.31 -24.03
C ILE C 75 24.06 -13.71 -24.55
N ARG C 76 22.78 -14.02 -24.78
CA ARG C 76 22.41 -15.30 -25.39
C ARG C 76 22.96 -15.41 -26.80
N TYR C 77 22.79 -14.35 -27.60
CA TYR C 77 23.35 -14.37 -28.95
C TYR C 77 24.85 -14.56 -28.96
N TRP C 78 25.56 -13.88 -28.07
CA TRP C 78 27.03 -13.97 -28.04
C TRP C 78 27.50 -15.34 -27.58
N VAL C 79 26.86 -15.93 -26.57
CA VAL C 79 27.24 -17.28 -26.17
C VAL C 79 27.03 -18.26 -27.32
N PHE C 80 25.89 -18.17 -28.00
CA PHE C 80 25.64 -19.07 -29.13
C PHE C 80 26.71 -18.92 -30.20
N GLN C 81 27.04 -17.68 -30.57
CA GLN C 81 28.06 -17.44 -31.59
C GLN C 81 29.41 -18.01 -31.17
N ILE C 82 29.82 -17.76 -29.93
CA ILE C 82 31.10 -18.25 -29.44
C ILE C 82 31.16 -19.78 -29.53
N ILE C 83 30.10 -20.46 -29.12
CA ILE C 83 30.10 -21.92 -29.17
C ILE C 83 30.13 -22.41 -30.62
N MET C 84 29.37 -21.78 -31.50
CA MET C 84 29.27 -22.26 -32.87
C MET C 84 30.54 -22.03 -33.69
N VAL C 85 31.33 -20.99 -33.36
CA VAL C 85 32.57 -20.78 -34.11
C VAL C 85 33.72 -21.69 -33.70
N CYS C 86 33.50 -22.61 -32.76
CA CYS C 86 34.54 -23.54 -32.32
C CYS C 86 34.27 -24.99 -32.74
N THR C 87 33.28 -25.23 -33.58
CA THR C 87 32.88 -26.59 -33.94
C THR C 87 33.85 -27.24 -34.94
N PRO C 88 34.33 -26.51 -35.96
CA PRO C 88 35.28 -27.13 -36.89
C PRO C 88 36.55 -27.64 -36.22
N SER C 89 37.05 -26.91 -35.23
CA SER C 89 38.21 -27.39 -34.47
C SER C 89 37.90 -28.70 -33.77
N LEU C 90 36.73 -28.81 -33.12
CA LEU C 90 36.38 -30.05 -32.45
C LEU C 90 36.28 -31.21 -33.44
N CYS C 91 35.72 -30.95 -34.63
CA CYS C 91 35.65 -32.00 -35.64
C CYS C 91 37.04 -32.45 -36.05
N PHE C 92 37.93 -31.50 -36.32
CA PHE C 92 39.30 -31.84 -36.73
C PHE C 92 40.00 -32.63 -35.63
N ILE C 93 39.81 -32.24 -34.37
CA ILE C 93 40.47 -32.94 -33.27
C ILE C 93 39.97 -34.37 -33.18
N THR C 94 38.65 -34.57 -33.28
CA THR C 94 38.10 -35.91 -33.20
C THR C 94 38.59 -36.78 -34.35
N TYR C 95 38.66 -36.20 -35.55
CA TYR C 95 39.20 -36.93 -36.69
C TYR C 95 40.64 -37.35 -36.43
N SER C 96 41.50 -36.42 -36.02
CA SER C 96 42.91 -36.76 -35.83
C SER C 96 43.08 -37.78 -34.72
N VAL C 97 42.25 -37.70 -33.66
CA VAL C 97 42.33 -38.69 -32.60
C VAL C 97 41.99 -40.07 -33.14
N HIS C 98 40.96 -40.15 -34.02
CA HIS C 98 40.71 -41.47 -34.59
C HIS C 98 41.88 -41.88 -35.48
N GLN C 99 42.47 -40.92 -36.18
CA GLN C 99 43.60 -41.19 -37.06
C GLN C 99 44.76 -41.79 -36.29
N ILE C 194 44.69 -34.96 -44.42
CA ILE C 194 44.50 -34.01 -43.34
C ILE C 194 44.44 -32.58 -43.87
N SER C 195 45.26 -32.28 -44.89
CA SER C 195 45.33 -30.91 -45.38
C SER C 195 44.03 -30.48 -46.03
N ARG C 196 43.35 -31.39 -46.72
CA ARG C 196 42.04 -31.06 -47.26
C ARG C 196 41.07 -30.69 -46.16
N PHE C 197 41.10 -31.44 -45.04
CA PHE C 197 40.25 -31.10 -43.91
C PHE C 197 40.62 -29.72 -43.36
N TYR C 198 41.91 -29.40 -43.32
CA TYR C 198 42.33 -28.09 -42.87
C TYR C 198 41.72 -27.00 -43.74
N ILE C 199 41.81 -27.17 -45.06
CA ILE C 199 41.26 -26.19 -45.99
C ILE C 199 39.78 -26.01 -45.74
N ILE C 200 39.05 -27.13 -45.66
CA ILE C 200 37.60 -27.05 -45.55
C ILE C 200 37.21 -26.37 -44.25
N GLN C 201 37.88 -26.72 -43.14
CA GLN C 201 37.51 -26.12 -41.88
C GLN C 201 37.82 -24.63 -41.84
N VAL C 202 38.90 -24.21 -42.51
CA VAL C 202 39.19 -22.77 -42.59
C VAL C 202 38.09 -22.05 -43.35
N VAL C 203 37.67 -22.63 -44.47
CA VAL C 203 36.59 -22.04 -45.26
C VAL C 203 35.32 -21.90 -44.42
N PHE C 204 34.98 -22.96 -43.69
CA PHE C 204 33.75 -22.96 -42.91
C PHE C 204 33.82 -21.90 -41.80
N ARG C 205 34.96 -21.81 -41.12
CA ARG C 205 35.11 -20.80 -40.07
C ARG C 205 34.93 -19.40 -40.63
N ASN C 206 35.57 -19.11 -41.77
CA ASN C 206 35.41 -17.81 -42.40
C ASN C 206 33.93 -17.50 -42.65
N ALA C 207 33.23 -18.45 -43.28
CA ALA C 207 31.84 -18.21 -43.62
C ALA C 207 31.01 -17.97 -42.35
N LEU C 208 31.23 -18.77 -41.32
CA LEU C 208 30.43 -18.65 -40.11
C LEU C 208 30.64 -17.31 -39.45
N GLU C 209 31.89 -16.82 -39.43
CA GLU C 209 32.14 -15.56 -38.72
C GLU C 209 31.60 -14.38 -39.50
N ILE C 210 31.63 -14.43 -40.82
CA ILE C 210 31.04 -13.34 -41.60
C ILE C 210 29.52 -13.34 -41.42
N GLY C 211 28.91 -14.51 -41.45
CA GLY C 211 27.47 -14.58 -41.24
C GLY C 211 27.06 -14.03 -39.89
N PHE C 212 27.81 -14.37 -38.83
CA PHE C 212 27.44 -13.91 -37.51
C PHE C 212 27.60 -12.40 -37.36
N LEU C 213 28.67 -11.83 -37.94
CA LEU C 213 28.82 -10.38 -37.86
C LEU C 213 27.70 -9.66 -38.60
N VAL C 214 27.34 -10.12 -39.80
CA VAL C 214 26.24 -9.51 -40.53
C VAL C 214 24.95 -9.61 -39.75
N GLY C 215 24.68 -10.78 -39.17
CA GLY C 215 23.46 -10.93 -38.38
C GLY C 215 23.43 -10.02 -37.17
N GLN C 216 24.56 -9.84 -36.51
CA GLN C 216 24.62 -8.91 -35.39
C GLN C 216 24.23 -7.50 -35.83
N TYR C 217 24.82 -7.03 -36.92
CA TYR C 217 24.48 -5.69 -37.41
C TYR C 217 23.00 -5.57 -37.73
N PHE C 218 22.41 -6.60 -38.35
CA PHE C 218 21.00 -6.52 -38.74
C PHE C 218 20.05 -6.67 -37.56
N LEU C 219 20.46 -7.37 -36.51
CA LEU C 219 19.57 -7.53 -35.37
C LEU C 219 19.62 -6.32 -34.45
N TYR C 220 20.80 -5.76 -34.19
CA TYR C 220 20.92 -4.80 -33.11
C TYR C 220 21.39 -3.41 -33.54
N GLY C 221 22.14 -3.26 -34.64
CA GLY C 221 22.69 -1.96 -34.95
C GLY C 221 23.87 -1.53 -34.09
N PHE C 222 23.94 -0.24 -33.76
CA PHE C 222 25.08 0.33 -33.05
C PHE C 222 24.73 1.07 -31.76
N SER C 223 23.48 1.05 -31.29
CA SER C 223 23.16 1.77 -30.07
C SER C 223 21.93 1.19 -29.41
N VAL C 224 21.81 1.47 -28.11
CA VAL C 224 20.64 1.10 -27.31
C VAL C 224 20.02 2.39 -26.78
N PRO C 225 18.84 2.79 -27.25
CA PRO C 225 18.23 4.03 -26.74
C PRO C 225 17.58 3.86 -25.37
N GLY C 226 17.43 5.00 -24.69
CA GLY C 226 16.83 5.03 -23.36
C GLY C 226 15.31 4.99 -23.31
N LEU C 227 14.63 5.41 -24.37
CA LEU C 227 13.17 5.35 -24.44
C LEU C 227 12.72 4.37 -25.52
N TYR C 228 11.54 3.78 -25.29
CA TYR C 228 10.91 2.90 -26.27
C TYR C 228 9.41 3.16 -26.32
N GLU C 229 8.85 3.20 -27.53
CA GLU C 229 7.44 3.46 -27.78
C GLU C 229 6.75 2.16 -28.19
N CYS C 230 5.69 1.79 -27.47
CA CYS C 230 5.08 0.47 -27.57
C CYS C 230 3.60 0.61 -27.88
N ASN C 231 3.10 -0.24 -28.78
CA ASN C 231 1.69 -0.27 -29.16
C ASN C 231 1.17 -1.70 -29.31
N ARG C 232 1.49 -2.58 -28.36
CA ARG C 232 1.03 -3.97 -28.41
C ARG C 232 -0.05 -4.25 -27.38
N TYR C 233 -1.04 -5.05 -27.79
CA TYR C 233 -2.08 -5.52 -26.88
C TYR C 233 -1.47 -6.25 -25.70
N PRO C 234 -1.95 -6.03 -24.46
CA PRO C 234 -3.14 -5.28 -24.03
C PRO C 234 -2.93 -3.79 -23.76
N CYS C 235 -1.81 -3.20 -24.17
CA CYS C 235 -1.61 -1.77 -23.97
C CYS C 235 -2.58 -0.96 -24.82
N ILE C 236 -3.21 0.04 -24.20
CA ILE C 236 -4.09 0.96 -24.90
C ILE C 236 -3.27 1.99 -25.65
N LYS C 237 -3.56 2.14 -26.94
CA LYS C 237 -2.81 3.00 -27.86
C LYS C 237 -1.31 2.88 -27.66
N GLU C 238 -0.56 3.99 -27.69
CA GLU C 238 0.89 3.96 -27.51
C GLU C 238 1.32 4.44 -26.14
N VAL C 239 2.28 3.72 -25.55
CA VAL C 239 2.81 3.98 -24.21
C VAL C 239 4.32 4.16 -24.29
N GLU C 240 4.87 4.81 -23.26
CA GLU C 240 6.32 5.07 -23.16
C GLU C 240 6.92 4.24 -22.03
N CYS C 241 8.05 3.58 -22.33
CA CYS C 241 8.75 2.71 -21.39
C CYS C 241 10.22 3.12 -21.29
N TYR C 242 10.89 2.68 -20.23
CA TYR C 242 12.22 3.17 -19.85
C TYR C 242 13.16 2.00 -19.60
N VAL C 243 14.38 2.09 -20.17
CA VAL C 243 15.37 1.01 -20.20
C VAL C 243 16.41 1.17 -19.11
N SER C 244 17.00 0.05 -18.70
CA SER C 244 18.09 -0.01 -17.73
C SER C 244 19.46 -0.09 -18.39
N ARG C 245 20.40 0.71 -17.87
CA ARG C 245 21.81 0.71 -18.27
C ARG C 245 22.09 0.84 -19.77
N PRO C 246 21.54 1.86 -20.43
CA PRO C 246 21.72 1.95 -21.89
C PRO C 246 23.15 2.28 -22.29
N THR C 247 23.85 3.12 -21.53
CA THR C 247 25.20 3.53 -21.92
C THR C 247 26.17 2.34 -21.83
N GLU C 248 26.12 1.60 -20.73
CA GLU C 248 26.95 0.42 -20.59
C GLU C 248 26.65 -0.61 -21.67
N LYS C 249 25.37 -0.81 -21.99
CA LYS C 249 25.03 -1.78 -23.03
C LYS C 249 25.53 -1.33 -24.40
N THR C 250 25.47 -0.03 -24.69
CA THR C 250 26.04 0.49 -25.94
C THR C 250 27.55 0.28 -26.01
N VAL C 251 28.26 0.53 -24.91
CA VAL C 251 29.71 0.31 -24.89
C VAL C 251 30.02 -1.15 -25.19
N PHE C 252 29.31 -2.07 -24.55
CA PHE C 252 29.51 -3.50 -24.79
C PHE C 252 29.26 -3.87 -26.26
N LEU C 253 28.16 -3.37 -26.83
CA LEU C 253 27.89 -3.59 -28.26
C LEU C 253 29.07 -3.18 -29.14
N VAL C 254 29.57 -1.96 -28.94
CA VAL C 254 30.63 -1.47 -29.81
C VAL C 254 31.90 -2.29 -29.65
N PHE C 255 32.26 -2.62 -28.41
CA PHE C 255 33.46 -3.44 -28.17
C PHE C 255 33.36 -4.79 -28.88
N MET C 256 32.21 -5.46 -28.76
CA MET C 256 32.08 -6.77 -29.39
C MET C 256 32.16 -6.67 -30.91
N PHE C 257 31.53 -5.64 -31.50
CA PHE C 257 31.64 -5.47 -32.95
C PHE C 257 33.10 -5.30 -33.37
N ALA C 258 33.87 -4.50 -32.62
CA ALA C 258 35.27 -4.29 -32.97
C ALA C 258 36.06 -5.59 -32.94
N VAL C 259 35.90 -6.37 -31.87
CA VAL C 259 36.64 -7.64 -31.76
C VAL C 259 36.30 -8.57 -32.92
N SER C 260 35.00 -8.70 -33.22
CA SER C 260 34.62 -9.61 -34.31
C SER C 260 35.17 -9.13 -35.65
N GLY C 261 35.22 -7.82 -35.86
CA GLY C 261 35.86 -7.31 -37.07
C GLY C 261 37.31 -7.71 -37.18
N ILE C 262 38.06 -7.57 -36.08
CA ILE C 262 39.46 -8.00 -36.08
C ILE C 262 39.58 -9.46 -36.49
N CYS C 263 38.74 -10.32 -35.90
CA CYS C 263 38.83 -11.75 -36.21
C CYS C 263 38.53 -12.02 -37.68
N VAL C 264 37.52 -11.33 -38.24
CA VAL C 264 37.21 -11.50 -39.65
C VAL C 264 38.41 -11.14 -40.52
N VAL C 265 39.03 -9.99 -40.22
CA VAL C 265 40.18 -9.56 -41.01
C VAL C 265 41.28 -10.61 -40.99
N LEU C 266 41.60 -11.11 -39.79
CA LEU C 266 42.71 -12.07 -39.68
C LEU C 266 42.41 -13.36 -40.46
N ASN C 267 41.19 -13.88 -40.34
CA ASN C 267 40.89 -15.12 -41.05
C ASN C 267 40.91 -14.92 -42.57
N LEU C 268 40.43 -13.78 -43.06
CA LEU C 268 40.58 -13.52 -44.49
C LEU C 268 42.05 -13.43 -44.89
N ALA C 269 42.87 -12.83 -44.01
CA ALA C 269 44.29 -12.76 -44.28
C ALA C 269 44.85 -14.14 -44.56
N GLU C 270 44.59 -15.08 -43.65
CA GLU C 270 45.19 -16.41 -43.80
C GLU C 270 44.60 -17.15 -45.00
N LEU C 271 43.29 -17.03 -45.22
CA LEU C 271 42.67 -17.64 -46.40
C LEU C 271 43.36 -17.19 -47.68
N ASN C 272 43.60 -15.89 -47.81
CA ASN C 272 44.26 -15.40 -49.01
C ASN C 272 45.74 -15.72 -49.03
N HIS C 273 46.35 -15.92 -47.87
CA HIS C 273 47.75 -16.31 -47.84
C HIS C 273 47.94 -17.70 -48.44
N LEU C 274 47.07 -18.64 -48.08
CA LEU C 274 47.19 -19.97 -48.67
C LEU C 274 46.65 -19.99 -50.11
N GLY C 275 45.45 -19.47 -50.33
CA GLY C 275 44.95 -19.30 -51.68
C GLY C 275 44.24 -20.52 -52.22
N THR D 19 68.24 -4.69 -9.27
CA THR D 19 67.24 -5.03 -10.28
C THR D 19 66.67 -6.41 -10.10
N MET D 20 67.12 -7.10 -9.08
CA MET D 20 66.72 -8.47 -8.80
C MET D 20 65.38 -8.50 -8.04
N ILE D 21 65.29 -7.72 -6.96
CA ILE D 21 64.07 -7.74 -6.15
C ILE D 21 62.90 -7.10 -6.89
N GLY D 22 63.17 -6.19 -7.83
CA GLY D 22 62.09 -5.51 -8.51
C GLY D 22 61.13 -6.46 -9.20
N ARG D 23 61.70 -7.51 -9.80
CA ARG D 23 60.88 -8.48 -10.47
C ARG D 23 59.98 -9.18 -9.49
N ILE D 24 60.53 -9.60 -8.37
CA ILE D 24 59.81 -10.36 -7.36
C ILE D 24 58.65 -9.53 -6.83
N LEU D 25 58.92 -8.24 -6.56
CA LEU D 25 57.88 -7.40 -6.01
C LEU D 25 56.82 -7.08 -7.06
N LEU D 26 57.21 -6.97 -8.33
CA LEU D 26 56.20 -6.76 -9.37
C LEU D 26 55.25 -7.94 -9.44
N THR D 27 55.79 -9.17 -9.40
CA THR D 27 54.95 -10.35 -9.43
C THR D 27 54.04 -10.40 -8.21
N VAL D 28 54.55 -10.01 -7.04
CA VAL D 28 53.74 -10.08 -5.84
C VAL D 28 52.63 -9.04 -5.89
N VAL D 29 52.93 -7.84 -6.40
CA VAL D 29 51.92 -6.81 -6.50
C VAL D 29 50.82 -7.23 -7.46
N VAL D 30 51.20 -7.82 -8.60
CA VAL D 30 50.20 -8.26 -9.57
C VAL D 30 49.27 -9.30 -8.96
N ILE D 31 49.83 -10.30 -8.28
CA ILE D 31 48.98 -11.34 -7.70
C ILE D 31 48.09 -10.76 -6.61
N PHE D 32 48.63 -9.86 -5.78
CA PHE D 32 47.85 -9.24 -4.73
C PHE D 32 46.65 -8.48 -5.30
N ARG D 33 46.90 -7.70 -6.34
CA ARG D 33 45.83 -6.93 -6.99
C ARG D 33 44.75 -7.85 -7.54
N ILE D 34 45.16 -8.92 -8.24
CA ILE D 34 44.16 -9.85 -8.77
C ILE D 34 43.32 -10.44 -7.65
N LEU D 35 43.95 -10.86 -6.55
CA LEU D 35 43.20 -11.48 -5.46
C LEU D 35 42.20 -10.51 -4.84
N ILE D 36 42.65 -9.28 -4.58
CA ILE D 36 41.76 -8.28 -3.99
C ILE D 36 40.57 -8.02 -4.89
N VAL D 37 40.80 -7.90 -6.19
CA VAL D 37 39.69 -7.59 -7.09
C VAL D 37 38.74 -8.78 -7.17
N ALA D 38 39.29 -10.00 -7.25
CA ALA D 38 38.45 -11.17 -7.49
C ALA D 38 37.62 -11.57 -6.29
N ILE D 39 38.11 -11.40 -5.06
CA ILE D 39 37.42 -11.98 -3.91
C ILE D 39 36.36 -11.05 -3.31
N VAL D 40 36.63 -9.76 -3.18
CA VAL D 40 35.72 -8.89 -2.44
C VAL D 40 34.99 -7.87 -3.32
N GLY D 41 35.60 -7.37 -4.39
CA GLY D 41 34.99 -6.27 -5.12
C GLY D 41 33.64 -6.56 -5.75
N GLU D 42 33.37 -7.81 -6.10
CA GLU D 42 32.05 -8.13 -6.67
C GLU D 42 30.87 -7.94 -5.73
N THR D 43 31.07 -7.67 -4.45
CA THR D 43 29.97 -7.69 -3.49
C THR D 43 29.75 -6.38 -2.76
N VAL D 44 30.64 -5.40 -2.91
CA VAL D 44 30.36 -4.03 -2.48
C VAL D 44 29.38 -3.36 -3.44
N TYR D 45 29.54 -3.60 -4.74
CA TYR D 45 28.74 -3.00 -5.80
C TYR D 45 27.46 -3.75 -6.15
N ASP D 46 27.19 -4.89 -5.52
CA ASP D 46 26.04 -5.71 -5.90
C ASP D 46 24.72 -4.95 -5.82
N ASP D 47 24.50 -4.14 -4.77
CA ASP D 47 23.25 -3.40 -4.59
C ASP D 47 23.32 -1.96 -5.11
N GLU D 48 24.10 -1.68 -6.17
CA GLU D 48 24.36 -0.29 -6.54
C GLU D 48 23.09 0.43 -6.99
N GLN D 49 22.26 -0.22 -7.81
CA GLN D 49 21.06 0.41 -8.34
C GLN D 49 19.81 0.15 -7.52
N THR D 50 19.74 -0.98 -6.82
CA THR D 50 18.57 -1.30 -6.01
C THR D 50 18.45 -0.37 -4.79
N MET D 51 19.57 0.14 -4.27
CA MET D 51 19.57 1.09 -3.16
C MET D 51 19.85 2.53 -3.59
N PHE D 52 19.80 2.83 -4.89
CA PHE D 52 19.86 4.20 -5.38
C PHE D 52 18.44 4.77 -5.41
N VAL D 53 18.22 5.93 -4.80
CA VAL D 53 16.88 6.48 -4.66
C VAL D 53 16.91 7.99 -4.84
N CYS D 54 15.86 8.52 -5.48
CA CYS D 54 15.67 9.94 -5.74
C CYS D 54 14.34 10.41 -5.15
N ASN D 55 14.29 11.69 -4.79
CA ASN D 55 13.09 12.32 -4.22
C ASN D 55 12.21 12.83 -5.35
N THR D 56 11.24 12.01 -5.77
CA THR D 56 10.44 12.28 -6.95
C THR D 56 9.30 11.28 -7.02
N LEU D 57 8.28 11.62 -7.82
CA LEU D 57 7.17 10.72 -8.12
C LEU D 57 7.06 10.39 -9.61
N GLN D 58 8.06 10.74 -10.40
CA GLN D 58 8.03 10.57 -11.86
C GLN D 58 8.60 9.21 -12.25
N PRO D 59 7.87 8.38 -13.00
CA PRO D 59 8.43 7.10 -13.46
C PRO D 59 9.56 7.29 -14.48
N GLY D 60 10.64 6.55 -14.29
CA GLY D 60 11.82 6.58 -15.14
C GLY D 60 12.92 7.53 -14.71
N CYS D 61 12.70 8.33 -13.67
CA CYS D 61 13.69 9.31 -13.28
C CYS D 61 14.86 8.62 -12.59
N ASN D 62 14.57 7.59 -11.77
CA ASN D 62 15.65 6.86 -11.11
C ASN D 62 16.57 6.23 -12.14
N GLN D 63 16.00 5.62 -13.19
CA GLN D 63 16.80 5.02 -14.24
C GLN D 63 17.68 6.06 -14.94
N ALA D 64 17.10 7.17 -15.37
CA ALA D 64 17.88 8.18 -16.07
C ALA D 64 18.99 8.76 -15.20
N CYS D 65 18.69 9.04 -13.94
CA CYS D 65 19.69 9.67 -13.07
C CYS D 65 20.78 8.69 -12.66
N TYR D 66 20.45 7.43 -12.40
CA TYR D 66 21.50 6.45 -12.15
C TYR D 66 22.41 6.30 -13.37
N ASP D 67 21.82 6.24 -14.56
CA ASP D 67 22.64 6.06 -15.76
C ASP D 67 23.56 7.25 -15.98
N ARG D 68 23.09 8.47 -15.70
CA ARG D 68 23.94 9.64 -15.85
C ARG D 68 25.02 9.75 -14.77
N ALA D 69 24.72 9.32 -13.54
CA ALA D 69 25.71 9.38 -12.48
C ALA D 69 26.80 8.33 -12.61
N PHE D 70 26.46 7.10 -13.03
CA PHE D 70 27.42 5.99 -13.10
C PHE D 70 27.38 5.30 -14.46
N PRO D 71 28.04 5.88 -15.47
CA PRO D 71 28.01 5.30 -16.82
C PRO D 71 28.68 3.94 -16.96
N ILE D 72 29.90 3.78 -16.45
CA ILE D 72 30.58 2.50 -16.37
C ILE D 72 31.02 2.27 -14.93
N SER D 73 30.62 1.13 -14.37
CA SER D 73 30.99 0.79 -12.99
C SER D 73 32.48 0.51 -12.82
N HIS D 74 32.95 0.84 -11.60
CA HIS D 74 34.37 0.70 -11.28
C HIS D 74 34.84 -0.73 -11.50
N ILE D 75 34.03 -1.70 -11.05
CA ILE D 75 34.48 -3.08 -11.05
C ILE D 75 34.63 -3.60 -12.48
N ARG D 76 33.74 -3.15 -13.38
CA ARG D 76 33.88 -3.47 -14.80
C ARG D 76 35.16 -2.90 -15.37
N TYR D 77 35.44 -1.62 -15.08
CA TYR D 77 36.67 -1.01 -15.55
C TYR D 77 37.91 -1.75 -15.05
N TRP D 78 37.92 -2.13 -13.77
CA TRP D 78 39.09 -2.79 -13.19
C TRP D 78 39.28 -4.19 -13.76
N VAL D 79 38.21 -4.96 -13.95
CA VAL D 79 38.36 -6.27 -14.57
C VAL D 79 38.93 -6.13 -15.98
N PHE D 80 38.41 -5.18 -16.76
CA PHE D 80 38.92 -4.99 -18.11
C PHE D 80 40.41 -4.66 -18.09
N GLN D 81 40.81 -3.72 -17.24
CA GLN D 81 42.22 -3.34 -17.14
C GLN D 81 43.10 -4.53 -16.76
N ILE D 82 42.68 -5.29 -15.75
CA ILE D 82 43.46 -6.45 -15.31
C ILE D 82 43.65 -7.44 -16.46
N ILE D 83 42.58 -7.72 -17.21
CA ILE D 83 42.72 -8.67 -18.30
C ILE D 83 43.62 -8.12 -19.41
N MET D 84 43.48 -6.83 -19.73
CA MET D 84 44.24 -6.28 -20.85
C MET D 84 45.73 -6.13 -20.53
N VAL D 85 46.11 -5.96 -19.27
CA VAL D 85 47.54 -5.84 -18.95
C VAL D 85 48.28 -7.17 -18.92
N CYS D 86 47.61 -8.29 -19.20
CA CYS D 86 48.24 -9.61 -19.21
C CYS D 86 48.36 -10.21 -20.61
N THR D 87 48.07 -9.45 -21.66
CA THR D 87 48.05 -9.98 -23.02
C THR D 87 49.45 -10.18 -23.60
N PRO D 88 50.40 -9.26 -23.38
CA PRO D 88 51.76 -9.48 -23.90
C PRO D 88 52.40 -10.75 -23.38
N SER D 89 52.18 -11.08 -22.11
CA SER D 89 52.70 -12.34 -21.58
C SER D 89 52.11 -13.54 -22.31
N LEU D 90 50.80 -13.52 -22.56
CA LEU D 90 50.19 -14.64 -23.29
C LEU D 90 50.78 -14.77 -24.68
N CYS D 91 51.00 -13.63 -25.36
CA CYS D 91 51.60 -13.67 -26.69
C CYS D 91 53.00 -14.28 -26.62
N PHE D 92 53.82 -13.82 -25.68
CA PHE D 92 55.17 -14.36 -25.54
C PHE D 92 55.15 -15.86 -25.26
N ILE D 93 54.22 -16.30 -24.40
CA ILE D 93 54.16 -17.72 -24.07
C ILE D 93 53.79 -18.54 -25.29
N THR D 94 52.79 -18.08 -26.06
CA THR D 94 52.37 -18.81 -27.25
C THR D 94 53.50 -18.88 -28.27
N TYR D 95 54.24 -17.77 -28.43
CA TYR D 95 55.39 -17.77 -29.33
C TYR D 95 56.42 -18.79 -28.88
N SER D 96 56.81 -18.77 -27.60
CA SER D 96 57.85 -19.67 -27.15
C SER D 96 57.40 -21.13 -27.26
N VAL D 97 56.12 -21.39 -27.00
CA VAL D 97 55.61 -22.75 -27.15
C VAL D 97 55.73 -23.20 -28.60
N HIS D 98 55.43 -22.31 -29.56
CA HIS D 98 55.64 -22.74 -30.93
C HIS D 98 57.13 -22.93 -31.19
N GLN D 99 57.96 -22.09 -30.58
CA GLN D 99 59.41 -22.17 -30.76
C GLN D 99 59.93 -23.52 -30.29
N ILE D 194 64.25 -13.85 -29.50
CA ILE D 194 63.39 -13.80 -28.32
C ILE D 194 63.58 -12.49 -27.56
N SER D 195 64.81 -11.99 -27.52
CA SER D 195 65.09 -10.79 -26.73
C SER D 195 64.39 -9.57 -27.31
N ARG D 196 64.29 -9.49 -28.64
CA ARG D 196 63.54 -8.40 -29.24
C ARG D 196 62.08 -8.45 -28.82
N PHE D 197 61.49 -9.65 -28.79
CA PHE D 197 60.13 -9.79 -28.30
C PHE D 197 60.02 -9.35 -26.85
N TYR D 198 61.01 -9.69 -26.03
CA TYR D 198 61.00 -9.24 -24.64
C TYR D 198 60.96 -7.72 -24.56
N ILE D 199 61.82 -7.06 -25.34
CA ILE D 199 61.88 -5.60 -25.34
C ILE D 199 60.51 -5.03 -25.71
N ILE D 200 59.95 -5.54 -26.80
CA ILE D 200 58.71 -4.97 -27.32
C ILE D 200 57.58 -5.17 -26.32
N GLN D 201 57.50 -6.36 -25.72
CA GLN D 201 56.41 -6.59 -24.78
C GLN D 201 56.56 -5.74 -23.52
N VAL D 202 57.80 -5.48 -23.08
CA VAL D 202 57.99 -4.59 -21.94
C VAL D 202 57.50 -3.18 -22.29
N VAL D 203 57.86 -2.70 -23.48
CA VAL D 203 57.41 -1.38 -23.91
C VAL D 203 55.90 -1.30 -23.92
N PHE D 204 55.25 -2.33 -24.48
CA PHE D 204 53.80 -2.32 -24.60
C PHE D 204 53.15 -2.32 -23.22
N ARG D 205 53.66 -3.14 -22.30
CA ARG D 205 53.09 -3.18 -20.96
C ARG D 205 53.20 -1.82 -20.29
N ASN D 206 54.37 -1.18 -20.38
CA ASN D 206 54.53 0.17 -19.83
C ASN D 206 53.48 1.11 -20.37
N ALA D 207 53.34 1.16 -21.69
CA ALA D 207 52.39 2.08 -22.30
C ALA D 207 50.96 1.80 -21.82
N LEU D 208 50.58 0.52 -21.80
CA LEU D 208 49.22 0.18 -21.43
C LEU D 208 48.92 0.59 -19.99
N GLU D 209 49.89 0.41 -19.08
CA GLU D 209 49.59 0.71 -17.69
C GLU D 209 49.54 2.21 -17.44
N ILE D 210 50.36 2.98 -18.16
CA ILE D 210 50.27 4.42 -18.00
C ILE D 210 48.94 4.93 -18.56
N GLY D 211 48.52 4.41 -19.72
CA GLY D 211 47.25 4.80 -20.28
C GLY D 211 46.10 4.51 -19.35
N PHE D 212 46.09 3.32 -18.74
CA PHE D 212 44.98 2.96 -17.87
C PHE D 212 44.94 3.82 -16.61
N LEU D 213 46.11 4.13 -16.03
CA LEU D 213 46.10 5.00 -14.85
C LEU D 213 45.57 6.40 -15.19
N VAL D 214 46.03 6.96 -16.30
CA VAL D 214 45.54 8.28 -16.71
C VAL D 214 44.03 8.24 -16.94
N GLY D 215 43.54 7.21 -17.63
CA GLY D 215 42.12 7.10 -17.86
C GLY D 215 41.32 6.99 -16.57
N GLN D 216 41.83 6.23 -15.60
CA GLN D 216 41.15 6.14 -14.31
C GLN D 216 41.02 7.51 -13.67
N TYR D 217 42.12 8.28 -13.63
CA TYR D 217 42.04 9.62 -13.05
C TYR D 217 41.03 10.49 -13.77
N PHE D 218 40.99 10.42 -15.10
CA PHE D 218 40.08 11.28 -15.85
C PHE D 218 38.63 10.83 -15.77
N LEU D 219 38.38 9.54 -15.56
CA LEU D 219 37.00 9.09 -15.47
C LEU D 219 36.41 9.31 -14.09
N TYR D 220 37.18 9.05 -13.03
CA TYR D 220 36.60 8.98 -11.70
C TYR D 220 37.13 10.00 -10.70
N GLY D 221 38.37 10.47 -10.84
CA GLY D 221 38.92 11.32 -9.79
C GLY D 221 39.35 10.59 -8.53
N PHE D 222 39.12 11.23 -7.36
CA PHE D 222 39.59 10.72 -6.09
C PHE D 222 38.51 10.56 -5.02
N SER D 223 37.24 10.76 -5.34
CA SER D 223 36.21 10.62 -4.31
C SER D 223 34.86 10.30 -4.93
N VAL D 224 33.99 9.73 -4.11
CA VAL D 224 32.59 9.46 -4.47
C VAL D 224 31.70 10.24 -3.51
N PRO D 225 31.00 11.29 -3.97
CA PRO D 225 30.13 12.05 -3.07
C PRO D 225 28.82 11.34 -2.76
N GLY D 226 28.22 11.74 -1.63
CA GLY D 226 26.96 11.19 -1.18
C GLY D 226 25.71 11.73 -1.85
N LEU D 227 25.76 12.95 -2.39
CA LEU D 227 24.63 13.54 -3.09
C LEU D 227 24.95 13.73 -4.57
N TYR D 228 23.91 13.68 -5.40
CA TYR D 228 24.02 13.93 -6.83
C TYR D 228 22.82 14.75 -7.30
N GLU D 229 23.10 15.75 -8.15
CA GLU D 229 22.08 16.65 -8.70
C GLU D 229 21.84 16.31 -10.17
N CYS D 230 20.59 16.03 -10.52
CA CYS D 230 20.23 15.46 -11.81
C CYS D 230 19.22 16.35 -12.51
N ASN D 231 19.39 16.52 -13.82
CA ASN D 231 18.49 17.31 -14.66
C ASN D 231 18.24 16.65 -16.01
N ARG D 232 17.98 15.34 -16.03
CA ARG D 232 17.74 14.63 -17.28
C ARG D 232 16.27 14.23 -17.43
N TYR D 233 15.77 14.35 -18.65
CA TYR D 233 14.42 13.90 -18.98
C TYR D 233 14.27 12.41 -18.64
N PRO D 234 13.13 11.99 -18.05
CA PRO D 234 11.88 12.71 -17.79
C PRO D 234 11.80 13.44 -16.46
N CYS D 235 12.91 13.65 -15.74
CA CYS D 235 12.86 14.40 -14.50
C CYS D 235 12.53 15.87 -14.77
N ILE D 236 11.60 16.41 -13.99
CA ILE D 236 11.24 17.82 -14.06
C ILE D 236 12.29 18.65 -13.32
N LYS D 237 12.80 19.67 -14.00
CA LYS D 237 13.88 20.52 -13.53
C LYS D 237 14.99 19.71 -12.85
N GLU D 238 15.54 20.17 -11.72
CA GLU D 238 16.61 19.46 -11.03
C GLU D 238 16.12 18.76 -9.77
N VAL D 239 16.59 17.52 -9.59
CA VAL D 239 16.22 16.65 -8.48
C VAL D 239 17.46 16.21 -7.73
N GLU D 240 17.28 15.79 -6.48
CA GLU D 240 18.36 15.32 -5.61
C GLU D 240 18.24 13.82 -5.38
N CYS D 241 19.35 13.10 -5.53
CA CYS D 241 19.43 11.65 -5.38
C CYS D 241 20.53 11.28 -4.38
N TYR D 242 20.46 10.05 -3.86
CA TYR D 242 21.29 9.61 -2.74
C TYR D 242 21.96 8.28 -3.06
N VAL D 243 23.28 8.20 -2.76
CA VAL D 243 24.16 7.11 -3.15
C VAL D 243 24.35 6.11 -2.00
N SER D 244 24.66 4.87 -2.37
CA SER D 244 24.96 3.79 -1.44
C SER D 244 26.47 3.59 -1.24
N ARG D 245 26.87 3.42 0.02
CA ARG D 245 28.24 3.12 0.43
C ARG D 245 29.34 4.02 -0.14
N PRO D 246 29.22 5.34 0.04
CA PRO D 246 30.22 6.23 -0.57
C PRO D 246 31.59 6.12 0.08
N THR D 247 31.66 5.94 1.40
CA THR D 247 32.94 5.90 2.09
C THR D 247 33.74 4.67 1.68
N GLU D 248 33.10 3.50 1.68
CA GLU D 248 33.76 2.28 1.24
C GLU D 248 34.22 2.38 -0.21
N LYS D 249 33.39 2.97 -1.07
CA LYS D 249 33.78 3.10 -2.47
C LYS D 249 34.97 4.05 -2.64
N THR D 250 35.01 5.13 -1.85
CA THR D 250 36.17 6.03 -1.87
C THR D 250 37.44 5.32 -1.41
N VAL D 251 37.35 4.52 -0.35
CA VAL D 251 38.52 3.77 0.14
C VAL D 251 39.04 2.85 -0.97
N PHE D 252 38.14 2.12 -1.61
CA PHE D 252 38.53 1.24 -2.71
C PHE D 252 39.22 1.99 -3.85
N LEU D 253 38.64 3.13 -4.26
CA LEU D 253 39.28 3.96 -5.27
C LEU D 253 40.72 4.32 -4.92
N VAL D 254 40.94 4.82 -3.71
CA VAL D 254 42.27 5.27 -3.32
C VAL D 254 43.26 4.10 -3.30
N PHE D 255 42.83 2.95 -2.75
CA PHE D 255 43.70 1.78 -2.70
C PHE D 255 44.12 1.35 -4.11
N MET D 256 43.18 1.28 -5.04
CA MET D 256 43.51 0.85 -6.39
C MET D 256 44.47 1.83 -7.07
N PHE D 257 44.24 3.14 -6.89
CA PHE D 257 45.18 4.11 -7.46
C PHE D 257 46.59 3.90 -6.93
N ALA D 258 46.72 3.66 -5.62
CA ALA D 258 48.04 3.46 -5.03
C ALA D 258 48.75 2.24 -5.63
N VAL D 259 48.03 1.13 -5.73
CA VAL D 259 48.64 -0.10 -6.28
C VAL D 259 49.10 0.14 -7.73
N SER D 260 48.24 0.74 -8.54
CA SER D 260 48.63 0.96 -9.93
C SER D 260 49.84 1.90 -10.04
N GLY D 261 49.92 2.89 -9.16
CA GLY D 261 51.12 3.74 -9.13
C GLY D 261 52.38 2.94 -8.85
N ILE D 262 52.32 2.06 -7.85
CA ILE D 262 53.48 1.21 -7.56
C ILE D 262 53.90 0.43 -8.80
N CYS D 263 52.93 -0.17 -9.49
CA CYS D 263 53.27 -0.98 -10.67
C CYS D 263 53.92 -0.13 -11.76
N VAL D 264 53.39 1.08 -11.98
CA VAL D 264 53.99 1.97 -12.97
C VAL D 264 55.44 2.27 -12.63
N VAL D 265 55.69 2.60 -11.36
CA VAL D 265 57.05 2.93 -10.95
C VAL D 265 57.99 1.75 -11.24
N LEU D 266 57.58 0.55 -10.86
CA LEU D 266 58.46 -0.61 -11.03
C LEU D 266 58.76 -0.87 -12.50
N ASN D 267 57.73 -0.80 -13.36
CA ASN D 267 57.99 -1.07 -14.78
C ASN D 267 58.89 -0.01 -15.40
N LEU D 268 58.72 1.26 -15.02
CA LEU D 268 59.67 2.26 -15.51
C LEU D 268 61.07 1.98 -15.00
N ALA D 269 61.19 1.51 -13.75
CA ALA D 269 62.49 1.16 -13.22
C ALA D 269 63.18 0.18 -14.15
N GLU D 270 62.50 -0.92 -14.48
CA GLU D 270 63.15 -1.96 -15.29
C GLU D 270 63.43 -1.48 -16.71
N LEU D 271 62.49 -0.74 -17.30
CA LEU D 271 62.72 -0.17 -18.62
C LEU D 271 64.00 0.65 -18.65
N ASN D 272 64.20 1.52 -17.65
CA ASN D 272 65.40 2.34 -17.63
C ASN D 272 66.63 1.53 -17.24
N HIS D 273 66.45 0.42 -16.52
CA HIS D 273 67.58 -0.43 -16.19
C HIS D 273 68.18 -1.05 -17.44
N LEU D 274 67.32 -1.56 -18.32
CA LEU D 274 67.85 -2.13 -19.56
C LEU D 274 68.26 -1.05 -20.55
N GLY D 275 67.39 -0.08 -20.80
CA GLY D 275 67.77 1.08 -21.59
C GLY D 275 67.59 0.88 -23.08
N THR E 19 60.93 -24.66 21.17
CA THR E 19 60.74 -23.84 19.96
C THR E 19 60.24 -24.66 18.78
N MET E 20 60.07 -25.94 19.00
CA MET E 20 59.65 -26.87 17.96
C MET E 20 58.14 -26.83 17.76
N ILE E 21 57.38 -26.95 18.85
CA ILE E 21 55.92 -26.98 18.74
C ILE E 21 55.36 -25.62 18.31
N GLY E 22 56.08 -24.54 18.61
CA GLY E 22 55.55 -23.22 18.30
C GLY E 22 55.25 -23.03 16.82
N ARG E 23 56.11 -23.60 15.99
CA ARG E 23 55.91 -23.51 14.57
C ARG E 23 54.66 -24.22 14.17
N ILE E 24 54.47 -25.42 14.68
CA ILE E 24 53.34 -26.27 14.33
C ILE E 24 52.05 -25.59 14.72
N LEU E 25 52.03 -25.00 15.92
CA LEU E 25 50.81 -24.36 16.38
C LEU E 25 50.55 -23.07 15.62
N LEU E 26 51.60 -22.36 15.21
CA LEU E 26 51.38 -21.17 14.38
C LEU E 26 50.72 -21.54 13.06
N THR E 27 51.22 -22.60 12.41
CA THR E 27 50.62 -23.06 11.16
C THR E 27 49.18 -23.48 11.35
N VAL E 28 48.89 -24.14 12.47
CA VAL E 28 47.52 -24.62 12.71
C VAL E 28 46.59 -23.45 12.97
N VAL E 29 47.07 -22.45 13.71
CA VAL E 29 46.24 -21.29 14.00
C VAL E 29 45.93 -20.53 12.70
N VAL E 30 46.94 -20.36 11.85
CA VAL E 30 46.73 -19.65 10.58
C VAL E 30 45.69 -20.36 9.74
N ILE E 31 45.81 -21.68 9.59
CA ILE E 31 44.85 -22.41 8.76
C ILE E 31 43.45 -22.34 9.36
N PHE E 32 43.35 -22.47 10.69
CA PHE E 32 42.06 -22.40 11.36
C PHE E 32 41.38 -21.06 11.10
N ARG E 33 42.15 -19.97 11.25
CA ARG E 33 41.61 -18.63 11.02
C ARG E 33 41.11 -18.48 9.59
N ILE E 34 41.92 -18.91 8.61
CA ILE E 34 41.49 -18.81 7.21
C ILE E 34 40.18 -19.57 7.00
N LEU E 35 40.08 -20.79 7.54
CA LEU E 35 38.87 -21.59 7.32
C LEU E 35 37.64 -20.92 7.93
N ILE E 36 37.77 -20.43 9.16
CA ILE E 36 36.63 -19.79 9.82
C ILE E 36 36.19 -18.57 9.03
N VAL E 37 37.14 -17.77 8.54
CA VAL E 37 36.74 -16.56 7.82
C VAL E 37 36.10 -16.93 6.50
N ALA E 38 36.66 -17.91 5.79
CA ALA E 38 36.21 -18.22 4.44
C ALA E 38 34.84 -18.90 4.41
N ILE E 39 34.53 -19.74 5.38
CA ILE E 39 33.32 -20.58 5.25
C ILE E 39 32.06 -19.91 5.79
N VAL E 40 32.11 -19.24 6.93
CA VAL E 40 30.89 -18.74 7.56
C VAL E 40 30.75 -17.22 7.54
N GLY E 41 31.84 -16.46 7.63
CA GLY E 41 31.71 -15.03 7.80
C GLY E 41 31.00 -14.29 6.68
N GLU E 42 31.05 -14.80 5.44
CA GLU E 42 30.36 -14.14 4.35
C GLU E 42 28.84 -14.12 4.46
N THR E 43 28.23 -14.81 5.43
CA THR E 43 26.78 -14.99 5.42
C THR E 43 26.09 -14.48 6.68
N VAL E 44 26.84 -14.08 7.70
CA VAL E 44 26.28 -13.32 8.81
C VAL E 44 26.00 -11.87 8.39
N TYR E 45 26.90 -11.29 7.61
CA TYR E 45 26.84 -9.90 7.16
C TYR E 45 26.05 -9.68 5.87
N ASP E 46 25.54 -10.73 5.24
CA ASP E 46 24.88 -10.58 3.95
C ASP E 46 23.72 -9.59 3.98
N ASP E 47 22.88 -9.63 5.02
CA ASP E 47 21.73 -8.74 5.13
C ASP E 47 21.99 -7.47 5.94
N GLU E 48 23.22 -6.95 5.93
CA GLU E 48 23.56 -5.88 6.88
C GLU E 48 22.75 -4.61 6.63
N GLN E 49 22.60 -4.20 5.37
CA GLN E 49 21.90 -2.96 5.05
C GLN E 49 20.42 -3.15 4.73
N THR E 50 20.03 -4.32 4.24
CA THR E 50 18.63 -4.57 3.93
C THR E 50 17.77 -4.67 5.18
N MET E 51 18.33 -5.09 6.31
CA MET E 51 17.62 -5.14 7.58
C MET E 51 18.01 -4.02 8.55
N PHE E 52 18.71 -2.99 8.08
CA PHE E 52 18.96 -1.79 8.87
C PHE E 52 17.80 -0.83 8.65
N VAL E 53 17.19 -0.34 9.73
CA VAL E 53 16.00 0.48 9.63
C VAL E 53 16.02 1.60 10.67
N CYS E 54 15.51 2.76 10.28
CA CYS E 54 15.42 3.96 11.11
C CYS E 54 13.97 4.44 11.18
N ASN E 55 13.64 5.09 12.29
CA ASN E 55 12.30 5.64 12.52
C ASN E 55 12.22 7.04 11.94
N THR E 56 11.73 7.14 10.71
CA THR E 56 11.76 8.38 9.94
C THR E 56 10.94 8.20 8.68
N LEU E 57 10.56 9.33 8.08
CA LEU E 57 9.89 9.36 6.78
C LEU E 57 10.69 10.11 5.72
N GLN E 58 11.94 10.44 5.99
CA GLN E 58 12.78 11.25 5.11
C GLN E 58 13.56 10.35 4.14
N PRO E 59 13.45 10.56 2.83
CA PRO E 59 14.26 9.76 1.89
C PRO E 59 15.75 10.09 1.98
N GLY E 60 16.57 9.03 2.00
CA GLY E 60 18.01 9.11 2.09
C GLY E 60 18.59 9.04 3.49
N CYS E 61 17.75 9.02 4.52
CA CYS E 61 18.28 9.03 5.87
C CYS E 61 18.86 7.67 6.23
N ASN E 62 18.21 6.59 5.77
CA ASN E 62 18.73 5.26 6.03
C ASN E 62 20.14 5.11 5.43
N GLN E 63 20.32 5.57 4.20
CA GLN E 63 21.63 5.52 3.55
C GLN E 63 22.67 6.29 4.33
N ALA E 64 22.38 7.54 4.68
CA ALA E 64 23.37 8.35 5.41
C ALA E 64 23.71 7.75 6.77
N CYS E 65 22.71 7.26 7.50
CA CYS E 65 22.97 6.75 8.84
C CYS E 65 23.69 5.40 8.81
N TYR E 66 23.34 4.52 7.87
CA TYR E 66 24.10 3.29 7.73
C TYR E 66 25.56 3.58 7.38
N ASP E 67 25.79 4.52 6.46
CA ASP E 67 27.16 4.84 6.06
C ASP E 67 27.96 5.40 7.23
N ARG E 68 27.34 6.23 8.06
CA ARG E 68 28.06 6.77 9.22
C ARG E 68 28.27 5.74 10.32
N ALA E 69 27.34 4.80 10.51
CA ALA E 69 27.53 3.78 11.53
C ALA E 69 28.55 2.72 11.16
N PHE E 70 28.59 2.30 9.89
CA PHE E 70 29.47 1.21 9.45
C PHE E 70 30.28 1.62 8.22
N PRO E 71 31.37 2.37 8.41
CA PRO E 71 32.17 2.84 7.27
C PRO E 71 32.88 1.74 6.48
N ILE E 72 33.58 0.84 7.15
CA ILE E 72 34.17 -0.36 6.54
C ILE E 72 33.70 -1.58 7.30
N SER E 73 33.12 -2.54 6.59
CA SER E 73 32.63 -3.77 7.19
C SER E 73 33.75 -4.67 7.73
N HIS E 74 33.41 -5.39 8.81
CA HIS E 74 34.37 -6.25 9.48
C HIS E 74 34.96 -7.27 8.51
N ILE E 75 34.11 -7.87 7.68
CA ILE E 75 34.56 -8.98 6.85
C ILE E 75 35.55 -8.48 5.79
N ARG E 76 35.33 -7.27 5.29
CA ARG E 76 36.28 -6.66 4.37
C ARG E 76 37.64 -6.43 5.05
N TYR E 77 37.60 -5.87 6.26
CA TYR E 77 38.83 -5.65 7.00
C TYR E 77 39.59 -6.95 7.25
N TRP E 78 38.87 -8.01 7.64
CA TRP E 78 39.52 -9.29 7.95
C TRP E 78 40.10 -9.95 6.70
N VAL E 79 39.39 -9.91 5.58
CA VAL E 79 39.95 -10.47 4.35
C VAL E 79 41.23 -9.72 3.97
N PHE E 80 41.20 -8.39 4.04
CA PHE E 80 42.40 -7.63 3.70
C PHE E 80 43.57 -8.00 4.60
N GLN E 81 43.34 -8.07 5.91
CA GLN E 81 44.39 -8.44 6.85
C GLN E 81 44.96 -9.82 6.54
N ILE E 82 44.09 -10.80 6.33
CA ILE E 82 44.53 -12.16 6.04
C ILE E 82 45.41 -12.18 4.80
N ILE E 83 45.01 -11.48 3.74
CA ILE E 83 45.81 -11.49 2.52
C ILE E 83 47.16 -10.79 2.75
N MET E 84 47.15 -9.67 3.47
CA MET E 84 48.38 -8.91 3.64
C MET E 84 49.40 -9.59 4.54
N VAL E 85 48.95 -10.42 5.50
CA VAL E 85 49.91 -11.11 6.36
C VAL E 85 50.57 -12.31 5.72
N CYS E 86 50.26 -12.63 4.46
CA CYS E 86 50.87 -13.75 3.76
C CYS E 86 51.82 -13.34 2.63
N THR E 87 52.16 -12.05 2.53
CA THR E 87 52.97 -11.55 1.42
C THR E 87 54.45 -11.88 1.57
N PRO E 88 55.02 -11.78 2.78
CA PRO E 88 56.45 -12.14 2.93
C PRO E 88 56.75 -13.58 2.54
N SER E 89 55.84 -14.51 2.86
CA SER E 89 56.03 -15.89 2.43
C SER E 89 56.06 -16.00 0.91
N LEU E 90 55.15 -15.32 0.23
CA LEU E 90 55.14 -15.37 -1.23
C LEU E 90 56.45 -14.81 -1.80
N CYS E 91 56.95 -13.73 -1.22
CA CYS E 91 58.22 -13.16 -1.68
C CYS E 91 59.35 -14.16 -1.49
N PHE E 92 59.43 -14.77 -0.31
CA PHE E 92 60.48 -15.76 -0.05
C PHE E 92 60.39 -16.94 -1.02
N ILE E 93 59.17 -17.40 -1.30
CA ILE E 93 59.00 -18.53 -2.20
C ILE E 93 59.47 -18.17 -3.60
N THR E 94 59.09 -16.99 -4.09
CA THR E 94 59.50 -16.57 -5.42
C THR E 94 61.01 -16.42 -5.51
N TYR E 95 61.63 -15.87 -4.46
CA TYR E 95 63.08 -15.77 -4.43
C TYR E 95 63.72 -17.16 -4.51
N SER E 96 63.29 -18.09 -3.66
CA SER E 96 63.92 -19.40 -3.65
C SER E 96 63.71 -20.13 -4.98
N VAL E 97 62.53 -19.95 -5.59
CA VAL E 97 62.29 -20.56 -6.89
C VAL E 97 63.28 -20.01 -7.92
N HIS E 98 63.53 -18.70 -7.88
CA HIS E 98 64.54 -18.21 -8.82
C HIS E 98 65.90 -18.78 -8.46
N GLN E 99 66.17 -18.92 -7.16
CA GLN E 99 67.44 -19.45 -6.69
C GLN E 99 67.68 -20.85 -7.22
N ILE E 194 70.10 -16.57 2.20
CA ILE E 194 68.71 -16.94 2.47
C ILE E 194 68.34 -16.61 3.91
N SER E 195 69.28 -16.79 4.84
CA SER E 195 68.97 -16.58 6.25
C SER E 195 68.67 -15.12 6.55
N ARG E 196 69.36 -14.20 5.88
CA ARG E 196 69.03 -12.79 6.06
C ARG E 196 67.60 -12.51 5.61
N PHE E 197 67.19 -13.10 4.48
CA PHE E 197 65.81 -12.95 4.04
C PHE E 197 64.84 -13.51 5.07
N TYR E 198 65.20 -14.65 5.67
CA TYR E 198 64.35 -15.22 6.72
C TYR E 198 64.16 -14.23 7.86
N ILE E 199 65.28 -13.65 8.33
CA ILE E 199 65.22 -12.69 9.42
C ILE E 199 64.31 -11.52 9.06
N ILE E 200 64.52 -10.96 7.86
CA ILE E 200 63.78 -9.76 7.49
C ILE E 200 62.30 -10.07 7.38
N GLN E 201 61.96 -11.21 6.77
CA GLN E 201 60.54 -11.52 6.62
C GLN E 201 59.87 -11.79 7.97
N VAL E 202 60.60 -12.38 8.92
CA VAL E 202 60.04 -12.58 10.26
C VAL E 202 59.75 -11.22 10.90
N VAL E 203 60.71 -10.29 10.79
CA VAL E 203 60.52 -8.96 11.35
C VAL E 203 59.30 -8.30 10.75
N PHE E 204 59.17 -8.38 9.42
CA PHE E 204 58.06 -7.72 8.75
C PHE E 204 56.73 -8.32 9.16
N ARG E 205 56.65 -9.65 9.26
CA ARG E 205 55.42 -10.29 9.69
C ARG E 205 55.02 -9.84 11.09
N ASN E 206 55.99 -9.81 12.01
CA ASN E 206 55.71 -9.33 13.36
C ASN E 206 55.11 -7.92 13.33
N ALA E 207 55.77 -7.01 12.61
CA ALA E 207 55.30 -5.63 12.57
C ALA E 207 53.89 -5.56 12.00
N LEU E 208 53.64 -6.28 10.91
CA LEU E 208 52.34 -6.20 10.25
C LEU E 208 51.23 -6.70 11.17
N GLU E 209 51.49 -7.77 11.92
CA GLU E 209 50.42 -8.32 12.74
C GLU E 209 50.14 -7.45 13.96
N ILE E 210 51.18 -6.81 14.50
CA ILE E 210 50.92 -5.89 15.62
C ILE E 210 50.15 -4.68 15.13
N GLY E 211 50.53 -4.14 13.96
CA GLY E 211 49.79 -3.01 13.40
C GLY E 211 48.32 -3.33 13.17
N PHE E 212 48.05 -4.51 12.62
CA PHE E 212 46.66 -4.86 12.32
C PHE E 212 45.84 -5.05 13.58
N LEU E 213 46.42 -5.67 14.61
CA LEU E 213 45.68 -5.82 15.86
C LEU E 213 45.36 -4.47 16.50
N VAL E 214 46.34 -3.56 16.53
CA VAL E 214 46.10 -2.23 17.09
C VAL E 214 45.02 -1.51 16.30
N GLY E 215 45.09 -1.58 14.96
CA GLY E 215 44.08 -0.94 14.15
C GLY E 215 42.69 -1.50 14.38
N GLN E 216 42.58 -2.82 14.55
CA GLN E 216 41.29 -3.42 14.86
C GLN E 216 40.72 -2.84 16.14
N TYR E 217 41.54 -2.79 17.20
CA TYR E 217 41.06 -2.22 18.46
C TYR E 217 40.59 -0.78 18.30
N PHE E 218 41.34 0.02 17.53
CA PHE E 218 41.00 1.43 17.39
C PHE E 218 39.80 1.66 16.48
N LEU E 219 39.55 0.76 15.53
CA LEU E 219 38.42 0.95 14.63
C LEU E 219 37.12 0.47 15.27
N TYR E 220 37.14 -0.67 15.96
CA TYR E 220 35.89 -1.32 16.35
C TYR E 220 35.68 -1.49 17.84
N GLY E 221 36.73 -1.57 18.66
CA GLY E 221 36.51 -1.87 20.06
C GLY E 221 36.16 -3.31 20.36
N PHE E 222 35.27 -3.52 21.34
CA PHE E 222 34.93 -4.85 21.82
C PHE E 222 33.44 -5.19 21.79
N SER E 223 32.57 -4.36 21.22
CA SER E 223 31.16 -4.68 21.21
C SER E 223 30.44 -3.96 20.07
N VAL E 224 29.30 -4.52 19.70
CA VAL E 224 28.39 -3.91 18.71
C VAL E 224 27.07 -3.62 19.40
N PRO E 225 26.70 -2.37 19.63
CA PRO E 225 25.43 -2.07 20.29
C PRO E 225 24.22 -2.21 19.35
N GLY E 226 23.06 -2.41 19.98
CA GLY E 226 21.81 -2.56 19.25
C GLY E 226 21.15 -1.28 18.78
N LEU E 227 21.43 -0.15 19.42
CA LEU E 227 20.89 1.15 19.00
C LEU E 227 22.01 2.07 18.52
N TYR E 228 21.65 2.96 17.60
CA TYR E 228 22.56 3.98 17.10
C TYR E 228 21.83 5.31 16.94
N GLU E 229 22.47 6.40 17.35
CA GLU E 229 21.92 7.75 17.29
C GLU E 229 22.61 8.53 16.18
N CYS E 230 21.82 9.08 15.26
CA CYS E 230 22.32 9.64 14.01
C CYS E 230 21.86 11.08 13.86
N ASN E 231 22.75 11.94 13.38
CA ASN E 231 22.45 13.35 13.15
C ASN E 231 23.08 13.85 11.85
N ARG E 232 22.98 13.09 10.76
CA ARG E 232 23.55 13.49 9.48
C ARG E 232 22.48 13.89 8.49
N TYR E 233 22.77 14.94 7.71
CA TYR E 233 21.91 15.38 6.63
C TYR E 233 21.68 14.24 5.65
N PRO E 234 20.45 14.03 5.15
CA PRO E 234 19.23 14.85 5.27
C PRO E 234 18.34 14.55 6.47
N CYS E 235 18.80 13.80 7.47
CA CYS E 235 17.99 13.55 8.65
C CYS E 235 17.80 14.84 9.45
N ILE E 236 16.55 15.08 9.85
CA ILE E 236 16.20 16.21 10.70
C ILE E 236 16.56 15.90 12.15
N LYS E 237 17.32 16.80 12.77
CA LYS E 237 17.87 16.63 14.11
C LYS E 237 18.42 15.23 14.34
N GLU E 238 18.18 14.62 15.51
CA GLU E 238 18.68 13.28 15.80
C GLU E 238 17.60 12.21 15.72
N VAL E 239 17.94 11.08 15.10
CA VAL E 239 17.04 9.95 14.88
C VAL E 239 17.65 8.69 15.48
N GLU E 240 16.78 7.70 15.73
CA GLU E 240 17.17 6.41 16.30
C GLU E 240 17.04 5.30 15.26
N CYS E 241 18.08 4.47 15.14
CA CYS E 241 18.14 3.38 14.18
C CYS E 241 18.48 2.07 14.89
N TYR E 242 18.20 0.95 14.22
CA TYR E 242 18.24 -0.38 14.84
C TYR E 242 19.06 -1.35 13.99
N VAL E 243 19.94 -2.11 14.65
CA VAL E 243 20.96 -2.95 14.02
C VAL E 243 20.50 -4.40 13.97
N SER E 244 21.03 -5.14 12.98
CA SER E 244 20.81 -6.57 12.80
C SER E 244 21.92 -7.42 13.42
N ARG E 245 21.52 -8.49 14.11
CA ARG E 245 22.42 -9.49 14.69
C ARG E 245 23.58 -8.97 15.53
N PRO E 246 23.29 -8.14 16.55
CA PRO E 246 24.41 -7.57 17.32
C PRO E 246 25.13 -8.59 18.17
N THR E 247 24.43 -9.57 18.74
CA THR E 247 25.07 -10.54 19.63
C THR E 247 26.04 -11.43 18.85
N GLU E 248 25.59 -11.95 17.72
CA GLU E 248 26.45 -12.77 16.87
C GLU E 248 27.67 -11.98 16.39
N LYS E 249 27.46 -10.71 16.02
CA LYS E 249 28.59 -9.90 15.56
C LYS E 249 29.60 -9.63 16.69
N THR E 250 29.10 -9.41 17.91
CA THR E 250 29.99 -9.28 19.06
C THR E 250 30.79 -10.54 19.34
N VAL E 251 30.15 -11.71 19.24
CA VAL E 251 30.87 -12.97 19.46
C VAL E 251 31.99 -13.12 18.43
N PHE E 252 31.68 -12.83 17.17
CA PHE E 252 32.70 -12.91 16.11
C PHE E 252 33.87 -11.96 16.37
N LEU E 253 33.57 -10.71 16.75
CA LEU E 253 34.62 -9.77 17.12
C LEU E 253 35.56 -10.33 18.18
N VAL E 254 34.98 -10.84 19.28
CA VAL E 254 35.82 -11.31 20.39
C VAL E 254 36.67 -12.51 19.96
N PHE E 255 36.08 -13.44 19.22
CA PHE E 255 36.83 -14.61 18.75
C PHE E 255 38.03 -14.19 17.89
N MET E 256 37.81 -13.26 16.94
CA MET E 256 38.90 -12.85 16.07
C MET E 256 40.01 -12.15 16.85
N PHE E 257 39.64 -11.30 17.82
CA PHE E 257 40.66 -10.66 18.64
C PHE E 257 41.51 -11.70 19.38
N ALA E 258 40.86 -12.73 19.94
CA ALA E 258 41.60 -13.76 20.66
C ALA E 258 42.60 -14.48 19.75
N VAL E 259 42.14 -14.89 18.57
CA VAL E 259 43.04 -15.60 17.64
C VAL E 259 44.24 -14.74 17.27
N SER E 260 43.98 -13.47 16.92
CA SER E 260 45.10 -12.61 16.54
C SER E 260 46.08 -12.40 17.69
N GLY E 261 45.57 -12.32 18.92
CA GLY E 261 46.47 -12.24 20.06
C GLY E 261 47.37 -13.46 20.18
N ILE E 262 46.80 -14.65 20.01
CA ILE E 262 47.61 -15.87 20.03
C ILE E 262 48.73 -15.78 19.00
N CYS E 263 48.38 -15.37 17.77
CA CYS E 263 49.40 -15.31 16.71
C CYS E 263 50.51 -14.32 17.06
N VAL E 264 50.14 -13.15 17.62
CA VAL E 264 51.14 -12.17 18.01
C VAL E 264 52.10 -12.77 19.04
N VAL E 265 51.54 -13.44 20.05
CA VAL E 265 52.39 -14.02 21.09
C VAL E 265 53.38 -15.00 20.48
N LEU E 266 52.90 -15.88 19.60
CA LEU E 266 53.79 -16.90 19.05
C LEU E 266 54.91 -16.28 18.22
N ASN E 267 54.58 -15.29 17.39
CA ASN E 267 55.63 -14.69 16.56
C ASN E 267 56.66 -13.94 17.41
N LEU E 268 56.21 -13.26 18.47
CA LEU E 268 57.20 -12.66 19.36
C LEU E 268 58.06 -13.73 20.02
N ALA E 269 57.45 -14.86 20.37
CA ALA E 269 58.21 -15.96 20.95
C ALA E 269 59.38 -16.32 20.04
N GLU E 270 59.09 -16.57 18.77
CA GLU E 270 60.15 -17.02 17.87
C GLU E 270 61.18 -15.93 17.60
N LEU E 271 60.72 -14.68 17.44
CA LEU E 271 61.65 -13.57 17.28
C LEU E 271 62.65 -13.52 18.42
N ASN E 272 62.18 -13.63 19.65
CA ASN E 272 63.08 -13.58 20.80
C ASN E 272 63.90 -14.86 20.93
N HIS E 273 63.40 -15.97 20.41
CA HIS E 273 64.17 -17.21 20.45
C HIS E 273 65.42 -17.09 19.59
N LEU E 274 65.28 -16.53 18.39
CA LEU E 274 66.47 -16.35 17.55
C LEU E 274 67.30 -15.17 18.02
N GLY E 275 66.68 -14.01 18.24
CA GLY E 275 67.39 -12.89 18.84
C GLY E 275 68.13 -12.02 17.84
N THR F 19 38.39 -54.18 18.99
CA THR F 19 38.89 -52.81 18.87
C THR F 19 39.22 -52.44 17.45
N MET F 20 39.01 -53.36 16.55
CA MET F 20 39.34 -53.17 15.14
C MET F 20 38.23 -52.42 14.41
N ILE F 21 36.98 -52.87 14.57
CA ILE F 21 35.87 -52.24 13.87
C ILE F 21 35.58 -50.84 14.40
N GLY F 22 35.93 -50.58 15.67
CA GLY F 22 35.61 -49.28 16.25
C GLY F 22 36.22 -48.12 15.48
N ARG F 23 37.43 -48.32 15.00
CA ARG F 23 38.10 -47.30 14.24
C ARG F 23 37.34 -47.04 12.96
N ILE F 24 36.97 -48.09 12.26
CA ILE F 24 36.30 -47.99 10.97
C ILE F 24 34.98 -47.26 11.13
N LEU F 25 34.24 -47.60 12.18
CA LEU F 25 32.95 -46.96 12.38
C LEU F 25 33.10 -45.52 12.82
N LEU F 26 34.15 -45.20 13.57
CA LEU F 26 34.39 -43.81 13.92
C LEU F 26 34.64 -42.97 12.68
N THR F 27 35.48 -43.48 11.77
CA THR F 27 35.76 -42.76 10.52
C THR F 27 34.49 -42.60 9.69
N VAL F 28 33.64 -43.62 9.67
CA VAL F 28 32.44 -43.55 8.86
C VAL F 28 31.47 -42.55 9.45
N VAL F 29 31.35 -42.51 10.78
CA VAL F 29 30.45 -41.59 11.44
C VAL F 29 30.91 -40.15 11.18
N VAL F 30 32.22 -39.92 11.30
CA VAL F 30 32.75 -38.58 11.06
C VAL F 30 32.43 -38.10 9.65
N ILE F 31 32.69 -38.96 8.65
CA ILE F 31 32.44 -38.54 7.27
C ILE F 31 30.95 -38.30 7.04
N PHE F 32 30.10 -39.18 7.60
CA PHE F 32 28.66 -39.02 7.46
C PHE F 32 28.19 -37.69 8.02
N ARG F 33 28.65 -37.36 9.22
CA ARG F 33 28.29 -36.10 9.86
C ARG F 33 28.70 -34.91 9.01
N ILE F 34 29.94 -34.92 8.52
CA ILE F 34 30.40 -33.80 7.68
C ILE F 34 29.51 -33.67 6.44
N LEU F 35 29.19 -34.78 5.78
CA LEU F 35 28.38 -34.70 4.57
C LEU F 35 26.98 -34.14 4.85
N ILE F 36 26.35 -34.63 5.91
CA ILE F 36 25.01 -34.15 6.25
C ILE F 36 25.04 -32.66 6.55
N VAL F 37 26.04 -32.19 7.28
CA VAL F 37 26.08 -30.78 7.63
C VAL F 37 26.34 -29.94 6.38
N ALA F 38 27.27 -30.40 5.53
CA ALA F 38 27.69 -29.58 4.40
C ALA F 38 26.65 -29.47 3.30
N ILE F 39 25.86 -30.52 3.05
CA ILE F 39 25.03 -30.52 1.85
C ILE F 39 23.65 -29.91 2.09
N VAL F 40 22.98 -30.17 3.21
CA VAL F 40 21.60 -29.74 3.38
C VAL F 40 21.41 -28.65 4.44
N GLY F 41 22.21 -28.63 5.50
CA GLY F 41 21.92 -27.71 6.59
C GLY F 41 21.96 -26.23 6.24
N GLU F 42 22.74 -25.84 5.25
CA GLU F 42 22.78 -24.43 4.86
C GLU F 42 21.48 -23.89 4.28
N THR F 43 20.47 -24.71 4.01
CA THR F 43 19.30 -24.25 3.26
C THR F 43 17.98 -24.41 4.01
N VAL F 44 17.96 -25.08 5.15
CA VAL F 44 16.83 -25.03 6.06
C VAL F 44 16.77 -23.69 6.79
N TYR F 45 17.92 -23.17 7.19
CA TYR F 45 18.05 -21.92 7.96
C TYR F 45 18.16 -20.66 7.11
N ASP F 46 18.17 -20.77 5.78
CA ASP F 46 18.38 -19.60 4.93
C ASP F 46 17.36 -18.49 5.18
N ASP F 47 16.08 -18.82 5.34
CA ASP F 47 15.03 -17.83 5.55
C ASP F 47 14.69 -17.59 7.03
N GLU F 48 15.66 -17.72 7.94
CA GLU F 48 15.33 -17.72 9.36
C GLU F 48 14.75 -16.39 9.83
N GLN F 49 15.33 -15.27 9.40
CA GLN F 49 14.89 -13.95 9.85
C GLN F 49 13.88 -13.30 8.91
N THR F 50 13.92 -13.64 7.62
CA THR F 50 12.98 -13.05 6.67
C THR F 50 11.55 -13.55 6.89
N MET F 51 11.38 -14.76 7.41
CA MET F 51 10.06 -15.30 7.75
C MET F 51 9.76 -15.30 9.25
N PHE F 52 10.54 -14.58 10.05
CA PHE F 52 10.22 -14.37 11.46
C PHE F 52 9.35 -13.12 11.56
N VAL F 53 8.20 -13.22 12.22
CA VAL F 53 7.24 -12.12 12.27
C VAL F 53 6.59 -12.03 13.64
N CYS F 54 6.34 -10.79 14.08
CA CYS F 54 5.72 -10.47 15.35
C CYS F 54 4.47 -9.61 15.13
N ASN F 55 3.51 -9.73 16.05
CA ASN F 55 2.26 -8.98 16.00
C ASN F 55 2.46 -7.63 16.70
N THR F 56 2.78 -6.60 15.91
CA THR F 56 3.18 -5.31 16.44
C THR F 56 3.25 -4.31 15.29
N LEU F 57 3.24 -3.02 15.65
CA LEU F 57 3.45 -1.93 14.71
C LEU F 57 4.67 -1.08 15.04
N GLN F 58 5.51 -1.53 15.96
CA GLN F 58 6.66 -0.77 16.45
C GLN F 58 7.91 -1.09 15.62
N PRO F 59 8.57 -0.09 15.03
CA PRO F 59 9.83 -0.36 14.30
C PRO F 59 10.95 -0.80 15.22
N GLY F 60 11.66 -1.85 14.80
CA GLY F 60 12.78 -2.42 15.53
C GLY F 60 12.45 -3.57 16.46
N CYS F 61 11.16 -3.90 16.62
CA CYS F 61 10.80 -4.94 17.57
C CYS F 61 11.13 -6.31 16.99
N ASN F 62 10.94 -6.49 15.68
CA ASN F 62 11.29 -7.76 15.07
C ASN F 62 12.78 -8.06 15.24
N GLN F 63 13.62 -7.04 15.02
CA GLN F 63 15.06 -7.20 15.19
C GLN F 63 15.41 -7.58 16.62
N ALA F 64 14.90 -6.84 17.60
CA ALA F 64 15.24 -7.14 18.99
C ALA F 64 14.76 -8.52 19.41
N CYS F 65 13.54 -8.91 19.01
CA CYS F 65 13.01 -10.19 19.44
C CYS F 65 13.68 -11.37 18.74
N TYR F 66 14.00 -11.24 17.45
CA TYR F 66 14.77 -12.28 16.80
C TYR F 66 16.14 -12.44 17.44
N ASP F 67 16.81 -11.34 17.76
CA ASP F 67 18.13 -11.43 18.37
C ASP F 67 18.07 -12.09 19.74
N ARG F 68 17.03 -11.80 20.52
CA ARG F 68 16.91 -12.44 21.83
C ARG F 68 16.51 -13.91 21.74
N ALA F 69 15.69 -14.28 20.75
CA ALA F 69 15.30 -15.69 20.62
C ALA F 69 16.41 -16.58 20.07
N PHE F 70 17.20 -16.09 19.11
CA PHE F 70 18.23 -16.90 18.46
C PHE F 70 19.59 -16.19 18.46
N PRO F 71 20.31 -16.22 19.58
CA PRO F 71 21.61 -15.52 19.66
C PRO F 71 22.70 -16.05 18.75
N ILE F 72 22.93 -17.36 18.74
CA ILE F 72 23.83 -18.02 17.78
C ILE F 72 23.07 -19.14 17.08
N SER F 73 23.07 -19.11 15.76
CA SER F 73 22.38 -20.12 14.97
C SER F 73 23.04 -21.50 15.05
N HIS F 74 22.17 -22.53 14.95
CA HIS F 74 22.61 -23.91 15.07
C HIS F 74 23.71 -24.23 14.07
N ILE F 75 23.54 -23.78 12.83
CA ILE F 75 24.45 -24.19 11.76
C ILE F 75 25.84 -23.59 12.00
N ARG F 76 25.89 -22.37 12.53
CA ARG F 76 27.17 -21.77 12.91
C ARG F 76 27.84 -22.58 14.01
N TYR F 77 27.08 -22.93 15.05
CA TYR F 77 27.64 -23.74 16.13
C TYR F 77 28.18 -25.08 15.61
N TRP F 78 27.43 -25.74 14.73
CA TRP F 78 27.85 -27.06 14.24
C TRP F 78 29.09 -26.96 13.34
N VAL F 79 29.16 -25.96 12.47
CA VAL F 79 30.36 -25.78 11.66
C VAL F 79 31.58 -25.56 12.56
N PHE F 80 31.44 -24.69 13.56
CA PHE F 80 32.57 -24.45 14.45
C PHE F 80 33.01 -25.73 15.15
N GLN F 81 32.06 -26.49 15.69
CA GLN F 81 32.41 -27.74 16.37
C GLN F 81 33.11 -28.72 15.43
N ILE F 82 32.58 -28.89 14.21
CA ILE F 82 33.18 -29.80 13.25
C ILE F 82 34.63 -29.40 12.96
N ILE F 83 34.87 -28.11 12.76
CA ILE F 83 36.23 -27.69 12.45
C ILE F 83 37.15 -27.89 13.66
N MET F 84 36.67 -27.59 14.86
CA MET F 84 37.52 -27.66 16.04
C MET F 84 37.86 -29.09 16.44
N VAL F 85 36.99 -30.07 16.15
CA VAL F 85 37.31 -31.45 16.50
C VAL F 85 38.28 -32.13 15.55
N CYS F 86 38.78 -31.43 14.53
CA CYS F 86 39.75 -32.00 13.59
C CYS F 86 41.15 -31.40 13.72
N THR F 87 41.41 -30.60 14.75
CA THR F 87 42.69 -29.89 14.88
C THR F 87 43.82 -30.81 15.36
N PRO F 88 43.57 -31.72 16.31
CA PRO F 88 44.66 -32.63 16.73
C PRO F 88 45.21 -33.47 15.59
N SER F 89 44.34 -33.93 14.69
CA SER F 89 44.82 -34.67 13.53
C SER F 89 45.73 -33.82 12.66
N LEU F 90 45.36 -32.56 12.41
CA LEU F 90 46.21 -31.69 11.61
C LEU F 90 47.56 -31.49 12.27
N CYS F 91 47.57 -31.31 13.60
CA CYS F 91 48.83 -31.16 14.31
C CYS F 91 49.70 -32.39 14.15
N PHE F 92 49.11 -33.58 14.36
CA PHE F 92 49.87 -34.81 14.22
C PHE F 92 50.42 -34.97 12.81
N ILE F 93 49.62 -34.63 11.80
CA ILE F 93 50.08 -34.76 10.42
C ILE F 93 51.25 -33.84 10.15
N THR F 94 51.16 -32.58 10.60
CA THR F 94 52.24 -31.64 10.38
C THR F 94 53.51 -32.08 11.09
N TYR F 95 53.37 -32.61 12.31
CA TYR F 95 54.54 -33.14 13.01
C TYR F 95 55.17 -34.28 12.23
N SER F 96 54.37 -35.26 11.81
CA SER F 96 54.96 -36.40 11.12
C SER F 96 55.60 -36.00 9.80
N VAL F 97 55.00 -35.02 9.10
CA VAL F 97 55.60 -34.53 7.86
C VAL F 97 56.95 -33.91 8.15
N HIS F 98 57.07 -33.15 9.24
CA HIS F 98 58.40 -32.64 9.54
C HIS F 98 59.33 -33.79 9.91
N GLN F 99 58.80 -34.80 10.59
CA GLN F 99 59.58 -35.96 10.99
C GLN F 99 60.16 -36.67 9.78
N ILE F 194 56.41 -40.61 18.91
CA ILE F 194 55.15 -40.47 18.19
C ILE F 194 53.99 -40.99 19.03
N SER F 195 54.22 -42.07 19.79
CA SER F 195 53.14 -42.68 20.55
C SER F 195 52.64 -41.76 21.65
N ARG F 196 53.53 -41.00 22.27
CA ARG F 196 53.09 -40.03 23.27
C ARG F 196 52.18 -38.98 22.62
N PHE F 197 52.53 -38.53 21.43
CA PHE F 197 51.66 -37.60 20.71
C PHE F 197 50.31 -38.23 20.42
N TYR F 198 50.30 -39.51 20.06
CA TYR F 198 49.04 -40.21 19.82
C TYR F 198 48.18 -40.18 21.07
N ILE F 199 48.77 -40.52 22.22
CA ILE F 199 48.04 -40.53 23.48
C ILE F 199 47.45 -39.15 23.75
N ILE F 200 48.27 -38.12 23.64
CA ILE F 200 47.83 -36.78 24.00
C ILE F 200 46.71 -36.32 23.08
N GLN F 201 46.84 -36.58 21.78
CA GLN F 201 45.80 -36.13 20.87
C GLN F 201 44.49 -36.88 21.09
N VAL F 202 44.56 -38.17 21.47
CA VAL F 202 43.34 -38.90 21.78
C VAL F 202 42.66 -38.27 23.00
N VAL F 203 43.44 -37.97 24.03
CA VAL F 203 42.90 -37.34 25.23
C VAL F 203 42.21 -36.03 24.87
N PHE F 204 42.89 -35.21 24.06
CA PHE F 204 42.34 -33.90 23.72
C PHE F 204 41.05 -34.03 22.93
N ARG F 205 41.01 -34.95 21.97
CA ARG F 205 39.79 -35.16 21.20
C ARG F 205 38.63 -35.57 22.10
N ASN F 206 38.87 -36.51 23.01
CA ASN F 206 37.83 -36.91 23.96
C ASN F 206 37.29 -35.71 24.71
N ALA F 207 38.19 -34.91 25.29
CA ALA F 207 37.76 -33.76 26.09
C ALA F 207 36.95 -32.80 25.25
N LEU F 208 37.41 -32.50 24.03
CA LEU F 208 36.74 -31.52 23.19
C LEU F 208 35.33 -31.99 22.83
N GLU F 209 35.17 -33.29 22.55
CA GLU F 209 33.86 -33.74 22.12
C GLU F 209 32.88 -33.79 23.27
N ILE F 210 33.35 -34.11 24.47
CA ILE F 210 32.45 -34.09 25.62
C ILE F 210 32.04 -32.65 25.93
N GLY F 211 33.00 -31.72 25.87
CA GLY F 211 32.66 -30.32 26.10
C GLY F 211 31.63 -29.81 25.12
N PHE F 212 31.78 -30.14 23.84
CA PHE F 212 30.86 -29.63 22.84
C PHE F 212 29.46 -30.23 23.00
N LEU F 213 29.36 -31.52 23.34
CA LEU F 213 28.04 -32.10 23.57
C LEU F 213 27.35 -31.45 24.77
N VAL F 214 28.07 -31.26 25.87
CA VAL F 214 27.48 -30.60 27.03
C VAL F 214 27.02 -29.19 26.69
N GLY F 215 27.85 -28.44 25.96
CA GLY F 215 27.48 -27.10 25.58
C GLY F 215 26.25 -27.07 24.70
N GLN F 216 26.13 -28.02 23.77
CA GLN F 216 24.93 -28.11 22.94
C GLN F 216 23.69 -28.28 23.79
N TYR F 217 23.73 -29.23 24.74
CA TYR F 217 22.58 -29.44 25.61
C TYR F 217 22.22 -28.18 26.39
N PHE F 218 23.23 -27.46 26.89
CA PHE F 218 22.95 -26.29 27.72
C PHE F 218 22.50 -25.09 26.89
N LEU F 219 22.90 -25.01 25.62
CA LEU F 219 22.50 -23.88 24.81
C LEU F 219 21.10 -24.07 24.24
N TYR F 220 20.78 -25.28 23.76
CA TYR F 220 19.57 -25.45 22.96
C TYR F 220 18.54 -26.41 23.53
N GLY F 221 18.93 -27.40 24.35
CA GLY F 221 17.95 -28.38 24.77
C GLY F 221 17.57 -29.41 23.71
N PHE F 222 16.28 -29.79 23.69
CA PHE F 222 15.80 -30.86 22.82
C PHE F 222 14.63 -30.47 21.91
N SER F 223 14.22 -29.21 21.87
CA SER F 223 13.09 -28.85 21.01
C SER F 223 13.14 -27.37 20.64
N VAL F 224 12.45 -27.06 19.55
CA VAL F 224 12.26 -25.67 19.09
C VAL F 224 10.76 -25.38 19.10
N PRO F 225 10.26 -24.53 19.99
CA PRO F 225 8.83 -24.23 20.00
C PRO F 225 8.41 -23.27 18.90
N GLY F 226 7.11 -23.33 18.58
CA GLY F 226 6.52 -22.48 17.55
C GLY F 226 6.20 -21.05 17.97
N LEU F 227 5.99 -20.80 19.26
CA LEU F 227 5.72 -19.46 19.77
C LEU F 227 6.85 -18.98 20.67
N TYR F 228 7.05 -17.66 20.69
CA TYR F 228 8.02 -17.03 21.58
C TYR F 228 7.44 -15.74 22.15
N GLU F 229 7.68 -15.52 23.44
CA GLU F 229 7.17 -14.35 24.17
C GLU F 229 8.34 -13.41 24.45
N CYS F 230 8.21 -12.15 24.03
CA CYS F 230 9.31 -11.20 24.00
C CYS F 230 8.94 -9.94 24.78
N ASN F 231 9.89 -9.43 25.56
CA ASN F 231 9.71 -8.21 26.34
C ASN F 231 10.95 -7.32 26.30
N ARG F 232 11.54 -7.12 25.12
CA ARG F 232 12.73 -6.28 25.00
C ARG F 232 12.41 -4.96 24.31
N TYR F 233 13.05 -3.89 24.80
CA TYR F 233 12.95 -2.57 24.18
C TYR F 233 13.40 -2.65 22.73
N PRO F 234 12.71 -1.98 21.79
CA PRO F 234 11.59 -1.02 21.94
C PRO F 234 10.19 -1.61 21.97
N CYS F 235 10.02 -2.92 22.13
CA CYS F 235 8.70 -3.50 22.23
C CYS F 235 8.01 -3.05 23.50
N ILE F 236 6.75 -2.65 23.37
CA ILE F 236 5.91 -2.28 24.50
C ILE F 236 5.37 -3.53 25.19
N LYS F 237 5.58 -3.61 26.50
CA LYS F 237 5.24 -4.77 27.31
C LYS F 237 5.64 -6.08 26.64
N GLU F 238 4.80 -7.12 26.70
CA GLU F 238 5.11 -8.40 26.08
C GLU F 238 4.34 -8.64 24.78
N VAL F 239 5.04 -9.15 23.77
CA VAL F 239 4.50 -9.41 22.44
C VAL F 239 4.71 -10.88 22.09
N GLU F 240 3.93 -11.36 21.12
CA GLU F 240 3.99 -12.74 20.64
C GLU F 240 4.54 -12.79 19.22
N CYS F 241 5.50 -13.68 18.98
CA CYS F 241 6.17 -13.85 17.70
C CYS F 241 6.09 -15.31 17.26
N TYR F 242 6.33 -15.55 15.96
CA TYR F 242 6.07 -16.83 15.32
C TYR F 242 7.29 -17.28 14.50
N VAL F 243 7.66 -18.56 14.68
CA VAL F 243 8.90 -19.15 14.16
C VAL F 243 8.65 -19.91 12.86
N SER F 244 9.69 -20.00 12.04
CA SER F 244 9.69 -20.76 10.79
C SER F 244 10.29 -22.17 10.96
N ARG F 245 9.62 -23.16 10.37
CA ARG F 245 10.07 -24.55 10.31
C ARG F 245 10.48 -25.19 11.64
N PRO F 246 9.62 -25.15 12.66
CA PRO F 246 10.04 -25.69 13.96
C PRO F 246 10.19 -27.21 13.97
N THR F 247 9.33 -27.93 13.25
CA THR F 247 9.40 -29.39 13.27
C THR F 247 10.68 -29.90 12.62
N GLU F 248 11.01 -29.36 11.45
CA GLU F 248 12.25 -29.73 10.77
C GLU F 248 13.46 -29.39 11.63
N LYS F 249 13.45 -28.22 12.27
CA LYS F 249 14.59 -27.85 13.11
C LYS F 249 14.72 -28.76 14.33
N THR F 250 13.60 -29.18 14.92
CA THR F 250 13.65 -30.15 16.01
C THR F 250 14.21 -31.49 15.56
N VAL F 251 13.80 -31.97 14.38
CA VAL F 251 14.33 -33.23 13.86
C VAL F 251 15.85 -33.14 13.70
N PHE F 252 16.33 -32.05 13.10
CA PHE F 252 17.76 -31.84 12.94
C PHE F 252 18.51 -31.84 14.28
N LEU F 253 17.97 -31.11 15.26
CA LEU F 253 18.56 -31.13 16.60
C LEU F 253 18.74 -32.54 17.15
N VAL F 254 17.66 -33.34 17.10
CA VAL F 254 17.73 -34.67 17.69
C VAL F 254 18.73 -35.55 16.95
N PHE F 255 18.74 -35.49 15.62
CA PHE F 255 19.68 -36.28 14.84
C PHE F 255 21.13 -35.94 15.20
N MET F 256 21.45 -34.65 15.29
CA MET F 256 22.82 -34.27 15.61
C MET F 256 23.22 -34.71 17.01
N PHE F 257 22.32 -34.60 17.99
CA PHE F 257 22.63 -35.09 19.32
C PHE F 257 22.95 -36.57 19.30
N ALA F 258 22.16 -37.37 18.56
CA ALA F 258 22.39 -38.80 18.50
C ALA F 258 23.77 -39.12 17.92
N VAL F 259 24.12 -38.48 16.80
CA VAL F 259 25.41 -38.74 16.17
C VAL F 259 26.55 -38.41 17.13
N SER F 260 26.48 -37.24 17.77
CA SER F 260 27.57 -36.86 18.67
C SER F 260 27.68 -37.83 19.86
N GLY F 261 26.54 -38.32 20.35
CA GLY F 261 26.60 -39.35 21.38
C GLY F 261 27.34 -40.60 20.93
N ILE F 262 27.04 -41.07 19.72
CA ILE F 262 27.75 -42.23 19.18
C ILE F 262 29.26 -41.98 19.19
N CYS F 263 29.67 -40.81 18.69
CA CYS F 263 31.10 -40.52 18.62
C CYS F 263 31.74 -40.49 20.01
N VAL F 264 31.05 -39.91 20.99
CA VAL F 264 31.58 -39.90 22.36
C VAL F 264 31.80 -41.31 22.86
N VAL F 265 30.80 -42.17 22.66
CA VAL F 265 30.90 -43.55 23.14
C VAL F 265 32.12 -44.23 22.53
N LEU F 266 32.29 -44.09 21.21
CA LEU F 266 33.39 -44.79 20.54
C LEU F 266 34.75 -44.29 21.05
N ASN F 267 34.91 -42.97 21.19
CA ASN F 267 36.21 -42.48 21.65
C ASN F 267 36.50 -42.91 23.08
N LEU F 268 35.49 -42.94 23.96
CA LEU F 268 35.74 -43.49 25.29
C LEU F 268 36.11 -44.96 25.22
N ALA F 269 35.47 -45.70 24.31
CA ALA F 269 35.82 -47.10 24.12
C ALA F 269 37.32 -47.25 23.89
N GLU F 270 37.84 -46.51 22.91
CA GLU F 270 39.25 -46.68 22.55
C GLU F 270 40.17 -46.18 23.65
N LEU F 271 39.82 -45.05 24.29
CA LEU F 271 40.61 -44.58 25.42
C LEU F 271 40.76 -45.65 26.49
N ASN F 272 39.66 -46.31 26.85
CA ASN F 272 39.74 -47.34 27.88
C ASN F 272 40.39 -48.62 27.36
N HIS F 273 40.35 -48.84 26.04
CA HIS F 273 41.02 -50.01 25.49
C HIS F 273 42.52 -49.89 25.66
N LEU F 274 43.08 -48.71 25.38
CA LEU F 274 44.51 -48.55 25.58
C LEU F 274 44.86 -48.37 27.05
N GLY F 275 44.17 -47.48 27.75
CA GLY F 275 44.32 -47.38 29.20
C GLY F 275 45.46 -46.47 29.62
N THR G 19 -58.28 9.18 35.94
CA THR G 19 -58.22 9.08 34.48
C THR G 19 -57.82 10.40 33.83
N MET G 20 -57.58 11.39 34.65
CA MET G 20 -57.25 12.73 34.18
C MET G 20 -55.76 12.84 33.86
N ILE G 21 -54.90 12.41 34.79
CA ILE G 21 -53.46 12.54 34.59
C ILE G 21 -52.96 11.58 33.51
N GLY G 22 -53.67 10.48 33.27
CA GLY G 22 -53.21 9.51 32.30
C GLY G 22 -53.04 10.11 30.91
N ARG G 23 -53.96 10.99 30.54
CA ARG G 23 -53.88 11.62 29.26
C ARG G 23 -52.64 12.48 29.17
N ILE G 24 -52.40 13.27 30.19
CA ILE G 24 -51.29 14.21 30.23
C ILE G 24 -49.97 13.45 30.11
N LEU G 25 -49.87 12.34 30.84
CA LEU G 25 -48.62 11.59 30.81
C LEU G 25 -48.45 10.86 29.49
N LEU G 26 -49.55 10.43 28.86
CA LEU G 26 -49.43 9.82 27.55
C LEU G 26 -48.88 10.81 26.53
N THR G 27 -49.41 12.04 26.55
CA THR G 27 -48.92 13.08 25.65
C THR G 27 -47.45 13.38 25.91
N VAL G 28 -47.06 13.41 27.18
CA VAL G 28 -45.67 13.74 27.50
C VAL G 28 -44.74 12.62 27.06
N VAL G 29 -45.16 11.38 27.24
CA VAL G 29 -44.34 10.24 26.83
C VAL G 29 -44.16 10.25 25.31
N VAL G 30 -45.24 10.51 24.58
CA VAL G 30 -45.17 10.53 23.12
C VAL G 30 -44.18 11.61 22.65
N ILE G 31 -44.29 12.81 23.21
CA ILE G 31 -43.39 13.88 22.76
C ILE G 31 -41.95 13.56 23.14
N PHE G 32 -41.73 13.01 24.33
CA PHE G 32 -40.38 12.64 24.76
C PHE G 32 -39.76 11.62 23.81
N ARG G 33 -40.53 10.60 23.45
CA ARG G 33 -40.04 9.56 22.54
C ARG G 33 -39.68 10.16 21.18
N ILE G 34 -40.55 11.02 20.64
CA ILE G 34 -40.25 11.64 19.35
C ILE G 34 -38.95 12.44 19.44
N LEU G 35 -38.78 13.23 20.49
CA LEU G 35 -37.58 14.05 20.60
C LEU G 35 -36.32 13.20 20.69
N ILE G 36 -36.34 12.16 21.52
CA ILE G 36 -35.17 11.30 21.66
C ILE G 36 -34.82 10.65 20.33
N VAL G 37 -35.82 10.18 19.59
CA VAL G 37 -35.51 9.50 18.33
C VAL G 37 -34.97 10.51 17.32
N ALA G 38 -35.58 11.70 17.26
CA ALA G 38 -35.24 12.66 16.22
C ALA G 38 -33.87 13.29 16.42
N ILE G 39 -33.45 13.55 17.65
CA ILE G 39 -32.25 14.37 17.85
C ILE G 39 -30.95 13.56 17.88
N VAL G 40 -30.92 12.39 18.52
CA VAL G 40 -29.67 11.68 18.71
C VAL G 40 -29.56 10.37 17.92
N GLY G 41 -30.66 9.65 17.70
CA GLY G 41 -30.54 8.32 17.11
C GLY G 41 -29.94 8.27 15.71
N GLU G 42 -30.10 9.32 14.92
CA GLU G 42 -29.50 9.32 13.58
C GLU G 42 -27.98 9.29 13.55
N THR G 43 -27.28 9.42 14.67
CA THR G 43 -25.83 9.62 14.63
C THR G 43 -25.04 8.56 15.40
N VAL G 44 -25.71 7.69 16.15
CA VAL G 44 -25.07 6.48 16.67
C VAL G 44 -24.86 5.45 15.56
N TYR G 45 -25.83 5.32 14.66
CA TYR G 45 -25.84 4.34 13.58
C TYR G 45 -25.18 4.82 12.29
N ASP G 46 -24.70 6.06 12.24
CA ASP G 46 -24.16 6.61 10.99
C ASP G 46 -23.01 5.76 10.42
N ASP G 47 -22.09 5.28 11.25
CA ASP G 47 -20.96 4.49 10.81
C ASP G 47 -21.17 2.98 10.90
N GLU G 48 -22.40 2.50 10.73
CA GLU G 48 -22.68 1.09 11.03
C GLU G 48 -21.92 0.14 10.12
N GLN G 49 -21.89 0.43 8.81
CA GLN G 49 -21.25 -0.46 7.86
C GLN G 49 -19.80 -0.10 7.56
N THR G 50 -19.42 1.17 7.69
CA THR G 50 -18.05 1.58 7.43
C THR G 50 -17.09 1.05 8.48
N MET G 51 -17.55 0.84 9.71
CA MET G 51 -16.73 0.25 10.77
C MET G 51 -17.05 -1.21 11.07
N PHE G 52 -17.80 -1.88 10.21
CA PHE G 52 -18.01 -3.32 10.30
C PHE G 52 -16.89 -4.02 9.52
N VAL G 53 -16.21 -4.96 10.16
CA VAL G 53 -15.04 -5.59 9.57
C VAL G 53 -15.00 -7.07 9.90
N CYS G 54 -14.54 -7.88 8.93
CA CYS G 54 -14.41 -9.32 9.04
C CYS G 54 -12.97 -9.73 8.74
N ASN G 55 -12.55 -10.85 9.34
CA ASN G 55 -11.20 -11.41 9.16
C ASN G 55 -11.21 -12.32 7.94
N THR G 56 -10.82 -11.77 6.79
CA THR G 56 -10.95 -12.47 5.52
C THR G 56 -10.24 -11.66 4.44
N LEU G 57 -9.94 -12.33 3.32
CA LEU G 57 -9.38 -11.68 2.14
C LEU G 57 -10.29 -11.82 0.91
N GLN G 58 -11.52 -12.27 1.09
CA GLN G 58 -12.44 -12.55 -0.01
C GLN G 58 -13.28 -11.30 -0.32
N PRO G 59 -13.30 -10.83 -1.56
CA PRO G 59 -14.17 -9.69 -1.90
C PRO G 59 -15.65 -10.05 -1.86
N GLY G 60 -16.45 -9.17 -1.24
CA GLY G 60 -17.87 -9.32 -1.09
C GLY G 60 -18.33 -9.98 0.21
N CYS G 61 -17.40 -10.45 1.03
CA CYS G 61 -17.81 -11.16 2.23
C CYS G 61 -18.32 -10.17 3.28
N ASN G 62 -17.70 -9.00 3.36
CA ASN G 62 -18.18 -7.99 4.30
C ASN G 62 -19.61 -7.59 3.98
N GLN G 63 -19.92 -7.38 2.70
CA GLN G 63 -21.27 -7.04 2.29
C GLN G 63 -22.27 -8.12 2.66
N ALA G 64 -21.96 -9.38 2.30
CA ALA G 64 -22.90 -10.46 2.61
C ALA G 64 -23.12 -10.63 4.11
N CYS G 65 -22.05 -10.57 4.89
CA CYS G 65 -22.18 -10.79 6.33
C CYS G 65 -22.87 -9.64 7.04
N TYR G 66 -22.59 -8.39 6.64
CA TYR G 66 -23.33 -7.27 7.20
C TYR G 66 -24.82 -7.38 6.88
N ASP G 67 -25.15 -7.75 5.63
CA ASP G 67 -26.56 -7.85 5.26
C ASP G 67 -27.27 -8.94 6.05
N ARG G 68 -26.58 -10.07 6.30
CA ARG G 68 -27.21 -11.14 7.07
C ARG G 68 -27.31 -10.80 8.56
N ALA G 69 -26.36 -10.06 9.11
CA ALA G 69 -26.42 -9.71 10.53
C ALA G 69 -27.46 -8.62 10.82
N PHE G 70 -27.60 -7.62 9.94
CA PHE G 70 -28.50 -6.49 10.19
C PHE G 70 -29.41 -6.24 9.00
N PRO G 71 -30.49 -7.01 8.87
CA PRO G 71 -31.40 -6.86 7.72
C PRO G 71 -32.16 -5.53 7.65
N ILE G 72 -32.78 -5.11 8.75
CA ILE G 72 -33.39 -3.79 8.87
C ILE G 72 -32.83 -3.10 10.11
N SER G 73 -32.30 -1.90 9.93
CA SER G 73 -31.73 -1.13 11.02
C SER G 73 -32.78 -0.64 12.03
N HIS G 74 -32.34 -0.55 13.29
CA HIS G 74 -33.22 -0.17 14.38
C HIS G 74 -33.87 1.17 14.11
N ILE G 75 -33.08 2.13 13.63
CA ILE G 75 -33.58 3.50 13.50
C ILE G 75 -34.66 3.57 12.43
N ARG G 76 -34.52 2.79 11.36
CA ARG G 76 -35.57 2.70 10.35
C ARG G 76 -36.85 2.12 10.94
N TYR G 77 -36.71 1.02 11.69
CA TYR G 77 -37.90 0.44 12.33
C TYR G 77 -38.60 1.42 13.26
N TRP G 78 -37.82 2.15 14.06
CA TRP G 78 -38.42 3.08 15.02
C TRP G 78 -39.09 4.27 14.33
N VAL G 79 -38.48 4.82 13.28
CA VAL G 79 -39.14 5.90 12.56
C VAL G 79 -40.46 5.41 11.97
N PHE G 80 -40.45 4.23 11.36
CA PHE G 80 -41.68 3.71 10.78
C PHE G 80 -42.77 3.55 11.84
N GLN G 81 -42.42 2.96 12.99
CA GLN G 81 -43.38 2.77 14.07
C GLN G 81 -43.94 4.11 14.55
N ILE G 82 -43.07 5.08 14.78
CA ILE G 82 -43.51 6.40 15.25
C ILE G 82 -44.50 7.02 14.27
N ILE G 83 -44.20 6.94 12.97
CA ILE G 83 -45.11 7.55 12.00
C ILE G 83 -46.44 6.80 11.96
N MET G 84 -46.40 5.47 12.02
CA MET G 84 -47.62 4.68 11.88
C MET G 84 -48.54 4.80 13.10
N VAL G 85 -48.00 5.05 14.29
CA VAL G 85 -48.87 5.18 15.46
C VAL G 85 -49.56 6.53 15.57
N CYS G 86 -49.35 7.44 14.62
CA CYS G 86 -50.00 8.75 14.63
C CYS G 86 -51.05 8.93 13.53
N THR G 87 -51.42 7.87 12.82
CA THR G 87 -52.33 7.97 11.69
C THR G 87 -53.79 8.14 12.12
N PRO G 88 -54.25 7.43 13.15
CA PRO G 88 -55.65 7.63 13.59
C PRO G 88 -55.96 9.05 13.99
N SER G 89 -55.01 9.72 14.66
CA SER G 89 -55.21 11.13 15.00
C SER G 89 -55.37 11.99 13.76
N LEU G 90 -54.52 11.77 12.74
CA LEU G 90 -54.66 12.54 11.51
C LEU G 90 -56.01 12.31 10.86
N CYS G 91 -56.48 11.06 10.85
CA CYS G 91 -57.79 10.77 10.29
C CYS G 91 -58.89 11.53 11.04
N PHE G 92 -58.85 11.45 12.37
CA PHE G 92 -59.85 12.14 13.17
C PHE G 92 -59.83 13.65 12.93
N ILE G 93 -58.63 14.23 12.82
CA ILE G 93 -58.51 15.66 12.60
C ILE G 93 -59.11 16.04 11.25
N THR G 94 -58.79 15.27 10.20
CA THR G 94 -59.32 15.57 8.88
C THR G 94 -60.84 15.45 8.86
N TYR G 95 -61.37 14.43 9.53
CA TYR G 95 -62.83 14.30 9.64
C TYR G 95 -63.44 15.51 10.32
N SER G 96 -62.92 15.90 11.48
CA SER G 96 -63.52 17.02 12.20
C SER G 96 -63.40 18.32 11.41
N VAL G 97 -62.29 18.50 10.69
CA VAL G 97 -62.16 19.68 9.86
C VAL G 97 -63.23 19.70 8.78
N HIS G 98 -63.51 18.54 8.17
CA HIS G 98 -64.60 18.57 7.20
C HIS G 98 -65.92 18.83 7.91
N GLN G 99 -66.07 18.30 9.13
CA GLN G 99 -67.29 18.48 9.91
C GLN G 99 -67.55 19.96 10.18
N ILE G 194 -69.22 11.47 16.34
CA ILE G 194 -67.81 11.68 16.64
C ILE G 194 -67.33 10.68 17.68
N SER G 195 -68.17 10.35 18.66
CA SER G 195 -67.74 9.47 19.74
C SER G 195 -67.45 8.07 19.23
N ARG G 196 -68.21 7.59 18.26
CA ARG G 196 -67.91 6.29 17.66
C ARG G 196 -66.53 6.30 17.02
N PHE G 197 -66.20 7.40 16.32
CA PHE G 197 -64.86 7.52 15.74
C PHE G 197 -63.81 7.52 16.82
N TYR G 198 -64.08 8.19 17.95
CA TYR G 198 -63.13 8.18 19.06
C TYR G 198 -62.87 6.76 19.53
N ILE G 199 -63.95 6.00 19.73
CA ILE G 199 -63.82 4.62 20.19
C ILE G 199 -62.97 3.82 19.22
N ILE G 200 -63.29 3.92 17.93
CA ILE G 200 -62.62 3.10 16.93
C ILE G 200 -61.14 3.46 16.87
N GLN G 201 -60.83 4.75 16.89
CA GLN G 201 -59.42 5.14 16.79
C GLN G 201 -58.64 4.71 18.03
N VAL G 202 -59.28 4.72 19.21
CA VAL G 202 -58.59 4.24 20.40
C VAL G 202 -58.28 2.74 20.26
N VAL G 203 -59.25 1.97 19.78
CA VAL G 203 -59.05 0.54 19.57
C VAL G 203 -57.89 0.31 18.62
N PHE G 204 -57.88 1.04 17.52
CA PHE G 204 -56.85 0.84 16.50
C PHE G 204 -55.47 1.19 17.05
N ARG G 205 -55.36 2.29 17.79
CA ARG G 205 -54.08 2.66 18.37
C ARG G 205 -53.57 1.58 19.33
N ASN G 206 -54.46 1.07 20.18
CA ASN G 206 -54.07 -0.02 21.08
C ASN G 206 -53.50 -1.20 20.30
N ALA G 207 -54.24 -1.65 19.28
CA ALA G 207 -53.81 -2.80 18.51
C ALA G 207 -52.46 -2.55 17.86
N LEU G 208 -52.28 -1.37 17.26
CA LEU G 208 -51.04 -1.08 16.54
C LEU G 208 -49.85 -1.07 17.50
N GLU G 209 -50.03 -0.53 18.71
CA GLU G 209 -48.88 -0.44 19.60
C GLU G 209 -48.51 -1.79 20.18
N ILE G 210 -49.51 -2.66 20.41
CA ILE G 210 -49.17 -3.99 20.89
C ILE G 210 -48.48 -4.79 19.79
N GLY G 211 -48.96 -4.67 18.56
CA GLY G 211 -48.30 -5.35 17.45
C GLY G 211 -46.86 -4.91 17.28
N PHE G 212 -46.60 -3.61 17.37
CA PHE G 212 -45.24 -3.12 17.16
C PHE G 212 -44.30 -3.57 18.28
N LEU G 213 -44.78 -3.58 19.54
CA LEU G 213 -43.93 -4.05 20.63
C LEU G 213 -43.59 -5.54 20.46
N VAL G 214 -44.59 -6.36 20.12
CA VAL G 214 -44.33 -7.77 19.90
C VAL G 214 -43.33 -7.97 18.77
N GLY G 215 -43.51 -7.24 17.67
CA GLY G 215 -42.59 -7.36 16.55
C GLY G 215 -41.17 -6.96 16.92
N GLN G 216 -41.02 -5.90 17.71
CA GLN G 216 -39.69 -5.51 18.18
C GLN G 216 -39.03 -6.63 18.95
N TYR G 217 -39.75 -7.24 19.90
CA TYR G 217 -39.17 -8.34 20.66
C TYR G 217 -38.76 -9.48 19.75
N PHE G 218 -39.58 -9.82 18.76
CA PHE G 218 -39.28 -10.96 17.90
C PHE G 218 -38.17 -10.66 16.90
N LEU G 219 -37.99 -9.41 16.51
CA LEU G 219 -36.95 -9.09 15.55
C LEU G 219 -35.59 -8.96 16.23
N TYR G 220 -35.53 -8.32 17.39
CA TYR G 220 -34.24 -7.93 17.94
C TYR G 220 -33.90 -8.53 19.29
N GLY G 221 -34.87 -8.89 20.13
CA GLY G 221 -34.52 -9.33 21.46
C GLY G 221 -34.12 -8.23 22.43
N PHE G 222 -33.13 -8.51 23.30
CA PHE G 222 -32.73 -7.59 24.35
C PHE G 222 -31.24 -7.25 24.37
N SER G 223 -30.45 -7.66 23.38
CA SER G 223 -29.03 -7.34 23.42
C SER G 223 -28.44 -7.37 22.01
N VAL G 224 -27.31 -6.67 21.86
CA VAL G 224 -26.51 -6.67 20.64
C VAL G 224 -25.13 -7.23 20.97
N PRO G 225 -24.78 -8.43 20.51
CA PRO G 225 -23.45 -8.98 20.82
C PRO G 225 -22.34 -8.35 19.99
N GLY G 226 -21.12 -8.47 20.52
CA GLY G 226 -19.92 -7.94 19.87
C GLY G 226 -19.35 -8.79 18.76
N LEU G 227 -19.59 -10.10 18.76
CA LEU G 227 -19.12 -11.00 17.71
C LEU G 227 -20.29 -11.58 16.93
N TYR G 228 -20.03 -11.88 15.65
CA TYR G 228 -21.00 -12.54 14.80
C TYR G 228 -20.31 -13.59 13.92
N GLU G 229 -20.95 -14.75 13.78
CA GLU G 229 -20.42 -15.88 13.01
C GLU G 229 -21.22 -16.01 11.73
N CYS G 230 -20.52 -15.99 10.58
CA CYS G 230 -21.14 -15.87 9.27
C CYS G 230 -20.72 -17.03 8.38
N ASN G 231 -21.68 -17.56 7.62
CA ASN G 231 -21.43 -18.65 6.68
C ASN G 231 -22.18 -18.45 5.36
N ARG G 232 -22.15 -17.24 4.80
CA ARG G 232 -22.84 -16.96 3.55
C ARG G 232 -21.87 -16.78 2.39
N TYR G 233 -22.25 -17.30 1.23
CA TYR G 233 -21.49 -17.12 0.00
C TYR G 233 -21.33 -15.62 -0.30
N PRO G 234 -20.13 -15.17 -0.73
CA PRO G 234 -18.93 -15.91 -1.13
C PRO G 234 -17.93 -16.23 -0.01
N CYS G 235 -18.29 -16.09 1.26
CA CYS G 235 -17.38 -16.45 2.33
C CYS G 235 -17.14 -17.95 2.35
N ILE G 236 -15.87 -18.33 2.47
CA ILE G 236 -15.47 -19.73 2.61
C ILE G 236 -15.70 -20.19 4.04
N LYS G 237 -16.42 -21.31 4.18
CA LYS G 237 -16.84 -21.85 5.47
C LYS G 237 -17.35 -20.77 6.42
N GLU G 238 -16.99 -20.82 7.70
CA GLU G 238 -17.44 -19.83 8.67
C GLU G 238 -16.34 -18.83 9.04
N VAL G 239 -16.72 -17.55 9.12
CA VAL G 239 -15.82 -16.44 9.41
C VAL G 239 -16.34 -15.67 10.61
N GLU G 240 -15.44 -14.92 11.25
CA GLU G 240 -15.76 -14.10 12.42
C GLU G 240 -15.69 -12.61 12.08
N CYS G 241 -16.72 -11.86 12.48
CA CYS G 241 -16.84 -10.43 12.20
C CYS G 241 -17.08 -9.67 13.50
N TYR G 242 -16.85 -8.36 13.47
CA TYR G 242 -16.80 -7.52 14.67
C TYR G 242 -17.67 -6.27 14.49
N VAL G 243 -18.48 -5.98 15.52
CA VAL G 243 -19.53 -4.96 15.49
C VAL G 243 -19.05 -3.66 16.13
N SER G 244 -19.65 -2.55 15.70
CA SER G 244 -19.41 -1.22 16.24
C SER G 244 -20.45 -0.81 17.29
N ARG G 245 -19.97 -0.23 18.40
CA ARG G 245 -20.79 0.33 19.47
C ARG G 245 -21.88 -0.58 20.04
N PRO G 246 -21.54 -1.80 20.47
CA PRO G 246 -22.58 -2.71 20.95
C PRO G 246 -23.22 -2.28 22.25
N THR G 247 -22.44 -1.70 23.18
CA THR G 247 -22.99 -1.33 24.48
C THR G 247 -24.00 -0.19 24.34
N GLU G 248 -23.64 0.85 23.59
CA GLU G 248 -24.56 1.96 23.34
C GLU G 248 -25.82 1.48 22.64
N LYS G 249 -25.68 0.57 21.66
CA LYS G 249 -26.86 0.08 20.96
C LYS G 249 -27.76 -0.75 21.87
N THR G 250 -27.17 -1.53 22.78
CA THR G 250 -27.96 -2.26 23.78
C THR G 250 -28.71 -1.32 24.71
N VAL G 251 -28.05 -0.25 25.17
CA VAL G 251 -28.72 0.71 26.04
C VAL G 251 -29.92 1.33 25.33
N PHE G 252 -29.74 1.73 24.07
CA PHE G 252 -30.84 2.30 23.29
C PHE G 252 -32.00 1.31 23.14
N LEU G 253 -31.70 0.05 22.82
CA LEU G 253 -32.73 -0.98 22.74
C LEU G 253 -33.56 -1.05 24.02
N VAL G 254 -32.89 -1.15 25.17
CA VAL G 254 -33.61 -1.31 26.44
C VAL G 254 -34.48 -0.09 26.74
N PHE G 255 -33.93 1.11 26.52
CA PHE G 255 -34.70 2.33 26.77
C PHE G 255 -35.97 2.37 25.92
N MET G 256 -35.85 2.06 24.62
CA MET G 256 -37.02 2.10 23.75
C MET G 256 -38.07 1.07 24.16
N PHE G 257 -37.64 -0.14 24.54
CA PHE G 257 -38.60 -1.12 25.01
C PHE G 257 -39.35 -0.62 26.24
N ALA G 258 -38.65 0.01 27.18
CA ALA G 258 -39.30 0.52 28.39
C ALA G 258 -40.35 1.57 28.06
N VAL G 259 -40.00 2.52 27.20
CA VAL G 259 -40.95 3.58 26.85
C VAL G 259 -42.20 2.99 26.19
N SER G 260 -42.00 2.08 25.23
CA SER G 260 -43.16 1.50 24.55
C SER G 260 -44.04 0.72 25.53
N GLY G 261 -43.43 0.03 26.50
CA GLY G 261 -44.23 -0.62 27.53
C GLY G 261 -45.09 0.35 28.31
N ILE G 262 -44.52 1.48 28.72
CA ILE G 262 -45.30 2.50 29.41
C ILE G 262 -46.51 2.91 28.58
N CYS G 263 -46.27 3.18 27.29
CA CYS G 263 -47.38 3.62 26.43
C CYS G 263 -48.47 2.57 26.32
N VAL G 264 -48.08 1.30 26.20
CA VAL G 264 -49.06 0.22 26.13
C VAL G 264 -49.91 0.19 27.38
N VAL G 265 -49.26 0.28 28.55
CA VAL G 265 -50.00 0.23 29.81
C VAL G 265 -51.02 1.37 29.85
N LEU G 266 -50.59 2.58 29.52
CA LEU G 266 -51.51 3.72 29.62
C LEU G 266 -52.71 3.57 28.69
N ASN G 267 -52.48 3.14 27.44
CA ASN G 267 -53.60 3.00 26.52
C ASN G 267 -54.56 1.91 26.96
N LEU G 268 -54.05 0.80 27.50
CA LEU G 268 -54.97 -0.19 28.05
C LEU G 268 -55.75 0.38 29.23
N ALA G 269 -55.09 1.20 30.04
CA ALA G 269 -55.78 1.84 31.16
C ALA G 269 -57.01 2.57 30.67
N GLU G 270 -56.83 3.44 29.66
CA GLU G 270 -57.95 4.26 29.21
C GLU G 270 -59.02 3.41 28.51
N LEU G 271 -58.60 2.43 27.71
CA LEU G 271 -59.56 1.52 27.09
C LEU G 271 -60.46 0.88 28.13
N ASN G 272 -59.87 0.37 29.21
CA ASN G 272 -60.69 -0.28 30.24
C ASN G 272 -61.46 0.74 31.07
N HIS G 273 -60.98 1.99 31.14
CA HIS G 273 -61.74 3.01 31.86
C HIS G 273 -63.05 3.30 31.17
N LEU G 274 -63.02 3.43 29.84
CA LEU G 274 -64.28 3.67 29.13
C LEU G 274 -65.10 2.39 29.02
N GLY G 275 -64.49 1.29 28.56
CA GLY G 275 -65.16 0.00 28.58
C GLY G 275 -66.00 -0.26 27.35
N THR H 19 -35.25 36.25 47.06
CA THR H 19 -35.79 35.11 46.33
C THR H 19 -36.27 35.49 44.93
N MET H 20 -36.14 36.75 44.61
CA MET H 20 -36.59 37.28 43.33
C MET H 20 -35.57 37.03 42.22
N ILE H 21 -34.30 37.38 42.47
CA ILE H 21 -33.28 37.22 41.45
C ILE H 21 -32.97 35.75 41.19
N GLY H 22 -33.20 34.88 42.17
CA GLY H 22 -32.86 33.48 41.99
C GLY H 22 -33.56 32.84 40.80
N ARG H 23 -34.81 33.22 40.60
CA ARG H 23 -35.57 32.70 39.50
C ARG H 23 -34.94 33.14 38.20
N ILE H 24 -34.61 34.40 38.09
CA ILE H 24 -34.08 35.00 36.86
C ILE H 24 -32.76 34.32 36.51
N LEU H 25 -31.92 34.10 37.52
CA LEU H 25 -30.62 33.49 37.24
C LEU H 25 -30.77 32.01 36.91
N LEU H 26 -31.75 31.33 37.50
CA LEU H 26 -31.98 29.95 37.13
C LEU H 26 -32.36 29.84 35.66
N THR H 27 -33.28 30.71 35.21
CA THR H 27 -33.69 30.71 33.81
C THR H 27 -32.51 31.01 32.89
N VAL H 28 -31.65 31.94 33.30
CA VAL H 28 -30.53 32.32 32.46
C VAL H 28 -29.52 31.18 32.38
N VAL H 29 -29.28 30.50 33.49
CA VAL H 29 -28.35 29.39 33.50
C VAL H 29 -28.86 28.26 32.61
N VAL H 30 -30.16 27.97 32.71
CA VAL H 30 -30.73 26.90 31.88
C VAL H 30 -30.56 27.21 30.40
N ILE H 31 -30.89 28.44 30.00
CA ILE H 31 -30.79 28.78 28.58
C ILE H 31 -29.33 28.75 28.12
N PHE H 32 -28.41 29.24 28.96
CA PHE H 32 -27.00 29.23 28.62
C PHE H 32 -26.50 27.81 28.40
N ARG H 33 -26.87 26.90 29.31
CA ARG H 33 -26.45 25.51 29.18
C ARG H 33 -26.98 24.89 27.90
N ILE H 34 -28.26 25.11 27.60
CA ILE H 34 -28.82 24.55 26.36
C ILE H 34 -28.06 25.07 25.15
N LEU H 35 -27.77 26.38 25.10
CA LEU H 35 -27.08 26.94 23.95
C LEU H 35 -25.69 26.35 23.78
N ILE H 36 -24.94 26.26 24.87
CA ILE H 36 -23.59 25.73 24.80
C ILE H 36 -23.61 24.29 24.31
N VAL H 37 -24.55 23.49 24.80
CA VAL H 37 -24.59 22.09 24.40
C VAL H 37 -24.98 21.98 22.93
N ALA H 38 -25.97 22.77 22.51
CA ALA H 38 -26.54 22.62 21.17
C ALA H 38 -25.59 23.11 20.08
N ILE H 39 -24.82 24.17 20.31
CA ILE H 39 -24.10 24.79 19.20
C ILE H 39 -22.71 24.18 18.97
N VAL H 40 -21.94 23.88 20.00
CA VAL H 40 -20.56 23.46 19.80
C VAL H 40 -20.30 21.99 20.15
N GLY H 41 -20.98 21.42 21.12
CA GLY H 41 -20.62 20.08 21.58
C GLY H 41 -20.71 18.97 20.54
N GLU H 42 -21.61 19.11 19.56
CA GLU H 42 -21.70 18.08 18.52
C GLU H 42 -20.48 17.94 17.63
N THR H 43 -19.48 18.82 17.72
CA THR H 43 -18.40 18.83 16.73
C THR H 43 -17.01 18.63 17.32
N VAL H 44 -16.88 18.64 18.65
CA VAL H 44 -15.66 18.18 19.29
C VAL H 44 -15.56 16.65 19.24
N TYR H 45 -16.67 15.96 19.44
CA TYR H 45 -16.76 14.50 19.48
C TYR H 45 -16.97 13.84 18.13
N ASP H 46 -17.10 14.60 17.04
CA ASP H 46 -17.42 14.01 15.75
C ASP H 46 -16.41 12.95 15.30
N ASP H 47 -15.11 13.20 15.49
CA ASP H 47 -14.06 12.26 15.08
C ASP H 47 -13.59 11.33 16.20
N GLU H 48 -14.47 10.96 17.13
CA GLU H 48 -14.00 10.25 18.33
C GLU H 48 -13.40 8.89 18.01
N GLN H 49 -14.06 8.11 17.13
CA GLN H 49 -13.60 6.76 16.81
C GLN H 49 -12.70 6.70 15.59
N THR H 50 -12.85 7.63 14.64
CA THR H 50 -12.02 7.63 13.44
C THR H 50 -10.57 7.99 13.75
N MET H 51 -10.32 8.78 14.79
CA MET H 51 -8.97 9.12 15.23
C MET H 51 -8.52 8.38 16.48
N PHE H 52 -9.23 7.34 16.90
CA PHE H 52 -8.77 6.46 17.97
C PHE H 52 -7.94 5.35 17.35
N VAL H 53 -6.73 5.14 17.85
CA VAL H 53 -5.79 4.20 17.26
C VAL H 53 -5.01 3.44 18.33
N CYS H 54 -4.75 2.17 18.06
CA CYS H 54 -4.01 1.26 18.94
C CYS H 54 -2.81 0.67 18.20
N ASN H 55 -1.77 0.34 18.96
CA ASN H 55 -0.55 -0.25 18.42
C ASN H 55 -0.70 -1.77 18.36
N THR H 56 -1.11 -2.27 17.20
CA THR H 56 -1.48 -3.67 17.04
C THR H 56 -1.70 -3.96 15.56
N LEU H 57 -1.67 -5.25 15.22
CA LEU H 57 -1.99 -5.72 13.88
C LEU H 57 -3.21 -6.66 13.86
N GLN H 58 -3.93 -6.76 14.96
CA GLN H 58 -5.05 -7.70 15.09
C GLN H 58 -6.36 -7.05 14.66
N PRO H 59 -7.10 -7.64 13.72
CA PRO H 59 -8.41 -7.06 13.34
C PRO H 59 -9.44 -7.18 14.46
N GLY H 60 -10.16 -6.10 14.70
CA GLY H 60 -11.19 -5.99 15.72
C GLY H 60 -10.74 -5.45 17.06
N CYS H 61 -9.44 -5.22 17.24
CA CYS H 61 -8.97 -4.78 18.54
C CYS H 61 -9.33 -3.32 18.77
N ASN H 62 -9.27 -2.50 17.72
CA ASN H 62 -9.65 -1.10 17.86
C ASN H 62 -11.11 -0.98 18.28
N GLN H 63 -11.98 -1.77 17.66
CA GLN H 63 -13.40 -1.76 18.03
C GLN H 63 -13.60 -2.15 19.48
N ALA H 64 -13.02 -3.28 19.91
CA ALA H 64 -13.21 -3.72 21.28
C ALA H 64 -12.66 -2.72 22.30
N CYS H 65 -11.48 -2.16 22.03
CA CYS H 65 -10.89 -1.24 23.00
C CYS H 65 -11.60 0.10 23.05
N TYR H 66 -12.03 0.62 21.90
CA TYR H 66 -12.85 1.84 21.93
C TYR H 66 -14.15 1.61 22.70
N ASP H 67 -14.81 0.47 22.48
CA ASP H 67 -16.06 0.21 23.17
C ASP H 67 -15.85 0.10 24.68
N ARG H 68 -14.75 -0.50 25.11
CA ARG H 68 -14.49 -0.62 26.55
C ARG H 68 -14.06 0.71 27.17
N ALA H 69 -13.34 1.56 26.43
CA ALA H 69 -12.93 2.84 26.98
C ALA H 69 -14.07 3.85 27.07
N PHE H 70 -14.97 3.89 26.07
CA PHE H 70 -16.04 4.88 26.01
C PHE H 70 -17.39 4.23 25.78
N PRO H 71 -18.01 3.68 26.83
CA PRO H 71 -19.30 3.00 26.67
C PRO H 71 -20.48 3.88 26.25
N ILE H 72 -20.67 5.02 26.92
CA ILE H 72 -21.65 6.03 26.51
C ILE H 72 -20.93 7.38 26.40
N SER H 73 -21.06 8.01 25.24
CA SER H 73 -20.43 9.31 25.01
C SER H 73 -21.04 10.44 25.84
N HIS H 74 -20.17 11.40 26.18
CA HIS H 74 -20.57 12.51 27.02
C HIS H 74 -21.75 13.26 26.42
N ILE H 75 -21.71 13.50 25.12
CA ILE H 75 -22.71 14.36 24.49
C ILE H 75 -24.08 13.68 24.52
N ARG H 76 -24.11 12.36 24.37
CA ARG H 76 -25.35 11.62 24.51
C ARG H 76 -25.90 11.74 25.93
N TYR H 77 -25.04 11.56 26.93
CA TYR H 77 -25.48 11.70 28.31
C TYR H 77 -26.03 13.09 28.60
N TRP H 78 -25.36 14.13 28.10
CA TRP H 78 -25.79 15.50 28.37
C TRP H 78 -27.12 15.84 27.67
N VAL H 79 -27.29 15.39 26.43
CA VAL H 79 -28.57 15.62 25.76
C VAL H 79 -29.70 14.94 26.53
N PHE H 80 -29.49 13.69 26.95
CA PHE H 80 -30.52 12.99 27.70
C PHE H 80 -30.88 13.74 28.98
N GLN H 81 -29.85 14.16 29.73
CA GLN H 81 -30.10 14.90 30.98
C GLN H 81 -30.88 16.19 30.73
N ILE H 82 -30.47 16.95 29.72
CA ILE H 82 -31.14 18.22 29.41
C ILE H 82 -32.61 17.97 29.09
N ILE H 83 -32.91 16.95 28.29
CA ILE H 83 -34.29 16.69 27.94
C ILE H 83 -35.09 16.24 29.16
N MET H 84 -34.50 15.38 30.00
CA MET H 84 -35.24 14.83 31.13
C MET H 84 -35.50 15.85 32.23
N VAL H 85 -34.65 16.88 32.38
CA VAL H 85 -34.89 17.88 33.42
C VAL H 85 -35.94 18.91 33.03
N CYS H 86 -36.56 18.81 31.85
CA CYS H 86 -37.59 19.74 31.41
C CYS H 86 -38.98 19.12 31.35
N THR H 87 -39.17 17.90 31.86
CA THR H 87 -40.44 17.19 31.75
C THR H 87 -41.50 17.70 32.72
N PRO H 88 -41.15 18.02 33.97
CA PRO H 88 -42.17 18.57 34.88
C PRO H 88 -42.81 19.85 34.39
N SER H 89 -42.03 20.73 33.76
CA SER H 89 -42.60 21.94 33.18
C SER H 89 -43.60 21.60 32.09
N LEU H 90 -43.28 20.66 31.21
CA LEU H 90 -44.23 20.27 30.16
C LEU H 90 -45.51 19.72 30.76
N CYS H 91 -45.39 18.91 31.81
CA CYS H 91 -46.58 18.38 32.46
C CYS H 91 -47.43 19.50 33.03
N PHE H 92 -46.81 20.44 33.75
CA PHE H 92 -47.55 21.56 34.31
C PHE H 92 -48.23 22.39 33.24
N ILE H 93 -47.54 22.61 32.12
CA ILE H 93 -48.12 23.41 31.04
C ILE H 93 -49.34 22.71 30.45
N THR H 94 -49.21 21.40 30.21
CA THR H 94 -50.34 20.66 29.64
C THR H 94 -51.53 20.66 30.59
N TYR H 95 -51.26 20.50 31.89
CA TYR H 95 -52.33 20.58 32.88
C TYR H 95 -53.02 21.93 32.83
N SER H 96 -52.25 23.02 32.89
CA SER H 96 -52.87 24.34 32.92
C SER H 96 -53.64 24.62 31.64
N VAL H 97 -53.13 24.15 30.50
CA VAL H 97 -53.86 24.34 29.25
C VAL H 97 -55.20 23.61 29.31
N HIS H 98 -55.23 22.39 29.88
CA HIS H 98 -56.53 21.77 30.00
C HIS H 98 -57.40 22.55 30.97
N GLN H 99 -56.78 23.10 32.03
CA GLN H 99 -57.50 23.87 33.03
C GLN H 99 -58.18 25.07 32.40
N ILE H 194 -53.48 24.02 41.86
CA ILE H 194 -52.29 24.29 41.06
C ILE H 194 -51.05 24.35 41.94
N SER H 195 -51.19 24.90 43.15
CA SER H 195 -50.02 25.09 44.01
C SER H 195 -49.43 23.75 44.45
N ARG H 196 -50.29 22.75 44.68
CA ARG H 196 -49.77 21.42 45.01
C ARG H 196 -48.95 20.88 43.85
N PHE H 197 -49.42 21.07 42.62
CA PHE H 197 -48.65 20.65 41.46
C PHE H 197 -47.32 21.38 41.40
N TYR H 198 -47.31 22.68 41.73
CA TYR H 198 -46.07 23.43 41.76
C TYR H 198 -45.09 22.81 42.74
N ILE H 199 -45.56 22.50 43.95
CA ILE H 199 -44.71 21.91 44.97
C ILE H 199 -44.12 20.60 44.46
N ILE H 200 -44.99 19.74 43.92
CA ILE H 200 -44.54 18.41 43.52
C ILE H 200 -43.52 18.52 42.40
N GLN H 201 -43.78 19.39 41.42
CA GLN H 201 -42.84 19.48 40.31
C GLN H 201 -41.50 20.07 40.76
N VAL H 202 -41.50 20.98 41.73
CA VAL H 202 -40.24 21.49 42.26
C VAL H 202 -39.45 20.36 42.92
N VAL H 203 -40.14 19.56 43.73
CA VAL H 203 -39.50 18.42 44.40
C VAL H 203 -38.87 17.49 43.37
N PHE H 204 -39.64 17.17 42.33
CA PHE H 204 -39.16 16.22 41.32
C PHE H 204 -37.95 16.78 40.59
N ARG H 205 -37.99 18.06 40.23
CA ARG H 205 -36.85 18.66 39.54
C ARG H 205 -35.59 18.60 40.41
N ASN H 206 -35.72 18.94 41.70
CA ASN H 206 -34.59 18.84 42.61
C ASN H 206 -34.00 17.44 42.61
N ALA H 207 -34.87 16.44 42.79
CA ALA H 207 -34.38 15.05 42.85
C ALA H 207 -33.67 14.67 41.57
N LEU H 208 -34.26 15.01 40.42
CA LEU H 208 -33.68 14.61 39.15
C LEU H 208 -32.31 15.23 38.93
N GLU H 209 -32.15 16.50 39.33
CA GLU H 209 -30.88 17.15 39.06
C GLU H 209 -29.79 16.64 39.99
N ILE H 210 -30.14 16.30 41.23
CA ILE H 210 -29.13 15.73 42.12
C ILE H 210 -28.73 14.34 41.63
N GLY H 211 -29.70 13.54 41.20
CA GLY H 211 -29.37 12.23 40.66
C GLY H 211 -28.44 12.31 39.47
N PHE H 212 -28.73 13.24 38.55
CA PHE H 212 -27.91 13.33 37.35
C PHE H 212 -26.49 13.79 37.66
N LEU H 213 -26.33 14.74 38.59
CA LEU H 213 -24.98 15.17 38.95
C LEU H 213 -24.18 14.04 39.58
N VAL H 214 -24.81 13.30 40.51
CA VAL H 214 -24.12 12.17 41.13
C VAL H 214 -23.74 11.13 40.07
N GLY H 215 -24.65 10.82 39.15
CA GLY H 215 -24.34 9.86 38.11
C GLY H 215 -23.19 10.31 37.22
N GLN H 216 -23.15 11.60 36.89
CA GLN H 216 -22.03 12.13 36.11
C GLN H 216 -20.71 11.89 36.82
N TYR H 217 -20.65 12.24 38.11
CA TYR H 217 -19.41 12.02 38.85
C TYR H 217 -19.01 10.55 38.86
N PHE H 218 -19.98 9.65 39.02
CA PHE H 218 -19.64 8.22 39.12
C PHE H 218 -19.30 7.62 37.76
N LEU H 219 -19.82 8.17 36.67
CA LEU H 219 -19.52 7.61 35.37
C LEU H 219 -18.19 8.11 34.84
N TYR H 220 -17.88 9.40 35.01
CA TYR H 220 -16.76 9.99 34.30
C TYR H 220 -15.66 10.56 35.18
N GLY H 221 -15.94 10.99 36.40
CA GLY H 221 -14.90 11.66 37.16
C GLY H 221 -14.60 13.09 36.74
N PHE H 222 -13.32 13.48 36.79
CA PHE H 222 -12.90 14.85 36.53
C PHE H 222 -11.83 15.00 35.45
N SER H 223 -11.46 13.95 34.73
CA SER H 223 -10.42 14.09 33.72
C SER H 223 -10.53 13.01 32.67
N VAL H 224 -9.96 13.30 31.50
CA VAL H 224 -9.84 12.34 30.39
C VAL H 224 -8.36 12.13 30.12
N PRO H 225 -7.80 10.96 30.41
CA PRO H 225 -6.37 10.74 30.13
C PRO H 225 -6.08 10.48 28.66
N GLY H 226 -4.82 10.72 28.29
CA GLY H 226 -4.34 10.52 26.94
C GLY H 226 -4.02 9.09 26.55
N LEU H 227 -3.69 8.23 27.50
CA LEU H 227 -3.40 6.82 27.25
C LEU H 227 -4.45 5.92 27.88
N TYR H 228 -4.68 4.76 27.26
CA TYR H 228 -5.58 3.75 27.79
C TYR H 228 -4.97 2.36 27.58
N GLU H 229 -5.08 1.51 28.60
CA GLU H 229 -4.54 0.16 28.61
C GLU H 229 -5.69 -0.84 28.49
N CYS H 230 -5.63 -1.70 27.48
CA CYS H 230 -6.74 -2.55 27.08
C CYS H 230 -6.32 -4.01 27.08
N ASN H 231 -7.21 -4.88 27.59
CA ASN H 231 -6.98 -6.32 27.63
C ASN H 231 -8.23 -7.11 27.26
N ARG H 232 -8.94 -6.71 26.21
CA ARG H 232 -10.15 -7.41 25.78
C ARG H 232 -9.93 -8.20 24.50
N TYR H 233 -10.54 -9.38 24.45
CA TYR H 233 -10.54 -10.21 23.25
C TYR H 233 -11.12 -9.44 22.07
N PRO H 234 -10.53 -9.52 20.86
CA PRO H 234 -9.43 -10.38 20.40
C PRO H 234 -8.01 -9.85 20.60
N CYS H 235 -7.82 -8.79 21.38
CA CYS H 235 -6.47 -8.30 21.63
C CYS H 235 -5.66 -9.31 22.43
N ILE H 236 -4.44 -9.55 22.00
CA ILE H 236 -3.50 -10.42 22.70
C ILE H 236 -2.87 -9.66 23.87
N LYS H 237 -2.95 -10.26 25.06
CA LYS H 237 -2.52 -9.65 26.32
C LYS H 237 -2.95 -8.19 26.42
N GLU H 238 -2.09 -7.30 26.92
CA GLU H 238 -2.43 -5.89 27.07
C GLU H 238 -1.77 -5.01 26.00
N VAL H 239 -2.56 -4.08 25.45
CA VAL H 239 -2.15 -3.17 24.39
C VAL H 239 -2.36 -1.73 24.85
N GLU H 240 -1.66 -0.80 24.17
CA GLU H 240 -1.74 0.63 24.46
C GLU H 240 -2.43 1.36 23.32
N CYS H 241 -3.39 2.24 23.66
CA CYS H 241 -4.17 2.99 22.70
C CYS H 241 -4.10 4.48 23.04
N TYR H 242 -4.46 5.32 22.06
CA TYR H 242 -4.24 6.77 22.13
C TYR H 242 -5.51 7.53 21.78
N VAL H 243 -5.84 8.54 22.60
CA VAL H 243 -7.11 9.27 22.57
C VAL H 243 -6.97 10.59 21.81
N SER H 244 -8.08 11.06 21.24
CA SER H 244 -8.19 12.33 20.56
C SER H 244 -8.74 13.45 21.46
N ARG H 245 -8.10 14.62 21.39
CA ARG H 245 -8.52 15.84 22.07
C ARG H 245 -8.80 15.71 23.58
N PRO H 246 -7.84 15.19 24.35
CA PRO H 246 -8.13 14.99 25.78
C PRO H 246 -8.25 16.29 26.57
N THR H 247 -7.44 17.31 26.23
CA THR H 247 -7.48 18.56 27.00
C THR H 247 -8.81 19.29 26.81
N GLU H 248 -9.26 19.40 25.56
CA GLU H 248 -10.54 20.02 25.28
C GLU H 248 -11.68 19.26 25.95
N LYS H 249 -11.63 17.93 25.92
CA LYS H 249 -12.69 17.15 26.56
C LYS H 249 -12.69 17.32 28.08
N THR H 250 -11.51 17.42 28.69
CA THR H 250 -11.42 17.72 30.11
C THR H 250 -12.00 19.09 30.47
N VAL H 251 -11.71 20.10 29.65
CA VAL H 251 -12.25 21.43 29.89
C VAL H 251 -13.77 21.40 29.84
N PHE H 252 -14.33 20.73 28.83
CA PHE H 252 -15.78 20.60 28.71
C PHE H 252 -16.40 19.90 29.93
N LEU H 253 -15.79 18.79 30.37
CA LEU H 253 -16.24 18.11 31.58
C LEU H 253 -16.33 19.06 32.78
N VAL H 254 -15.26 19.81 33.04
CA VAL H 254 -15.23 20.66 34.22
C VAL H 254 -16.29 21.76 34.12
N PHE H 255 -16.41 22.38 32.95
CA PHE H 255 -17.41 23.42 32.76
C PHE H 255 -18.83 22.90 33.03
N MET H 256 -19.16 21.73 32.49
CA MET H 256 -20.50 21.20 32.70
C MET H 256 -20.76 20.87 34.17
N PHE H 257 -19.76 20.30 34.86
CA PHE H 257 -19.95 20.06 36.28
C PHE H 257 -20.23 21.35 37.05
N ALA H 258 -19.50 22.42 36.73
CA ALA H 258 -19.70 23.68 37.42
C ALA H 258 -21.12 24.22 37.22
N VAL H 259 -21.59 24.20 35.97
CA VAL H 259 -22.94 24.71 35.67
C VAL H 259 -23.99 23.90 36.44
N SER H 260 -23.88 22.57 36.40
CA SER H 260 -24.88 21.76 37.09
C SER H 260 -24.85 22.00 38.59
N GLY H 261 -23.67 22.22 39.16
CA GLY H 261 -23.61 22.59 40.57
C GLY H 261 -24.35 23.86 40.88
N ILE H 262 -24.16 24.89 40.05
CA ILE H 262 -24.90 26.14 40.24
C ILE H 262 -26.41 25.88 40.25
N CYS H 263 -26.89 25.10 39.28
CA CYS H 263 -28.32 24.84 39.20
C CYS H 263 -28.84 24.11 40.44
N VAL H 264 -28.07 23.13 40.94
CA VAL H 264 -28.45 22.42 42.15
C VAL H 264 -28.60 23.39 43.31
N VAL H 265 -27.60 24.26 43.48
CA VAL H 265 -27.63 25.21 44.60
C VAL H 265 -28.89 26.06 44.51
N LEU H 266 -29.18 26.60 43.33
CA LEU H 266 -30.34 27.50 43.21
C LEU H 266 -31.65 26.78 43.53
N ASN H 267 -31.82 25.57 43.01
CA ASN H 267 -33.08 24.87 43.27
C ASN H 267 -33.23 24.52 44.75
N LEU H 268 -32.14 24.13 45.42
CA LEU H 268 -32.24 23.92 46.86
C LEU H 268 -32.59 25.22 47.57
N ALA H 269 -32.02 26.34 47.10
CA ALA H 269 -32.36 27.63 47.69
C ALA H 269 -33.87 27.84 47.70
N GLU H 270 -34.50 27.67 46.53
CA GLU H 270 -35.92 27.96 46.44
C GLU H 270 -36.75 26.94 47.23
N LEU H 271 -36.37 25.67 47.18
CA LEU H 271 -37.05 24.65 47.98
C LEU H 271 -37.08 25.04 49.45
N ASN H 272 -35.93 25.47 49.99
CA ASN H 272 -35.88 25.84 51.40
C ASN H 272 -36.56 27.19 51.65
N HIS H 273 -36.64 28.04 50.64
CA HIS H 273 -37.34 29.31 50.80
C HIS H 273 -38.82 29.07 51.03
N LEU H 274 -39.43 28.18 50.25
CA LEU H 274 -40.84 27.90 50.47
C LEU H 274 -41.04 27.00 51.69
N GLY H 275 -40.31 25.89 51.77
CA GLY H 275 -40.32 25.08 52.98
C GLY H 275 -41.43 24.05 53.00
N THR I 19 -22.71 61.25 22.46
CA THR I 19 -23.01 59.97 23.09
C THR I 19 -24.14 59.23 22.41
N MET I 20 -24.68 59.83 21.38
CA MET I 20 -25.81 59.27 20.66
C MET I 20 -25.36 58.22 19.64
N ILE I 21 -24.37 58.56 18.81
CA ILE I 21 -23.91 57.63 17.78
C ILE I 21 -23.19 56.43 18.39
N GLY I 22 -22.60 56.58 19.56
CA GLY I 22 -21.85 55.49 20.15
C GLY I 22 -22.67 54.23 20.34
N ARG I 23 -23.93 54.42 20.73
CA ARG I 23 -24.80 53.29 20.92
C ARG I 23 -25.03 52.59 19.61
N ILE I 24 -25.32 53.34 18.57
CA ILE I 24 -25.65 52.80 17.26
C ILE I 24 -24.47 52.01 16.72
N LEU I 25 -23.26 52.55 16.89
CA LEU I 25 -22.09 51.86 16.37
C LEU I 25 -21.76 50.63 17.20
N LEU I 26 -22.03 50.67 18.51
CA LEU I 26 -21.81 49.48 19.31
C LEU I 26 -22.73 48.34 18.84
N THR I 27 -24.00 48.66 18.60
CA THR I 27 -24.94 47.64 18.12
C THR I 27 -24.51 47.10 16.76
N VAL I 28 -24.00 47.98 15.89
CA VAL I 28 -23.60 47.54 14.56
C VAL I 28 -22.37 46.65 14.65
N VAL I 29 -21.42 47.00 15.52
CA VAL I 29 -20.21 46.20 15.66
C VAL I 29 -20.57 44.83 16.20
N VAL I 30 -21.46 44.77 17.19
CA VAL I 30 -21.86 43.48 17.77
C VAL I 30 -22.48 42.59 16.70
N ILE I 31 -23.42 43.14 15.91
CA ILE I 31 -24.07 42.31 14.91
C ILE I 31 -23.08 41.86 13.84
N PHE I 32 -22.18 42.75 13.43
CA PHE I 32 -21.16 42.41 12.44
C PHE I 32 -20.29 41.26 12.92
N ARG I 33 -19.83 41.35 14.17
CA ARG I 33 -19.00 40.29 14.74
C ARG I 33 -19.73 38.95 14.76
N ILE I 34 -20.98 38.96 15.22
CA ILE I 34 -21.75 37.71 15.25
C ILE I 34 -21.86 37.12 13.85
N LEU I 35 -22.17 37.95 12.84
CA LEU I 35 -22.34 37.43 11.49
C LEU I 35 -21.05 36.83 10.95
N ILE I 36 -19.93 37.52 11.14
CA ILE I 36 -18.65 37.02 10.65
C ILE I 36 -18.32 35.70 11.31
N VAL I 37 -18.55 35.58 12.62
CA VAL I 37 -18.19 34.34 13.29
C VAL I 37 -19.10 33.22 12.83
N ALA I 38 -20.39 33.49 12.70
CA ALA I 38 -21.36 32.44 12.42
C ALA I 38 -21.27 31.91 11.00
N ILE I 39 -20.96 32.74 10.02
CA ILE I 39 -21.11 32.30 8.62
C ILE I 39 -19.85 31.63 8.08
N VAL I 40 -18.65 32.13 8.36
CA VAL I 40 -17.46 31.63 7.70
C VAL I 40 -16.50 30.88 8.64
N GLY I 41 -16.41 31.25 9.92
CA GLY I 41 -15.38 30.67 10.76
C GLY I 41 -15.48 29.17 10.97
N GLU I 42 -16.67 28.58 10.90
CA GLU I 42 -16.79 27.14 11.06
C GLU I 42 -16.12 26.31 9.97
N THR I 43 -15.62 26.91 8.88
CA THR I 43 -15.18 26.12 7.73
C THR I 43 -13.72 26.34 7.36
N VAL I 44 -13.05 27.31 7.95
CA VAL I 44 -11.59 27.40 7.88
C VAL I 44 -10.93 26.33 8.73
N TYR I 45 -11.47 26.08 9.92
CA TYR I 45 -10.94 25.14 10.90
C TYR I 45 -11.43 23.70 10.74
N ASP I 46 -12.31 23.43 9.78
CA ASP I 46 -12.89 22.08 9.65
C ASP I 46 -11.84 20.99 9.50
N ASP I 47 -10.80 21.22 8.68
CA ASP I 47 -9.76 20.22 8.44
C ASP I 47 -8.52 20.38 9.33
N GLU I 48 -8.68 20.88 10.56
CA GLU I 48 -7.50 21.26 11.35
C GLU I 48 -6.62 20.06 11.68
N GLN I 49 -7.21 18.95 12.09
CA GLN I 49 -6.45 17.77 12.50
C GLN I 49 -6.22 16.77 11.38
N THR I 50 -7.12 16.71 10.39
CA THR I 50 -6.96 15.77 9.29
C THR I 50 -5.80 16.16 8.38
N MET I 51 -5.47 17.44 8.28
CA MET I 51 -4.32 17.91 7.51
C MET I 51 -3.12 18.31 8.36
N PHE I 52 -3.10 17.96 9.64
CA PHE I 52 -1.92 18.13 10.48
C PHE I 52 -1.07 16.86 10.35
N VAL I 53 0.22 17.03 10.04
CA VAL I 53 1.10 15.90 9.77
C VAL I 53 2.48 16.13 10.35
N CYS I 54 3.10 15.06 10.85
CA CYS I 54 4.43 15.05 11.44
C CYS I 54 5.31 14.04 10.73
N ASN I 55 6.62 14.31 10.72
CA ASN I 55 7.62 13.44 10.09
C ASN I 55 8.06 12.39 11.10
N THR I 56 7.44 11.23 11.05
CA THR I 56 7.62 10.19 12.05
C THR I 56 6.92 8.91 11.59
N LEU I 57 7.31 7.79 12.21
CA LEU I 57 6.67 6.50 12.01
C LEU I 57 6.06 5.93 13.27
N GLN I 58 5.97 6.72 14.34
CA GLN I 58 5.50 6.27 15.65
C GLN I 58 4.00 6.46 15.77
N PRO I 59 3.22 5.41 16.09
CA PRO I 59 1.78 5.60 16.30
C PRO I 59 1.48 6.41 17.55
N GLY I 60 0.55 7.36 17.42
CA GLY I 60 0.12 8.25 18.48
C GLY I 60 0.84 9.58 18.59
N CYS I 61 1.88 9.78 17.78
CA CYS I 61 2.65 11.01 17.90
C CYS I 61 1.87 12.18 17.32
N ASN I 62 1.15 11.95 16.22
CA ASN I 62 0.35 13.02 15.64
C ASN I 62 -0.70 13.50 16.63
N GLN I 63 -1.37 12.56 17.32
CA GLN I 63 -2.35 12.93 18.33
C GLN I 63 -1.74 13.75 19.45
N ALA I 64 -0.63 13.27 20.03
CA ALA I 64 -0.02 14.00 21.13
C ALA I 64 0.47 15.39 20.72
N CYS I 65 1.07 15.51 19.54
CA CYS I 65 1.61 16.79 19.13
C CYS I 65 0.52 17.78 18.73
N TYR I 66 -0.54 17.31 18.06
CA TYR I 66 -1.66 18.21 17.80
C TYR I 66 -2.29 18.69 19.09
N ASP I 67 -2.47 17.80 20.07
CA ASP I 67 -3.08 18.21 21.33
C ASP I 67 -2.22 19.24 22.07
N ARG I 68 -0.90 19.07 22.02
CA ARG I 68 -0.03 20.06 22.68
C ARG I 68 0.05 21.38 21.92
N ALA I 69 -0.02 21.36 20.60
CA ALA I 69 0.04 22.61 19.85
C ALA I 69 -1.25 23.41 19.91
N PHE I 70 -2.41 22.76 19.90
CA PHE I 70 -3.70 23.45 19.87
C PHE I 70 -4.64 22.92 20.96
N PRO I 71 -4.48 23.38 22.20
CA PRO I 71 -5.31 22.88 23.31
C PRO I 71 -6.79 23.23 23.22
N ILE I 72 -7.12 24.49 22.98
CA ILE I 72 -8.49 24.93 22.69
C ILE I 72 -8.50 25.72 21.38
N SER I 73 -9.35 25.30 20.45
CA SER I 73 -9.46 25.95 19.16
C SER I 73 -10.04 27.36 19.24
N HIS I 74 -9.58 28.20 18.31
CA HIS I 74 -9.98 29.61 18.28
C HIS I 74 -11.49 29.74 18.20
N ILE I 75 -12.12 28.93 17.34
CA ILE I 75 -13.54 29.10 17.07
C ILE I 75 -14.36 28.76 18.31
N ARG I 76 -13.93 27.76 19.07
CA ARG I 76 -14.58 27.45 20.33
C ARG I 76 -14.46 28.61 21.31
N TYR I 77 -13.26 29.17 21.44
CA TYR I 77 -13.07 30.31 22.34
C TYR I 77 -13.96 31.50 21.93
N TRP I 78 -14.04 31.78 20.63
CA TRP I 78 -14.83 32.93 20.17
C TRP I 78 -16.33 32.72 20.37
N VAL I 79 -16.84 31.51 20.10
CA VAL I 79 -18.24 31.24 20.37
C VAL I 79 -18.56 31.44 21.85
N PHE I 80 -17.71 30.89 22.71
CA PHE I 80 -17.94 31.04 24.15
C PHE I 80 -17.97 32.51 24.55
N GLN I 81 -16.98 33.28 24.09
CA GLN I 81 -16.94 34.71 24.43
C GLN I 81 -18.20 35.44 23.94
N ILE I 82 -18.60 35.19 22.69
CA ILE I 82 -19.79 35.84 22.14
C ILE I 82 -21.02 35.53 22.99
N ILE I 83 -21.20 34.28 23.38
CA ILE I 83 -22.36 33.93 24.17
C ILE I 83 -22.30 34.58 25.55
N MET I 84 -21.12 34.58 26.18
CA MET I 84 -21.00 35.10 27.54
C MET I 84 -21.16 36.62 27.62
N VAL I 85 -20.81 37.35 26.57
CA VAL I 85 -20.97 38.81 26.62
C VAL I 85 -22.39 39.28 26.39
N CYS I 86 -23.36 38.37 26.20
CA CYS I 86 -24.75 38.74 25.99
C CYS I 86 -25.66 38.37 27.17
N THR I 87 -25.10 37.93 28.29
CA THR I 87 -25.89 37.45 29.42
C THR I 87 -26.55 38.59 30.22
N PRO I 88 -25.84 39.70 30.47
CA PRO I 88 -26.49 40.80 31.20
C PRO I 88 -27.74 41.33 30.51
N SER I 89 -27.73 41.41 29.18
CA SER I 89 -28.92 41.83 28.46
C SER I 89 -30.07 40.87 28.69
N LEU I 90 -29.81 39.56 28.64
CA LEU I 90 -30.87 38.60 28.89
C LEU I 90 -31.43 38.74 30.29
N CYS I 91 -30.56 38.97 31.27
CA CYS I 91 -31.04 39.16 32.64
C CYS I 91 -31.93 40.39 32.73
N PHE I 92 -31.49 41.50 32.15
CA PHE I 92 -32.29 42.72 32.18
C PHE I 92 -33.64 42.53 31.50
N ILE I 93 -33.65 41.81 30.37
CA ILE I 93 -34.90 41.58 29.66
C ILE I 93 -35.86 40.76 30.50
N THR I 94 -35.34 39.69 31.11
CA THR I 94 -36.20 38.84 31.94
C THR I 94 -36.75 39.62 33.13
N TYR I 95 -35.92 40.46 33.75
CA TYR I 95 -36.39 41.30 34.84
C TYR I 95 -37.51 42.22 34.37
N SER I 96 -37.29 42.95 33.28
CA SER I 96 -38.31 43.90 32.84
C SER I 96 -39.59 43.19 32.44
N VAL I 97 -39.49 41.99 31.84
CA VAL I 97 -40.69 41.24 31.51
C VAL I 97 -41.45 40.88 32.77
N HIS I 98 -40.75 40.49 33.83
CA HIS I 98 -41.50 40.23 35.05
C HIS I 98 -42.09 41.54 35.58
N GLN I 99 -41.36 42.64 35.42
CA GLN I 99 -41.83 43.93 35.88
C GLN I 99 -43.12 44.32 35.19
N ILE I 194 -34.82 50.32 38.03
CA ILE I 194 -34.32 49.84 36.74
C ILE I 194 -32.96 50.45 36.44
N SER I 195 -32.76 51.72 36.81
CA SER I 195 -31.52 52.40 36.45
C SER I 195 -30.33 51.79 37.18
N ARG I 196 -30.51 51.36 38.42
CA ARG I 196 -29.43 50.67 39.12
C ARG I 196 -29.05 49.40 38.38
N PHE I 197 -30.04 48.64 37.90
CA PHE I 197 -29.74 47.45 37.10
C PHE I 197 -28.97 47.82 35.84
N TYR I 198 -29.36 48.94 35.20
CA TYR I 198 -28.63 49.39 34.01
C TYR I 198 -27.17 49.64 34.33
N ILE I 199 -26.91 50.36 35.44
CA ILE I 199 -25.54 50.65 35.84
C ILE I 199 -24.77 49.36 36.05
N ILE I 200 -25.35 48.44 36.81
CA ILE I 200 -24.63 47.23 37.17
C ILE I 200 -24.33 46.41 35.93
N GLN I 201 -25.30 46.28 35.02
CA GLN I 201 -25.06 45.47 33.83
C GLN I 201 -24.01 46.10 32.92
N VAL I 202 -23.97 47.44 32.86
CA VAL I 202 -22.92 48.10 32.08
C VAL I 202 -21.55 47.78 32.67
N VAL I 203 -21.44 47.87 34.00
CA VAL I 203 -20.18 47.57 34.67
C VAL I 203 -19.74 46.14 34.36
N PHE I 204 -20.68 45.20 34.46
CA PHE I 204 -20.35 43.79 34.25
C PHE I 204 -19.91 43.55 32.81
N ARG I 205 -20.61 44.15 31.85
CA ARG I 205 -20.21 43.97 30.45
C ARG I 205 -18.80 44.49 30.21
N ASN I 206 -18.49 45.69 30.74
CA ASN I 206 -17.15 46.23 30.62
C ASN I 206 -16.11 45.24 31.14
N ALA I 207 -16.33 44.76 32.37
CA ALA I 207 -15.36 43.86 32.98
C ALA I 207 -15.18 42.60 32.14
N LEU I 208 -16.29 42.01 31.68
CA LEU I 208 -16.21 40.77 30.94
C LEU I 208 -15.44 40.95 29.63
N GLU I 209 -15.65 42.08 28.95
CA GLU I 209 -14.99 42.24 27.66
C GLU I 209 -13.51 42.51 27.82
N ILE I 210 -13.12 43.22 28.89
CA ILE I 210 -11.69 43.43 29.12
C ILE I 210 -11.02 42.12 29.48
N GLY I 211 -11.68 41.32 30.34
CA GLY I 211 -11.12 40.03 30.69
C GLY I 211 -10.92 39.13 29.48
N PHE I 212 -11.91 39.10 28.58
CA PHE I 212 -11.80 38.22 27.42
C PHE I 212 -10.70 38.67 26.47
N LEU I 213 -10.56 39.99 26.26
CA LEU I 213 -9.48 40.47 25.39
C LEU I 213 -8.10 40.12 25.97
N VAL I 214 -7.92 40.34 27.28
CA VAL I 214 -6.64 40.00 27.91
C VAL I 214 -6.37 38.50 27.77
N GLY I 215 -7.38 37.67 28.02
CA GLY I 215 -7.19 36.24 27.89
C GLY I 215 -6.84 35.82 26.49
N GLN I 216 -7.46 36.43 25.48
CA GLN I 216 -7.10 36.14 24.10
C GLN I 216 -5.63 36.43 23.85
N TYR I 217 -5.16 37.61 24.26
CA TYR I 217 -3.75 37.93 24.06
C TYR I 217 -2.83 36.92 24.74
N PHE I 218 -3.19 36.50 25.97
CA PHE I 218 -2.32 35.59 26.70
C PHE I 218 -2.38 34.17 26.18
N LEU I 219 -3.49 33.76 25.57
CA LEU I 219 -3.58 32.40 25.07
C LEU I 219 -2.93 32.27 23.70
N TYR I 220 -3.12 33.25 22.81
CA TYR I 220 -2.76 33.04 21.41
C TYR I 220 -1.72 34.01 20.87
N GLY I 221 -1.59 35.22 21.40
CA GLY I 221 -0.68 36.17 20.78
C GLY I 221 -1.19 36.79 19.49
N PHE I 222 -0.28 37.01 18.52
CA PHE I 222 -0.61 37.72 17.29
C PHE I 222 -0.27 36.96 16.00
N SER I 223 0.14 35.70 16.07
CA SER I 223 0.49 34.98 14.85
C SER I 223 0.37 33.49 15.04
N VAL I 224 0.22 32.78 13.92
CA VAL I 224 0.22 31.32 13.88
C VAL I 224 1.38 30.87 13.00
N PRO I 225 2.44 30.27 13.56
CA PRO I 225 3.56 29.83 12.72
C PRO I 225 3.27 28.55 11.96
N GLY I 226 4.03 28.37 10.87
CA GLY I 226 3.91 27.20 10.02
C GLY I 226 4.58 25.93 10.51
N LEU I 227 5.60 26.04 11.35
CA LEU I 227 6.28 24.88 11.93
C LEU I 227 6.06 24.81 13.43
N TYR I 228 6.07 23.59 13.96
CA TYR I 228 5.98 23.36 15.40
C TYR I 228 6.94 22.23 15.81
N GLU I 229 7.63 22.42 16.93
CA GLU I 229 8.61 21.48 17.46
C GLU I 229 8.02 20.79 18.69
N CYS I 230 7.98 19.46 18.67
CA CYS I 230 7.24 18.67 19.65
C CYS I 230 8.17 17.67 20.32
N ASN I 231 8.01 17.51 21.63
CA ASN I 231 8.80 16.56 22.42
C ASN I 231 7.94 15.83 23.45
N ARG I 232 6.75 15.36 23.07
CA ARG I 232 5.85 14.66 23.99
C ARG I 232 5.80 13.17 23.69
N TYR I 233 5.76 12.37 24.76
CA TYR I 233 5.58 10.94 24.65
C TYR I 233 4.29 10.62 23.89
N PRO I 234 4.28 9.64 22.97
CA PRO I 234 5.32 8.65 22.64
C PRO I 234 6.33 9.07 21.58
N CYS I 235 6.41 10.34 21.21
CA CYS I 235 7.41 10.78 20.24
C CYS I 235 8.81 10.63 20.82
N ILE I 236 9.73 10.07 20.03
CA ILE I 236 11.13 9.96 20.38
C ILE I 236 11.83 11.29 20.16
N LYS I 237 12.52 11.77 21.19
CA LYS I 237 13.17 13.08 21.21
C LYS I 237 12.28 14.17 20.60
N GLU I 238 12.84 15.08 19.80
CA GLU I 238 12.06 16.15 19.20
C GLU I 238 11.78 15.91 17.71
N VAL I 239 10.53 16.19 17.31
CA VAL I 239 10.04 15.99 15.95
C VAL I 239 9.50 17.31 15.41
N GLU I 240 9.41 17.39 14.07
CA GLU I 240 8.90 18.57 13.38
C GLU I 240 7.56 18.25 12.72
N CYS I 241 6.58 19.15 12.92
CA CYS I 241 5.22 19.01 12.40
C CYS I 241 4.83 20.26 11.62
N TYR I 242 3.80 20.12 10.78
CA TYR I 242 3.42 21.13 9.79
C TYR I 242 1.94 21.46 9.88
N VAL I 243 1.62 22.77 9.87
CA VAL I 243 0.29 23.31 10.14
C VAL I 243 -0.45 23.62 8.83
N SER I 244 -1.78 23.59 8.91
CA SER I 244 -2.67 23.95 7.81
C SER I 244 -3.17 25.39 7.91
N ARG I 245 -3.15 26.09 6.76
CA ARG I 245 -3.69 27.44 6.60
C ARG I 245 -3.21 28.48 7.63
N PRO I 246 -1.90 28.65 7.80
CA PRO I 246 -1.42 29.59 8.83
C PRO I 246 -1.71 31.04 8.50
N THR I 247 -1.61 31.43 7.22
CA THR I 247 -1.81 32.83 6.86
C THR I 247 -3.26 33.27 7.08
N GLU I 248 -4.20 32.45 6.62
CA GLU I 248 -5.62 32.75 6.85
C GLU I 248 -5.95 32.80 8.34
N LYS I 249 -5.37 31.87 9.11
CA LYS I 249 -5.65 31.89 10.55
C LYS I 249 -5.07 33.13 11.23
N THR I 250 -3.88 33.57 10.80
CA THR I 250 -3.32 34.82 11.31
C THR I 250 -4.19 36.04 10.97
N VAL I 251 -4.70 36.09 9.74
CA VAL I 251 -5.57 37.20 9.35
C VAL I 251 -6.82 37.23 10.24
N PHE I 252 -7.43 36.07 10.45
CA PHE I 252 -8.60 35.98 11.33
C PHE I 252 -8.30 36.45 12.75
N LEU I 253 -7.18 35.99 13.31
CA LEU I 253 -6.75 36.46 14.63
C LEU I 253 -6.69 37.98 14.71
N VAL I 254 -6.00 38.62 13.76
CA VAL I 254 -5.81 40.06 13.82
C VAL I 254 -7.14 40.79 13.70
N PHE I 255 -7.99 40.34 12.78
CA PHE I 255 -9.31 40.97 12.62
C PHE I 255 -10.13 40.91 13.91
N MET I 256 -10.17 39.74 14.55
CA MET I 256 -10.95 39.62 15.78
C MET I 256 -10.39 40.51 16.90
N PHE I 257 -9.07 40.57 17.02
CA PHE I 257 -8.50 41.47 18.03
C PHE I 257 -8.91 42.91 17.79
N ALA I 258 -8.88 43.35 16.52
CA ALA I 258 -9.26 44.73 16.21
C ALA I 258 -10.71 45.02 16.60
N VAL I 259 -11.63 44.12 16.23
CA VAL I 259 -13.03 44.33 16.55
C VAL I 259 -13.24 44.41 18.07
N SER I 260 -12.64 43.49 18.81
CA SER I 260 -12.82 43.51 20.26
C SER I 260 -12.25 44.78 20.88
N GLY I 261 -11.13 45.28 20.34
CA GLY I 261 -10.62 46.56 20.81
C GLY I 261 -11.60 47.70 20.61
N ILE I 262 -12.22 47.76 19.42
CA ILE I 262 -13.24 48.78 19.18
C ILE I 262 -14.34 48.71 20.23
N CYS I 263 -14.84 47.50 20.49
CA CYS I 263 -15.93 47.35 21.45
C CYS I 263 -15.51 47.81 22.85
N VAL I 264 -14.30 47.47 23.26
CA VAL I 264 -13.80 47.91 24.57
C VAL I 264 -13.80 49.42 24.65
N VAL I 265 -13.27 50.07 23.60
CA VAL I 265 -13.19 51.54 23.61
C VAL I 265 -14.59 52.13 23.77
N LEU I 266 -15.55 51.64 22.99
CA LEU I 266 -16.89 52.22 23.05
C LEU I 266 -17.53 52.06 24.42
N ASN I 267 -17.41 50.87 25.01
CA ASN I 267 -18.03 50.67 26.32
C ASN I 267 -17.38 51.54 27.38
N LEU I 268 -16.05 51.70 27.34
CA LEU I 268 -15.44 52.64 28.28
C LEU I 268 -15.93 54.05 28.04
N ALA I 269 -16.12 54.42 26.78
CA ALA I 269 -16.66 55.74 26.46
C ALA I 269 -17.96 55.97 27.22
N GLU I 270 -18.90 55.04 27.09
CA GLU I 270 -20.21 55.25 27.70
C GLU I 270 -20.13 55.21 29.22
N LEU I 271 -19.33 54.29 29.77
CA LEU I 271 -19.14 54.25 31.22
C LEU I 271 -18.67 55.59 31.75
N ASN I 272 -17.69 56.21 31.09
CA ASN I 272 -17.20 57.49 31.56
C ASN I 272 -18.17 58.62 31.25
N HIS I 273 -19.01 58.46 30.24
CA HIS I 273 -20.01 59.47 29.95
C HIS I 273 -21.02 59.58 31.08
N LEU I 274 -21.49 58.43 31.58
CA LEU I 274 -22.43 58.49 32.70
C LEU I 274 -21.71 58.80 34.01
N GLY I 275 -20.63 58.08 34.32
CA GLY I 275 -19.81 58.43 35.46
C GLY I 275 -20.27 57.81 36.76
N THR J 19 -33.27 59.04 -13.18
CA THR J 19 -32.72 58.67 -11.87
C THR J 19 -33.63 57.74 -11.11
N MET J 20 -34.74 57.40 -11.70
CA MET J 20 -35.75 56.55 -11.07
C MET J 20 -35.39 55.08 -11.20
N ILE J 21 -35.09 54.65 -12.42
CA ILE J 21 -34.79 53.23 -12.65
C ILE J 21 -33.47 52.82 -12.01
N GLY J 22 -32.55 53.77 -11.82
CA GLY J 22 -31.24 53.42 -11.28
C GLY J 22 -31.31 52.76 -9.92
N ARG J 23 -32.24 53.25 -9.11
CA ARG J 23 -32.42 52.69 -7.79
C ARG J 23 -32.88 51.26 -7.90
N ILE J 24 -33.86 51.01 -8.73
CA ILE J 24 -34.47 49.70 -8.90
C ILE J 24 -33.43 48.71 -9.37
N LEU J 25 -32.60 49.13 -10.33
CA LEU J 25 -31.60 48.20 -10.85
C LEU J 25 -30.49 47.98 -9.85
N LEU J 26 -30.16 48.98 -9.03
CA LEU J 26 -29.16 48.76 -7.98
C LEU J 26 -29.64 47.72 -7.00
N THR J 27 -30.91 47.82 -6.57
CA THR J 27 -31.46 46.83 -5.65
C THR J 27 -31.47 45.45 -6.26
N VAL J 28 -31.79 45.35 -7.56
CA VAL J 28 -31.86 44.05 -8.20
C VAL J 28 -30.48 43.45 -8.33
N VAL J 29 -29.48 44.27 -8.65
CA VAL J 29 -28.11 43.78 -8.78
C VAL J 29 -27.61 43.27 -7.44
N VAL J 30 -27.89 44.02 -6.36
CA VAL J 30 -27.45 43.60 -5.04
C VAL J 30 -28.05 42.25 -4.67
N ILE J 31 -29.36 42.10 -4.87
CA ILE J 31 -29.99 40.83 -4.49
C ILE J 31 -29.46 39.68 -5.35
N PHE J 32 -29.27 39.93 -6.65
CA PHE J 32 -28.74 38.91 -7.54
C PHE J 32 -27.36 38.44 -7.08
N ARG J 33 -26.49 39.39 -6.75
CA ARG J 33 -25.15 39.06 -6.29
C ARG J 33 -25.20 38.22 -5.02
N ILE J 34 -26.02 38.64 -4.05
CA ILE J 34 -26.12 37.87 -2.81
C ILE J 34 -26.58 36.44 -3.11
N LEU J 35 -27.59 36.27 -3.96
CA LEU J 35 -28.09 34.93 -4.24
C LEU J 35 -27.04 34.05 -4.90
N ILE J 36 -26.33 34.60 -5.89
CA ILE J 36 -25.31 33.82 -6.58
C ILE J 36 -24.22 33.39 -5.61
N VAL J 37 -23.80 34.29 -4.72
CA VAL J 37 -22.72 33.94 -3.81
C VAL J 37 -23.20 32.90 -2.81
N ALA J 38 -24.42 33.07 -2.30
CA ALA J 38 -24.90 32.21 -1.22
C ALA J 38 -25.23 30.80 -1.68
N ILE J 39 -25.73 30.62 -2.90
CA ILE J 39 -26.26 29.30 -3.25
C ILE J 39 -25.21 28.37 -3.86
N VAL J 40 -24.33 28.85 -4.73
CA VAL J 40 -23.43 27.95 -5.45
C VAL J 40 -21.96 28.09 -5.06
N GLY J 41 -21.49 29.28 -4.68
CA GLY J 41 -20.06 29.45 -4.47
C GLY J 41 -19.44 28.60 -3.38
N GLU J 42 -20.21 28.23 -2.36
CA GLU J 42 -19.66 27.38 -1.31
C GLU J 42 -19.25 25.98 -1.74
N THR J 43 -19.55 25.55 -2.97
CA THR J 43 -19.37 24.15 -3.33
C THR J 43 -18.44 23.93 -4.52
N VAL J 44 -18.03 24.99 -5.21
CA VAL J 44 -16.92 24.90 -6.16
C VAL J 44 -15.58 24.77 -5.43
N TYR J 45 -15.42 25.52 -4.34
CA TYR J 45 -14.19 25.58 -3.55
C TYR J 45 -14.07 24.52 -2.46
N ASP J 46 -15.08 23.68 -2.27
CA ASP J 46 -15.07 22.73 -1.16
C ASP J 46 -13.84 21.81 -1.18
N ASP J 47 -13.45 21.30 -2.34
CA ASP J 47 -12.31 20.39 -2.46
C ASP J 47 -11.00 21.09 -2.82
N GLU J 48 -10.80 22.34 -2.40
CA GLU J 48 -9.66 23.11 -2.91
C GLU J 48 -8.32 22.50 -2.52
N GLN J 49 -8.17 22.08 -1.26
CA GLN J 49 -6.90 21.55 -0.77
C GLN J 49 -6.79 20.04 -0.85
N THR J 50 -7.92 19.33 -0.80
CA THR J 50 -7.89 17.87 -0.88
C THR J 50 -7.49 17.38 -2.27
N MET J 51 -7.79 18.16 -3.32
CA MET J 51 -7.38 17.83 -4.68
C MET J 51 -6.20 18.66 -5.19
N PHE J 52 -5.50 19.37 -4.32
CA PHE J 52 -4.25 20.03 -4.67
C PHE J 52 -3.11 19.04 -4.46
N VAL J 53 -2.27 18.85 -5.47
CA VAL J 53 -1.21 17.84 -5.42
C VAL J 53 0.06 18.35 -6.08
N CYS J 54 1.20 17.97 -5.50
CA CYS J 54 2.53 18.32 -5.98
C CYS J 54 3.35 17.06 -6.24
N ASN J 55 4.29 17.15 -7.17
CA ASN J 55 5.18 16.06 -7.55
C ASN J 55 6.40 16.07 -6.63
N THR J 56 6.34 15.28 -5.56
CA THR J 56 7.33 15.32 -4.49
C THR J 56 7.09 14.16 -3.54
N LEU J 57 8.12 13.85 -2.75
CA LEU J 57 8.02 12.86 -1.68
C LEU J 57 8.30 13.46 -0.29
N GLN J 58 8.38 14.78 -0.19
CA GLN J 58 8.75 15.46 1.05
C GLN J 58 7.50 15.78 1.88
N PRO J 59 7.44 15.36 3.14
CA PRO J 59 6.28 15.72 3.98
C PRO J 59 6.24 17.21 4.31
N GLY J 60 5.05 17.80 4.18
CA GLY J 60 4.80 19.21 4.44
C GLY J 60 4.90 20.13 3.24
N CYS J 61 5.31 19.61 2.08
CA CYS J 61 5.49 20.48 0.93
C CYS J 61 4.14 20.88 0.36
N ASN J 62 3.18 19.95 0.35
CA ASN J 62 1.85 20.30 -0.14
C ASN J 62 1.24 21.41 0.68
N GLN J 63 1.36 21.34 2.01
CA GLN J 63 0.85 22.39 2.89
C GLN J 63 1.51 23.73 2.60
N ALA J 64 2.84 23.76 2.55
CA ALA J 64 3.52 25.04 2.31
C ALA J 64 3.17 25.63 0.95
N CYS J 65 3.11 24.81 -0.09
CA CYS J 65 2.85 25.33 -1.43
C CYS J 65 1.41 25.76 -1.61
N TYR J 66 0.44 25.01 -1.04
CA TYR J 66 -0.93 25.48 -1.08
C TYR J 66 -1.08 26.81 -0.35
N ASP J 67 -0.45 26.94 0.82
CA ASP J 67 -0.57 28.18 1.57
C ASP J 67 0.02 29.37 0.81
N ARG J 68 1.14 29.15 0.12
CA ARG J 68 1.73 30.24 -0.66
C ARG J 68 0.95 30.57 -1.91
N ALA J 69 0.33 29.57 -2.56
CA ALA J 69 -0.44 29.85 -3.76
C ALA J 69 -1.79 30.52 -3.47
N PHE J 70 -2.47 30.14 -2.38
CA PHE J 70 -3.81 30.66 -2.08
C PHE J 70 -3.89 31.16 -0.64
N PRO J 71 -3.40 32.37 -0.37
CA PRO J 71 -3.40 32.90 1.00
C PRO J 71 -4.78 33.17 1.61
N ILE J 72 -5.66 33.86 0.88
CA ILE J 72 -7.06 34.02 1.26
C ILE J 72 -7.94 33.58 0.10
N SER J 73 -8.86 32.66 0.38
CA SER J 73 -9.77 32.15 -0.64
C SER J 73 -10.77 33.19 -1.13
N HIS J 74 -11.15 33.04 -2.42
CA HIS J 74 -12.04 33.98 -3.06
C HIS J 74 -13.34 34.10 -2.31
N ILE J 75 -13.90 32.95 -1.89
CA ILE J 75 -15.25 32.95 -1.30
C ILE J 75 -15.24 33.69 0.03
N ARG J 76 -14.15 33.56 0.80
CA ARG J 76 -14.01 34.32 2.03
C ARG J 76 -13.96 35.81 1.75
N TYR J 77 -13.15 36.22 0.77
CA TYR J 77 -13.09 37.63 0.41
C TYR J 77 -14.44 38.18 -0.02
N TRP J 78 -15.19 37.41 -0.82
CA TRP J 78 -16.48 37.88 -1.32
C TRP J 78 -17.52 37.98 -0.21
N VAL J 79 -17.57 37.00 0.70
CA VAL J 79 -18.49 37.10 1.82
C VAL J 79 -18.18 38.35 2.66
N PHE J 80 -16.90 38.56 2.95
CA PHE J 80 -16.54 39.74 3.74
C PHE J 80 -16.98 41.03 3.06
N GLN J 81 -16.69 41.15 1.76
CA GLN J 81 -17.09 42.35 1.01
C GLN J 81 -18.60 42.55 1.04
N ILE J 82 -19.37 41.49 0.79
CA ILE J 82 -20.82 41.59 0.79
C ILE J 82 -21.33 42.08 2.13
N ILE J 83 -20.80 41.53 3.23
CA ILE J 83 -21.27 41.96 4.54
C ILE J 83 -20.89 43.41 4.81
N MET J 84 -19.66 43.81 4.44
CA MET J 84 -19.20 45.15 4.77
C MET J 84 -19.89 46.24 3.95
N VAL J 85 -20.36 45.94 2.74
CA VAL J 85 -21.05 46.96 1.95
C VAL J 85 -22.49 47.19 2.37
N CYS J 86 -22.99 46.50 3.40
CA CYS J 86 -24.36 46.67 3.89
C CYS J 86 -24.44 47.35 5.25
N THR J 87 -23.33 47.86 5.79
CA THR J 87 -23.29 48.41 7.14
C THR J 87 -23.93 49.79 7.22
N PRO J 88 -23.70 50.69 6.25
CA PRO J 88 -24.36 52.01 6.32
C PRO J 88 -25.87 51.93 6.36
N SER J 89 -26.46 51.00 5.61
CA SER J 89 -27.91 50.82 5.67
C SER J 89 -28.36 50.41 7.08
N LEU J 90 -27.64 49.47 7.70
CA LEU J 90 -28.01 49.07 9.06
C LEU J 90 -27.91 50.23 10.02
N CYS J 91 -26.89 51.06 9.88
CA CYS J 91 -26.76 52.24 10.75
C CYS J 91 -27.94 53.18 10.56
N PHE J 92 -28.27 53.47 9.29
CA PHE J 92 -29.40 54.36 9.01
C PHE J 92 -30.70 53.81 9.58
N ILE J 93 -30.91 52.49 9.45
CA ILE J 93 -32.14 51.89 9.94
C ILE J 93 -32.21 52.01 11.46
N THR J 94 -31.11 51.71 12.15
CA THR J 94 -31.11 51.81 13.61
C THR J 94 -31.35 53.24 14.07
N TYR J 95 -30.75 54.21 13.37
CA TYR J 95 -31.01 55.61 13.70
C TYR J 95 -32.48 55.95 13.53
N SER J 96 -33.06 55.61 12.38
CA SER J 96 -34.46 55.98 12.15
C SER J 96 -35.39 55.28 13.15
N VAL J 97 -35.07 54.04 13.51
CA VAL J 97 -35.88 53.35 14.51
C VAL J 97 -35.81 54.09 15.84
N HIS J 98 -34.63 54.58 16.22
CA HIS J 98 -34.62 55.35 17.46
C HIS J 98 -35.40 56.64 17.27
N GLN J 99 -35.31 57.23 16.06
CA GLN J 99 -36.01 58.47 15.76
C GLN J 99 -37.51 58.29 15.93
N ILE J 194 -31.99 63.93 8.81
CA ILE J 194 -31.94 62.63 8.15
C ILE J 194 -31.22 62.73 6.81
N SER J 195 -31.41 63.84 6.10
CA SER J 195 -30.83 63.97 4.77
C SER J 195 -29.31 64.03 4.82
N ARG J 196 -28.76 64.66 5.85
CA ARG J 196 -27.30 64.65 6.00
C ARG J 196 -26.79 63.22 6.19
N PHE J 197 -27.50 62.42 6.97
CA PHE J 197 -27.13 61.03 7.14
C PHE J 197 -27.20 60.28 5.81
N TYR J 198 -28.23 60.59 5.01
CA TYR J 198 -28.34 59.97 3.68
C TYR J 198 -27.11 60.29 2.84
N ILE J 199 -26.72 61.57 2.82
CA ILE J 199 -25.56 61.99 2.03
C ILE J 199 -24.32 61.22 2.49
N ILE J 200 -24.09 61.21 3.81
CA ILE J 200 -22.87 60.62 4.33
C ILE J 200 -22.84 59.12 4.02
N GLN J 201 -23.96 58.43 4.19
CA GLN J 201 -23.95 57.00 3.95
C GLN J 201 -23.74 56.70 2.47
N VAL J 202 -24.27 57.53 1.57
CA VAL J 202 -24.02 57.34 0.15
C VAL J 202 -22.53 57.49 -0.16
N VAL J 203 -21.91 58.52 0.42
CA VAL J 203 -20.48 58.74 0.22
C VAL J 203 -19.69 57.52 0.69
N PHE J 204 -20.03 57.02 1.88
CA PHE J 204 -19.29 55.91 2.45
C PHE J 204 -19.44 54.66 1.59
N ARG J 205 -20.66 54.38 1.13
CA ARG J 205 -20.87 53.21 0.28
C ARG J 205 -20.05 53.31 -1.00
N ASN J 206 -20.05 54.48 -1.64
CA ASN J 206 -19.22 54.67 -2.83
C ASN J 206 -17.77 54.34 -2.55
N ALA J 207 -17.22 54.93 -1.48
CA ALA J 207 -15.81 54.72 -1.16
C ALA J 207 -15.52 53.25 -0.93
N LEU J 208 -16.39 52.57 -0.16
CA LEU J 208 -16.14 51.19 0.19
C LEU J 208 -16.15 50.30 -1.05
N GLU J 209 -17.06 50.57 -1.99
CA GLU J 209 -17.14 49.68 -3.14
C GLU J 209 -15.98 49.90 -4.10
N ILE J 210 -15.50 51.15 -4.21
CA ILE J 210 -14.34 51.37 -5.06
C ILE J 210 -13.11 50.72 -4.44
N GLY J 211 -12.95 50.85 -3.11
CA GLY J 211 -11.83 50.21 -2.45
C GLY J 211 -11.83 48.71 -2.65
N PHE J 212 -13.00 48.07 -2.51
CA PHE J 212 -13.05 46.62 -2.63
C PHE J 212 -12.76 46.16 -4.05
N LEU J 213 -13.26 46.88 -5.05
CA LEU J 213 -12.94 46.49 -6.44
C LEU J 213 -11.45 46.61 -6.72
N VAL J 214 -10.83 47.71 -6.30
CA VAL J 214 -9.38 47.87 -6.49
C VAL J 214 -8.62 46.75 -5.79
N GLY J 215 -9.00 46.44 -4.55
CA GLY J 215 -8.33 45.37 -3.83
C GLY J 215 -8.47 44.03 -4.51
N GLN J 216 -9.66 43.73 -5.06
CA GLN J 216 -9.84 42.49 -5.80
C GLN J 216 -8.87 42.41 -6.98
N TYR J 217 -8.79 43.48 -7.77
CA TYR J 217 -7.87 43.47 -8.90
C TYR J 217 -6.43 43.24 -8.45
N PHE J 218 -6.02 43.89 -7.36
CA PHE J 218 -4.63 43.77 -6.91
C PHE J 218 -4.34 42.43 -6.26
N LEU J 219 -5.33 41.78 -5.66
CA LEU J 219 -5.08 40.50 -5.03
C LEU J 219 -5.08 39.35 -6.04
N TYR J 220 -6.01 39.37 -7.00
CA TYR J 220 -6.24 38.17 -7.80
C TYR J 220 -6.01 38.36 -9.31
N GLY J 221 -6.17 39.56 -9.85
CA GLY J 221 -6.09 39.68 -11.30
C GLY J 221 -7.30 39.18 -12.05
N PHE J 222 -7.07 38.57 -13.23
CA PHE J 222 -8.15 38.14 -14.11
C PHE J 222 -8.11 36.67 -14.51
N SER J 223 -7.24 35.84 -13.93
CA SER J 223 -7.20 34.45 -14.32
C SER J 223 -6.60 33.58 -13.22
N VAL J 224 -6.93 32.30 -13.27
CA VAL J 224 -6.36 31.28 -12.38
C VAL J 224 -5.62 30.26 -13.24
N PRO J 225 -4.29 30.20 -13.20
CA PRO J 225 -3.56 29.23 -14.02
C PRO J 225 -3.61 27.81 -13.44
N GLY J 226 -3.38 26.85 -14.34
CA GLY J 226 -3.38 25.44 -13.98
C GLY J 226 -2.12 24.92 -13.33
N LEU J 227 -0.98 25.55 -13.56
CA LEU J 227 0.29 25.16 -12.93
C LEU J 227 0.79 26.25 -11.98
N TYR J 228 1.51 25.81 -10.95
CA TYR J 228 2.15 26.72 -10.01
C TYR J 228 3.55 26.21 -9.66
N GLU J 229 4.51 27.12 -9.60
CA GLU J 229 5.91 26.84 -9.30
C GLU J 229 6.24 27.31 -7.89
N CYS J 230 6.74 26.41 -7.05
CA CYS J 230 6.88 26.64 -5.61
C CYS J 230 8.32 26.41 -5.19
N ASN J 231 8.82 27.28 -4.31
CA ASN J 231 10.17 27.18 -3.77
C ASN J 231 10.20 27.51 -2.28
N ARG J 232 9.27 26.99 -1.49
CA ARG J 232 9.23 27.24 -0.06
C ARG J 232 9.65 26.02 0.75
N TYR J 233 10.39 26.28 1.82
CA TYR J 233 10.78 25.24 2.77
C TYR J 233 9.54 24.55 3.33
N PRO J 234 9.53 23.22 3.46
CA PRO J 234 10.64 22.24 3.30
C PRO J 234 10.83 21.67 1.89
N CYS J 235 10.23 22.25 0.87
CA CYS J 235 10.44 21.78 -0.49
C CYS J 235 11.88 22.03 -0.92
N ILE J 236 12.50 21.01 -1.51
CA ILE J 236 13.83 21.11 -2.08
C ILE J 236 13.77 21.80 -3.44
N LYS J 237 14.58 22.85 -3.60
CA LYS J 237 14.59 23.70 -4.79
C LYS J 237 13.17 24.04 -5.26
N GLU J 238 12.92 24.01 -6.57
CA GLU J 238 11.60 24.34 -7.10
C GLU J 238 10.82 23.10 -7.56
N VAL J 239 9.53 23.06 -7.21
CA VAL J 239 8.64 21.94 -7.51
C VAL J 239 7.43 22.46 -8.29
N GLU J 240 6.76 21.54 -8.98
CA GLU J 240 5.57 21.84 -9.78
C GLU J 240 4.33 21.24 -9.14
N CYS J 241 3.27 22.03 -9.02
CA CYS J 241 2.00 21.63 -8.41
C CYS J 241 0.85 21.91 -9.37
N TYR J 242 -0.30 21.27 -9.11
CA TYR J 242 -1.43 21.23 -10.04
C TYR J 242 -2.73 21.61 -9.33
N VAL J 243 -3.51 22.49 -9.95
CA VAL J 243 -4.69 23.13 -9.38
C VAL J 243 -5.97 22.42 -9.82
N SER J 244 -7.01 22.53 -8.98
CA SER J 244 -8.35 22.02 -9.25
C SER J 244 -9.29 23.08 -9.82
N ARG J 245 -10.05 22.70 -10.85
CA ARG J 245 -11.08 23.53 -11.47
C ARG J 245 -10.68 24.96 -11.86
N PRO J 246 -9.61 25.11 -12.64
CA PRO J 246 -9.17 26.47 -12.97
C PRO J 246 -10.12 27.23 -13.88
N THR J 247 -10.75 26.54 -14.85
CA THR J 247 -11.62 27.22 -15.79
C THR J 247 -12.88 27.76 -15.10
N GLU J 248 -13.51 26.93 -14.27
CA GLU J 248 -14.68 27.38 -13.52
C GLU J 248 -14.32 28.53 -12.58
N LYS J 249 -13.16 28.46 -11.94
CA LYS J 249 -12.77 29.54 -11.03
C LYS J 249 -12.50 30.84 -11.79
N THR J 250 -11.91 30.75 -12.99
CA THR J 250 -11.73 31.93 -13.84
C THR J 250 -13.08 32.55 -14.26
N VAL J 251 -14.04 31.70 -14.64
CA VAL J 251 -15.35 32.21 -15.02
C VAL J 251 -15.99 32.97 -13.85
N PHE J 252 -15.93 32.38 -12.65
CA PHE J 252 -16.47 33.03 -11.47
C PHE J 252 -15.80 34.39 -11.19
N LEU J 253 -14.47 34.43 -11.27
CA LEU J 253 -13.74 35.70 -11.12
C LEU J 253 -14.27 36.78 -12.07
N VAL J 254 -14.37 36.44 -13.36
CA VAL J 254 -14.78 37.45 -14.34
C VAL J 254 -16.20 37.93 -14.07
N PHE J 255 -17.11 37.00 -13.77
CA PHE J 255 -18.49 37.37 -13.49
C PHE J 255 -18.58 38.34 -12.30
N MET J 256 -17.86 38.04 -11.21
CA MET J 256 -17.92 38.90 -10.04
C MET J 256 -17.35 40.29 -10.34
N PHE J 257 -16.25 40.36 -11.09
CA PHE J 257 -15.71 41.66 -11.46
C PHE J 257 -16.74 42.48 -12.24
N ALA J 258 -17.44 41.84 -13.19
CA ALA J 258 -18.43 42.55 -13.99
C ALA J 258 -19.55 43.12 -13.12
N VAL J 259 -20.08 42.30 -12.22
CA VAL J 259 -21.17 42.75 -11.35
C VAL J 259 -20.72 43.94 -10.50
N SER J 260 -19.54 43.83 -9.89
CA SER J 260 -19.08 44.93 -9.04
C SER J 260 -18.86 46.21 -9.85
N GLY J 261 -18.39 46.08 -11.09
CA GLY J 261 -18.29 47.27 -11.94
C GLY J 261 -19.63 47.93 -12.18
N ILE J 262 -20.66 47.13 -12.48
CA ILE J 262 -21.99 47.69 -12.65
C ILE J 262 -22.42 48.48 -11.41
N CYS J 263 -22.22 47.90 -10.23
CA CYS J 263 -22.63 48.57 -9.00
C CYS J 263 -21.88 49.89 -8.81
N VAL J 264 -20.58 49.89 -9.09
CA VAL J 264 -19.79 51.13 -8.97
C VAL J 264 -20.36 52.20 -9.88
N VAL J 265 -20.64 51.84 -11.14
CA VAL J 265 -21.16 52.82 -12.09
C VAL J 265 -22.46 53.42 -11.56
N LEU J 266 -23.38 52.57 -11.09
CA LEU J 266 -24.68 53.07 -10.65
C LEU J 266 -24.54 54.02 -9.46
N ASN J 267 -23.71 53.65 -8.48
CA ASN J 267 -23.57 54.52 -7.31
C ASN J 267 -22.93 55.86 -7.68
N LEU J 268 -21.95 55.86 -8.58
CA LEU J 268 -21.43 57.14 -9.04
C LEU J 268 -22.49 57.94 -9.76
N ALA J 269 -23.35 57.27 -10.53
CA ALA J 269 -24.44 57.96 -11.20
C ALA J 269 -25.25 58.74 -10.19
N GLU J 270 -25.70 58.08 -9.13
CA GLU J 270 -26.59 58.75 -8.18
C GLU J 270 -25.85 59.83 -7.40
N LEU J 271 -24.60 59.58 -7.01
CA LEU J 271 -23.81 60.61 -6.35
C LEU J 271 -23.75 61.88 -7.18
N ASN J 272 -23.47 61.75 -8.48
CA ASN J 272 -23.39 62.93 -9.33
C ASN J 272 -24.76 63.52 -9.62
N HIS J 273 -25.82 62.70 -9.55
CA HIS J 273 -27.16 63.22 -9.76
C HIS J 273 -27.53 64.19 -8.64
N LEU J 274 -27.24 63.82 -7.40
CA LEU J 274 -27.53 64.75 -6.31
C LEU J 274 -26.51 65.88 -6.24
N GLY J 275 -25.22 65.56 -6.26
CA GLY J 275 -24.20 66.58 -6.35
C GLY J 275 -23.78 67.16 -5.02
N THR K 19 -56.22 31.99 -24.12
CA THR K 19 -55.07 32.68 -23.52
C THR K 19 -55.11 32.68 -22.01
N MET K 20 -56.13 32.08 -21.46
CA MET K 20 -56.34 32.03 -20.02
C MET K 20 -55.51 30.92 -19.38
N ILE K 21 -55.61 29.71 -19.93
CA ILE K 21 -54.90 28.56 -19.34
C ILE K 21 -53.39 28.69 -19.53
N GLY K 22 -52.95 29.41 -20.57
CA GLY K 22 -51.52 29.50 -20.83
C GLY K 22 -50.73 30.06 -19.66
N ARG K 23 -51.32 31.04 -19.00
CA ARG K 23 -50.68 31.64 -17.86
C ARG K 23 -50.53 30.62 -16.76
N ILE K 24 -51.58 29.90 -16.47
CA ILE K 24 -51.62 28.92 -15.38
C ILE K 24 -50.57 27.85 -15.63
N LEU K 25 -50.48 27.38 -16.87
CA LEU K 25 -49.54 26.32 -17.15
C LEU K 25 -48.10 26.84 -17.15
N LEU K 26 -47.89 28.10 -17.54
CA LEU K 26 -46.55 28.65 -17.44
C LEU K 26 -46.09 28.70 -15.98
N THR K 27 -46.97 29.16 -15.09
CA THR K 27 -46.63 29.21 -13.67
C THR K 27 -46.35 27.82 -13.12
N VAL K 28 -47.13 26.82 -13.56
CA VAL K 28 -46.95 25.47 -13.05
C VAL K 28 -45.64 24.90 -13.56
N VAL K 29 -45.29 25.15 -14.81
CA VAL K 29 -44.05 24.65 -15.37
C VAL K 29 -42.86 25.26 -14.65
N VAL K 30 -42.92 26.58 -14.39
CA VAL K 30 -41.83 27.25 -13.70
C VAL K 30 -41.61 26.65 -12.31
N ILE K 31 -42.70 26.47 -11.56
CA ILE K 31 -42.54 25.93 -10.21
C ILE K 31 -42.02 24.49 -10.25
N PHE K 32 -42.52 23.69 -11.20
CA PHE K 32 -42.07 22.31 -11.33
C PHE K 32 -40.57 22.25 -11.61
N ARG K 33 -40.10 23.09 -12.55
CA ARG K 33 -38.69 23.12 -12.88
C ARG K 33 -37.84 23.50 -11.66
N ILE K 34 -38.26 24.54 -10.94
CA ILE K 34 -37.50 24.94 -9.75
C ILE K 34 -37.42 23.79 -8.75
N LEU K 35 -38.54 23.10 -8.50
CA LEU K 35 -38.54 22.02 -7.52
C LEU K 35 -37.61 20.88 -7.95
N ILE K 36 -37.69 20.48 -9.21
CA ILE K 36 -36.84 19.39 -9.69
C ILE K 36 -35.38 19.75 -9.55
N VAL K 37 -35.02 20.98 -9.90
CA VAL K 37 -33.61 21.36 -9.84
C VAL K 37 -33.15 21.42 -8.38
N ALA K 38 -33.99 21.98 -7.50
CA ALA K 38 -33.56 22.23 -6.13
C ALA K 38 -33.45 20.95 -5.30
N ILE K 39 -34.31 19.96 -5.53
CA ILE K 39 -34.37 18.84 -4.59
C ILE K 39 -33.41 17.71 -4.94
N VAL K 40 -33.26 17.34 -6.21
CA VAL K 40 -32.49 16.16 -6.56
C VAL K 40 -31.18 16.45 -7.29
N GLY K 41 -31.12 17.51 -8.10
CA GLY K 41 -29.94 17.69 -8.95
C GLY K 41 -28.63 17.89 -8.22
N GLU K 42 -28.66 18.43 -7.00
CA GLU K 42 -27.42 18.60 -6.25
C GLU K 42 -26.72 17.31 -5.85
N THR K 43 -27.32 16.14 -6.05
CA THR K 43 -26.77 14.92 -5.47
C THR K 43 -26.43 13.83 -6.50
N VAL K 44 -26.82 14.02 -7.76
CA VAL K 44 -26.30 13.19 -8.85
C VAL K 44 -24.86 13.58 -9.17
N TYR K 45 -24.55 14.87 -9.16
CA TYR K 45 -23.24 15.42 -9.51
C TYR K 45 -22.26 15.51 -8.35
N ASP K 46 -22.65 15.13 -7.13
CA ASP K 46 -21.79 15.31 -5.97
C ASP K 46 -20.43 14.60 -6.13
N ASP K 47 -20.41 13.38 -6.66
CA ASP K 47 -19.17 12.62 -6.81
C ASP K 47 -18.55 12.74 -8.21
N GLU K 48 -18.70 13.89 -8.89
CA GLU K 48 -18.31 13.96 -10.29
C GLU K 48 -16.81 13.77 -10.49
N GLN K 49 -15.99 14.40 -9.66
CA GLN K 49 -14.54 14.33 -9.82
C GLN K 49 -13.89 13.24 -8.98
N THR K 50 -14.48 12.87 -7.86
CA THR K 50 -13.92 11.82 -7.02
C THR K 50 -13.99 10.45 -7.68
N MET K 51 -14.99 10.21 -8.53
CA MET K 51 -15.12 8.96 -9.27
C MET K 51 -14.72 9.08 -10.74
N PHE K 52 -14.05 10.16 -11.14
CA PHE K 52 -13.47 10.28 -12.47
C PHE K 52 -12.05 9.71 -12.42
N VAL K 53 -11.73 8.78 -13.32
CA VAL K 53 -10.46 8.07 -13.27
C VAL K 53 -9.91 7.86 -14.68
N CYS K 54 -8.58 7.96 -14.81
CA CYS K 54 -7.85 7.77 -16.06
C CYS K 54 -6.80 6.69 -15.88
N ASN K 55 -6.49 6.01 -16.99
CA ASN K 55 -5.48 4.94 -17.02
C ASN K 55 -4.10 5.55 -17.26
N THR K 56 -3.38 5.82 -16.17
CA THR K 56 -2.13 6.56 -16.23
C THR K 56 -1.45 6.51 -14.87
N LEU K 57 -0.16 6.81 -14.86
CA LEU K 57 0.63 6.94 -13.63
C LEU K 57 1.20 8.35 -13.45
N GLN K 58 0.78 9.31 -14.25
CA GLN K 58 1.33 10.66 -14.24
C GLN K 58 0.56 11.55 -13.28
N PRO K 59 1.22 12.21 -12.32
CA PRO K 59 0.50 13.13 -11.43
C PRO K 59 0.01 14.38 -12.16
N GLY K 60 -1.24 14.75 -11.90
CA GLY K 60 -1.89 15.92 -12.49
C GLY K 60 -2.70 15.64 -13.74
N CYS K 61 -2.65 14.41 -14.26
CA CYS K 61 -3.34 14.15 -15.52
C CYS K 61 -4.85 14.08 -15.27
N ASN K 62 -5.26 13.50 -14.14
CA ASN K 62 -6.69 13.44 -13.83
C ASN K 62 -7.27 14.84 -13.74
N GLN K 63 -6.57 15.76 -13.07
CA GLN K 63 -7.03 17.14 -12.96
C GLN K 63 -7.16 17.79 -14.33
N ALA K 64 -6.12 17.71 -15.15
CA ALA K 64 -6.18 18.35 -16.46
C ALA K 64 -7.29 17.77 -17.34
N CYS K 65 -7.45 16.45 -17.33
CA CYS K 65 -8.45 15.84 -18.21
C CYS K 65 -9.87 16.07 -17.72
N TYR K 66 -10.10 16.04 -16.41
CA TYR K 66 -11.41 16.41 -15.91
C TYR K 66 -11.76 17.85 -16.26
N ASP K 67 -10.80 18.77 -16.11
CA ASP K 67 -11.06 20.17 -16.41
C ASP K 67 -11.38 20.37 -17.88
N ARG K 68 -10.69 19.65 -18.77
CA ARG K 68 -10.98 19.77 -20.20
C ARG K 68 -12.30 19.12 -20.60
N ALA K 69 -12.67 18.01 -19.96
CA ALA K 69 -13.93 17.36 -20.30
C ALA K 69 -15.16 18.10 -19.78
N PHE K 70 -15.09 18.68 -18.58
CA PHE K 70 -16.25 19.34 -17.96
C PHE K 70 -15.90 20.73 -17.46
N PRO K 71 -15.87 21.72 -18.37
CA PRO K 71 -15.49 23.09 -17.98
C PRO K 71 -16.45 23.79 -17.02
N ILE K 72 -17.75 23.77 -17.31
CA ILE K 72 -18.79 24.24 -16.40
C ILE K 72 -19.82 23.13 -16.22
N SER K 73 -20.08 22.78 -14.95
CA SER K 73 -21.04 21.74 -14.64
C SER K 73 -22.49 22.14 -14.95
N HIS K 74 -23.28 21.11 -15.31
CA HIS K 74 -24.66 21.32 -15.72
C HIS K 74 -25.44 22.03 -14.63
N ILE K 75 -25.25 21.61 -13.37
CA ILE K 75 -26.08 22.10 -12.29
C ILE K 75 -25.80 23.59 -12.04
N ARG K 76 -24.54 24.00 -12.20
CA ARG K 76 -24.20 25.41 -12.10
C ARG K 76 -24.88 26.21 -13.21
N TYR K 77 -24.82 25.71 -14.44
CA TYR K 77 -25.48 26.40 -15.55
C TYR K 77 -26.98 26.53 -15.32
N TRP K 78 -27.62 25.46 -14.84
CA TRP K 78 -29.07 25.50 -14.63
C TRP K 78 -29.48 26.43 -13.50
N VAL K 79 -28.73 26.45 -12.40
CA VAL K 79 -29.03 27.40 -11.32
C VAL K 79 -28.91 28.82 -11.83
N PHE K 80 -27.84 29.13 -12.57
CA PHE K 80 -27.68 30.48 -13.09
C PHE K 80 -28.84 30.87 -14.00
N GLN K 81 -29.22 29.97 -14.92
CA GLN K 81 -30.34 30.26 -15.82
C GLN K 81 -31.63 30.50 -15.05
N ILE K 82 -31.94 29.65 -14.07
CA ILE K 82 -33.16 29.80 -13.29
C ILE K 82 -33.18 31.15 -12.59
N ILE K 83 -32.07 31.55 -11.98
CA ILE K 83 -32.05 32.83 -11.29
C ILE K 83 -32.20 33.99 -12.26
N MET K 84 -31.53 33.91 -13.42
CA MET K 84 -31.56 35.03 -14.37
C MET K 84 -32.91 35.21 -15.05
N VAL K 85 -33.69 34.13 -15.22
CA VAL K 85 -34.99 34.29 -15.87
C VAL K 85 -36.07 34.84 -14.95
N CYS K 86 -35.75 35.15 -13.69
CA CYS K 86 -36.72 35.71 -12.76
C CYS K 86 -36.46 37.18 -12.40
N THR K 87 -35.54 37.84 -13.09
CA THR K 87 -35.15 39.21 -12.75
C THR K 87 -36.19 40.25 -13.19
N PRO K 88 -36.78 40.11 -14.38
CA PRO K 88 -37.81 41.10 -14.78
C PRO K 88 -38.98 41.17 -13.83
N SER K 89 -39.42 40.02 -13.30
CA SER K 89 -40.48 40.02 -12.30
C SER K 89 -40.08 40.80 -11.06
N LEU K 90 -38.85 40.59 -10.57
CA LEU K 90 -38.41 41.34 -9.39
C LEU K 90 -38.39 42.84 -9.66
N CYS K 91 -37.93 43.23 -10.86
CA CYS K 91 -37.94 44.65 -11.21
C CYS K 91 -39.35 45.21 -11.20
N PHE K 92 -40.28 44.50 -11.84
CA PHE K 92 -41.67 44.96 -11.88
C PHE K 92 -42.25 45.07 -10.48
N ILE K 93 -41.95 44.11 -9.61
CA ILE K 93 -42.49 44.13 -8.26
C ILE K 93 -41.95 45.33 -7.50
N THR K 94 -40.64 45.58 -7.60
CA THR K 94 -40.05 46.72 -6.90
C THR K 94 -40.63 48.04 -7.41
N TYR K 95 -40.82 48.15 -8.72
CA TYR K 95 -41.45 49.34 -9.27
C TYR K 95 -42.85 49.53 -8.71
N SER K 96 -43.68 48.49 -8.75
CA SER K 96 -45.06 48.65 -8.28
C SER K 96 -45.11 48.97 -6.80
N VAL K 97 -44.19 48.38 -6.01
CA VAL K 97 -44.14 48.70 -4.59
C VAL K 97 -43.81 50.16 -4.39
N HIS K 98 -42.89 50.71 -5.18
CA HIS K 98 -42.65 52.14 -5.03
C HIS K 98 -43.88 52.92 -5.48
N GLN K 99 -44.57 52.42 -6.52
CA GLN K 99 -45.76 53.07 -7.02
C GLN K 99 -46.83 53.17 -5.96
N ILE K 194 -47.68 51.41 -16.40
CA ILE K 194 -47.41 50.05 -15.97
C ILE K 194 -47.44 49.09 -17.16
N SER K 195 -48.35 49.32 -18.10
CA SER K 195 -48.52 48.39 -19.22
C SER K 195 -47.28 48.39 -20.11
N ARG K 196 -46.64 49.54 -20.30
CA ARG K 196 -45.39 49.56 -21.06
C ARG K 196 -44.33 48.71 -20.38
N PHE K 197 -44.24 48.79 -19.04
CA PHE K 197 -43.31 47.94 -18.32
C PHE K 197 -43.64 46.47 -18.52
N TYR K 198 -44.95 46.14 -18.52
CA TYR K 198 -45.35 44.76 -18.77
C TYR K 198 -44.85 44.29 -20.12
N ILE K 199 -45.06 45.10 -21.16
CA ILE K 199 -44.62 44.74 -22.51
C ILE K 199 -43.12 44.50 -22.51
N ILE K 200 -42.36 45.44 -21.95
CA ILE K 200 -40.91 45.36 -22.03
C ILE K 200 -40.41 44.12 -21.29
N GLN K 201 -40.97 43.85 -20.11
CA GLN K 201 -40.49 42.70 -19.36
C GLN K 201 -40.85 41.39 -20.06
N VAL K 202 -41.99 41.33 -20.74
CA VAL K 202 -42.33 40.13 -21.51
C VAL K 202 -41.31 39.93 -22.63
N VAL K 203 -40.98 41.00 -23.34
CA VAL K 203 -39.99 40.92 -24.42
C VAL K 203 -38.67 40.40 -23.88
N PHE K 204 -38.23 40.97 -22.75
CA PHE K 204 -36.94 40.59 -22.19
C PHE K 204 -36.93 39.13 -21.77
N ARG K 205 -38.00 38.67 -21.13
CA ARG K 205 -38.07 37.27 -20.73
C ARG K 205 -37.99 36.34 -21.93
N ASN K 206 -38.74 36.66 -22.99
CA ASN K 206 -38.66 35.86 -24.22
C ASN K 206 -37.23 35.76 -24.72
N ALA K 207 -36.56 36.92 -24.86
CA ALA K 207 -35.20 36.92 -25.38
C ALA K 207 -34.28 36.09 -24.51
N LEU K 208 -34.37 36.25 -23.18
CA LEU K 208 -33.46 35.56 -22.29
C LEU K 208 -33.65 34.05 -22.38
N GLU K 209 -34.90 33.59 -22.50
CA GLU K 209 -35.11 32.15 -22.50
C GLU K 209 -34.67 31.52 -23.81
N ILE K 210 -34.84 32.25 -24.93
CA ILE K 210 -34.34 31.72 -26.19
C ILE K 210 -32.82 31.66 -26.19
N GLY K 211 -32.18 32.71 -25.66
CA GLY K 211 -30.73 32.71 -25.58
C GLY K 211 -30.21 31.55 -24.75
N PHE K 212 -30.84 31.30 -23.60
CA PHE K 212 -30.36 30.23 -22.73
C PHE K 212 -30.55 28.86 -23.36
N LEU K 213 -31.67 28.63 -24.04
CA LEU K 213 -31.86 27.34 -24.70
C LEU K 213 -30.82 27.11 -25.81
N VAL K 214 -30.57 28.13 -26.63
CA VAL K 214 -29.56 28.01 -27.67
C VAL K 214 -28.20 27.73 -27.07
N GLY K 215 -27.83 28.46 -26.00
CA GLY K 215 -26.56 28.23 -25.36
C GLY K 215 -26.42 26.82 -24.80
N GLN K 216 -27.50 26.30 -24.20
CA GLN K 216 -27.47 24.92 -23.72
C GLN K 216 -27.16 23.94 -24.84
N TYR K 217 -27.87 24.08 -25.97
CA TYR K 217 -27.60 23.19 -27.09
C TYR K 217 -26.16 23.28 -27.55
N PHE K 218 -25.61 24.50 -27.62
CA PHE K 218 -24.24 24.67 -28.13
C PHE K 218 -23.19 24.23 -27.14
N LEU K 219 -23.48 24.28 -25.84
CA LEU K 219 -22.48 23.87 -24.86
C LEU K 219 -22.47 22.36 -24.69
N TYR K 220 -23.64 21.71 -24.64
CA TYR K 220 -23.69 20.33 -24.19
C TYR K 220 -24.22 19.34 -25.22
N GLY K 221 -25.07 19.75 -26.16
CA GLY K 221 -25.67 18.76 -27.04
C GLY K 221 -26.78 17.94 -26.41
N PHE K 222 -26.85 16.64 -26.77
CA PHE K 222 -27.93 15.77 -26.35
C PHE K 222 -27.48 14.48 -25.65
N SER K 223 -26.20 14.31 -25.36
CA SER K 223 -25.79 13.06 -24.71
C SER K 223 -24.48 13.26 -23.96
N VAL K 224 -24.25 12.38 -23.00
CA VAL K 224 -23.00 12.31 -22.24
C VAL K 224 -22.36 10.95 -22.48
N PRO K 225 -21.24 10.87 -23.21
CA PRO K 225 -20.61 9.56 -23.45
C PRO K 225 -19.85 9.04 -22.25
N GLY K 226 -19.65 7.72 -22.25
CA GLY K 226 -18.94 7.03 -21.19
C GLY K 226 -17.43 7.08 -21.26
N LEU K 227 -16.85 7.28 -22.45
CA LEU K 227 -15.41 7.40 -22.61
C LEU K 227 -15.03 8.80 -23.09
N TYR K 228 -13.82 9.23 -22.70
CA TYR K 228 -13.27 10.50 -23.15
C TYR K 228 -11.78 10.33 -23.47
N GLU K 229 -11.34 10.94 -24.57
CA GLU K 229 -9.96 10.87 -25.05
C GLU K 229 -9.28 12.22 -24.81
N CYS K 230 -8.16 12.20 -24.09
CA CYS K 230 -7.52 13.40 -23.57
C CYS K 230 -6.08 13.48 -24.05
N ASN K 231 -5.65 14.68 -24.43
CA ASN K 231 -4.28 14.93 -24.87
C ASN K 231 -3.74 16.26 -24.32
N ARG K 232 -3.94 16.53 -23.03
CA ARG K 232 -3.46 17.77 -22.41
C ARG K 232 -2.28 17.52 -21.49
N TYR K 233 -1.32 18.44 -21.52
CA TYR K 233 -0.19 18.41 -20.61
C TYR K 233 -0.68 18.43 -19.16
N PRO K 234 -0.08 17.63 -18.26
CA PRO K 234 1.12 16.79 -18.38
C PRO K 234 0.89 15.36 -18.88
N CYS K 235 -0.27 15.02 -19.42
CA CYS K 235 -0.48 13.69 -19.95
C CYS K 235 0.40 13.46 -21.19
N ILE K 236 1.05 12.29 -21.22
CA ILE K 236 1.85 11.87 -22.36
C ILE K 236 0.93 11.34 -23.46
N LYS K 237 1.10 11.88 -24.67
CA LYS K 237 0.25 11.59 -25.82
C LYS K 237 -1.23 11.54 -25.45
N GLU K 238 -2.00 10.59 -25.97
CA GLU K 238 -3.42 10.48 -25.68
C GLU K 238 -3.74 9.35 -24.70
N VAL K 239 -4.62 9.65 -23.73
CA VAL K 239 -5.03 8.74 -22.67
C VAL K 239 -6.55 8.59 -22.70
N GLU K 240 -7.02 7.50 -22.09
CA GLU K 240 -8.45 7.18 -22.00
C GLU K 240 -8.93 7.31 -20.56
N CYS K 241 -10.06 8.00 -20.38
CA CYS K 241 -10.66 8.24 -19.06
C CYS K 241 -12.12 7.80 -19.06
N TYR K 242 -12.68 7.63 -17.86
CA TYR K 242 -13.98 6.98 -17.67
C TYR K 242 -14.86 7.83 -16.76
N VAL K 243 -16.13 8.01 -17.19
CA VAL K 243 -17.10 8.93 -16.58
C VAL K 243 -18.03 8.20 -15.63
N SER K 244 -18.55 8.95 -14.65
CA SER K 244 -19.54 8.48 -13.69
C SER K 244 -20.97 8.85 -14.10
N ARG K 245 -21.88 7.87 -13.96
CA ARG K 245 -23.32 8.04 -14.19
C ARG K 245 -23.74 8.68 -15.51
N PRO K 246 -23.28 8.15 -16.65
CA PRO K 246 -23.60 8.81 -17.93
C PRO K 246 -25.06 8.69 -18.31
N THR K 247 -25.71 7.55 -18.02
CA THR K 247 -27.10 7.37 -18.42
C THR K 247 -28.03 8.31 -17.66
N GLU K 248 -27.85 8.40 -16.35
CA GLU K 248 -28.64 9.33 -15.55
C GLU K 248 -28.42 10.77 -15.98
N LYS K 249 -27.17 11.13 -16.27
CA LYS K 249 -26.91 12.51 -16.70
C LYS K 249 -27.54 12.80 -18.06
N THR K 250 -27.54 11.83 -18.98
CA THR K 250 -28.23 12.00 -20.25
C THR K 250 -29.74 12.18 -20.07
N VAL K 251 -30.34 11.38 -19.18
CA VAL K 251 -31.78 11.52 -18.92
C VAL K 251 -32.10 12.92 -18.41
N PHE K 252 -31.30 13.41 -17.46
CA PHE K 252 -31.48 14.76 -16.92
C PHE K 252 -31.37 15.83 -18.02
N LEU K 253 -30.34 15.72 -18.86
CA LEU K 253 -30.19 16.64 -20.00
C LEU K 253 -31.46 16.70 -20.85
N VAL K 254 -31.97 15.54 -21.26
CA VAL K 254 -33.12 15.52 -22.15
C VAL K 254 -34.35 16.12 -21.49
N PHE K 255 -34.58 15.77 -20.21
CA PHE K 255 -35.74 16.32 -19.49
C PHE K 255 -35.67 17.84 -19.42
N MET K 256 -34.50 18.40 -19.08
CA MET K 256 -34.40 19.85 -18.98
C MET K 256 -34.62 20.53 -20.32
N PHE K 257 -34.08 19.96 -21.40
CA PHE K 257 -34.32 20.53 -22.72
C PHE K 257 -35.82 20.57 -23.04
N ALA K 258 -36.53 19.48 -22.72
CA ALA K 258 -37.97 19.43 -23.00
C ALA K 258 -38.72 20.52 -22.24
N VAL K 259 -38.44 20.65 -20.94
CA VAL K 259 -39.13 21.67 -20.15
C VAL K 259 -38.88 23.06 -20.70
N SER K 260 -37.61 23.38 -21.01
CA SER K 260 -37.32 24.71 -21.51
C SER K 260 -38.00 24.97 -22.85
N GLY K 261 -38.10 23.94 -23.70
CA GLY K 261 -38.85 24.10 -24.93
C GLY K 261 -40.31 24.46 -24.69
N ILE K 262 -40.95 23.76 -23.75
CA ILE K 262 -42.34 24.09 -23.40
C ILE K 262 -42.45 25.56 -23.00
N CYS K 263 -41.55 26.02 -22.14
CA CYS K 263 -41.63 27.41 -21.67
C CYS K 263 -41.46 28.39 -22.82
N VAL K 264 -40.54 28.11 -23.74
CA VAL K 264 -40.35 28.99 -24.89
C VAL K 264 -41.63 29.08 -25.70
N VAL K 265 -42.25 27.93 -25.97
CA VAL K 265 -43.48 27.92 -26.77
C VAL K 265 -44.54 28.78 -26.11
N LEU K 266 -44.74 28.60 -24.80
CA LEU K 266 -45.80 29.35 -24.13
C LEU K 266 -45.55 30.85 -24.17
N ASN K 267 -44.31 31.28 -23.91
CA ASN K 267 -44.06 32.72 -23.93
C ASN K 267 -44.22 33.31 -25.32
N LEU K 268 -43.81 32.58 -26.37
CA LEU K 268 -44.10 33.09 -27.71
C LEU K 268 -45.60 33.16 -27.95
N ALA K 269 -46.34 32.18 -27.44
CA ALA K 269 -47.80 32.22 -27.58
C ALA K 269 -48.34 33.54 -27.07
N GLU K 270 -47.98 33.90 -25.83
CA GLU K 270 -48.55 35.10 -25.23
C GLU K 270 -48.06 36.37 -25.93
N LEU K 271 -46.78 36.41 -26.30
CA LEU K 271 -46.26 37.55 -27.06
C LEU K 271 -47.08 37.79 -28.31
N ASN K 272 -47.37 36.72 -29.07
CA ASN K 272 -48.13 36.90 -30.30
C ASN K 272 -49.60 37.14 -30.01
N HIS K 273 -50.10 36.71 -28.85
CA HIS K 273 -51.49 37.00 -28.49
C HIS K 273 -51.70 38.49 -28.30
N LEU K 274 -50.77 39.14 -27.59
CA LEU K 274 -50.92 40.59 -27.42
C LEU K 274 -50.51 41.34 -28.67
N GLY K 275 -49.35 41.04 -29.25
CA GLY K 275 -48.98 41.59 -30.53
C GLY K 275 -48.30 42.94 -30.44
N THR L 19 -68.71 7.04 0.46
CA THR L 19 -67.79 7.87 -0.34
C THR L 19 -67.17 8.98 0.48
N MET L 20 -67.52 9.05 1.74
CA MET L 20 -67.05 10.09 2.64
C MET L 20 -65.67 9.77 3.19
N ILE L 21 -65.49 8.56 3.70
CA ILE L 21 -64.21 8.19 4.31
C ILE L 21 -63.12 8.03 3.25
N GLY L 22 -63.49 7.73 2.01
CA GLY L 22 -62.49 7.50 0.98
C GLY L 22 -61.57 8.70 0.78
N ARG L 23 -62.16 9.88 0.86
CA ARG L 23 -61.39 11.09 0.70
C ARG L 23 -60.38 11.21 1.82
N ILE L 24 -60.83 11.00 3.04
CA ILE L 24 -60.00 11.16 4.23
C ILE L 24 -58.84 10.20 4.17
N LEU L 25 -59.10 8.95 3.77
CA LEU L 25 -58.03 7.97 3.71
C LEU L 25 -57.08 8.25 2.57
N LEU L 26 -57.58 8.79 1.45
CA LEU L 26 -56.68 9.16 0.38
C LEU L 26 -55.69 10.24 0.83
N THR L 27 -56.21 11.25 1.52
CA THR L 27 -55.35 12.32 2.03
C THR L 27 -54.33 11.77 3.02
N VAL L 28 -54.75 10.83 3.87
CA VAL L 28 -53.84 10.29 4.87
C VAL L 28 -52.76 9.45 4.21
N VAL L 29 -53.13 8.67 3.19
CA VAL L 29 -52.15 7.84 2.49
C VAL L 29 -51.13 8.73 1.79
N VAL L 30 -51.60 9.80 1.14
CA VAL L 30 -50.69 10.70 0.44
C VAL L 30 -49.67 11.30 1.41
N ILE L 31 -50.16 11.81 2.55
CA ILE L 31 -49.23 12.44 3.50
C ILE L 31 -48.26 11.41 4.07
N PHE L 32 -48.75 10.21 4.37
CA PHE L 32 -47.89 9.14 4.89
C PHE L 32 -46.77 8.82 3.91
N ARG L 33 -47.13 8.66 2.63
CA ARG L 33 -46.14 8.35 1.61
C ARG L 33 -45.08 9.46 1.51
N ILE L 34 -45.52 10.71 1.48
CA ILE L 34 -44.56 11.81 1.40
C ILE L 34 -43.61 11.77 2.60
N LEU L 35 -44.14 11.57 3.81
CA LEU L 35 -43.27 11.56 4.99
C LEU L 35 -42.25 10.44 4.95
N ILE L 36 -42.70 9.23 4.57
CA ILE L 36 -41.78 8.09 4.52
C ILE L 36 -40.68 8.35 3.51
N VAL L 37 -41.03 8.91 2.34
CA VAL L 37 -40.01 9.13 1.32
C VAL L 37 -39.04 10.21 1.77
N ALA L 38 -39.56 11.29 2.37
CA ALA L 38 -38.74 12.44 2.68
C ALA L 38 -37.78 12.19 3.85
N ILE L 39 -38.18 11.41 4.84
CA ILE L 39 -37.37 11.36 6.07
C ILE L 39 -36.29 10.28 6.04
N VAL L 40 -36.57 9.08 5.51
CA VAL L 40 -35.62 7.98 5.62
C VAL L 40 -34.99 7.56 4.30
N GLY L 41 -35.70 7.66 3.17
CA GLY L 41 -35.20 7.10 1.94
C GLY L 41 -33.89 7.69 1.43
N GLU L 42 -33.61 8.96 1.74
CA GLU L 42 -32.36 9.56 1.30
C GLU L 42 -31.10 8.95 1.91
N THR L 43 -31.20 8.05 2.89
CA THR L 43 -30.01 7.61 3.63
C THR L 43 -29.76 6.12 3.57
N VAL L 44 -30.68 5.33 3.03
CA VAL L 44 -30.40 3.94 2.67
C VAL L 44 -29.52 3.86 1.42
N TYR L 45 -29.79 4.72 0.44
CA TYR L 45 -29.09 4.77 -0.84
C TYR L 45 -27.84 5.62 -0.87
N ASP L 46 -27.49 6.29 0.23
CA ASP L 46 -26.35 7.22 0.21
C ASP L 46 -25.05 6.55 -0.22
N ASP L 47 -24.76 5.34 0.26
CA ASP L 47 -23.53 4.64 -0.08
C ASP L 47 -23.66 3.66 -1.25
N GLU L 48 -24.54 3.93 -2.22
CA GLU L 48 -24.86 2.92 -3.22
C GLU L 48 -23.65 2.55 -4.08
N GLN L 49 -22.88 3.55 -4.52
CA GLN L 49 -21.75 3.30 -5.41
C GLN L 49 -20.42 3.14 -4.68
N THR L 50 -20.28 3.76 -3.51
CA THR L 50 -19.03 3.64 -2.75
C THR L 50 -18.83 2.24 -2.19
N MET L 51 -19.91 1.51 -1.90
CA MET L 51 -19.83 0.13 -1.44
C MET L 51 -20.18 -0.91 -2.51
N PHE L 52 -20.25 -0.51 -3.77
CA PHE L 52 -20.38 -1.44 -4.88
C PHE L 52 -18.99 -1.87 -5.33
N VAL L 53 -18.74 -3.18 -5.40
CA VAL L 53 -17.41 -3.70 -5.68
C VAL L 53 -17.49 -4.91 -6.60
N CYS L 54 -16.51 -5.02 -7.49
CA CYS L 54 -16.38 -6.11 -8.46
C CYS L 54 -15.01 -6.78 -8.31
N ASN L 55 -14.95 -8.06 -8.64
CA ASN L 55 -13.73 -8.86 -8.58
C ASN L 55 -12.96 -8.71 -9.89
N THR L 56 -12.01 -7.77 -9.91
CA THR L 56 -11.33 -7.38 -11.14
C THR L 56 -10.17 -6.46 -10.79
N LEU L 57 -9.24 -6.33 -11.73
CA LEU L 57 -8.13 -5.38 -11.63
C LEU L 57 -8.15 -4.33 -12.75
N GLN L 58 -9.21 -4.25 -13.52
CA GLN L 58 -9.31 -3.38 -14.68
C GLN L 58 -9.88 -2.01 -14.29
N PRO L 59 -9.20 -0.91 -14.57
CA PRO L 59 -9.77 0.42 -14.27
C PRO L 59 -10.97 0.74 -15.15
N GLY L 60 -12.03 1.25 -14.51
CA GLY L 60 -13.27 1.63 -15.16
C GLY L 60 -14.36 0.58 -15.17
N CYS L 61 -14.05 -0.64 -14.71
CA CYS L 61 -15.05 -1.70 -14.78
C CYS L 61 -16.12 -1.48 -13.74
N ASN L 62 -15.75 -1.00 -12.55
CA ASN L 62 -16.74 -0.73 -11.52
C ASN L 62 -17.74 0.32 -12.00
N GLN L 63 -17.25 1.38 -12.63
CA GLN L 63 -18.12 2.42 -13.18
C GLN L 63 -19.09 1.85 -14.22
N ALA L 64 -18.55 1.12 -15.21
CA ALA L 64 -19.43 0.59 -16.25
C ALA L 64 -20.47 -0.39 -15.70
N CYS L 65 -20.07 -1.26 -14.78
CA CYS L 65 -21.00 -2.26 -14.26
C CYS L 65 -22.04 -1.65 -13.33
N TYR L 66 -21.65 -0.69 -12.49
CA TYR L 66 -22.65 0.00 -11.69
C TYR L 66 -23.66 0.74 -12.58
N ASP L 67 -23.18 1.41 -13.62
CA ASP L 67 -24.09 2.13 -14.50
C ASP L 67 -25.06 1.19 -15.21
N ARG L 68 -24.59 0.01 -15.62
CA ARG L 68 -25.49 -0.93 -16.27
C ARG L 68 -26.45 -1.59 -15.31
N ALA L 69 -26.05 -1.84 -14.06
CA ALA L 69 -26.95 -2.46 -13.10
C ALA L 69 -28.02 -1.50 -12.58
N PHE L 70 -27.68 -0.23 -12.36
CA PHE L 70 -28.61 0.74 -11.77
C PHE L 70 -28.68 2.01 -12.59
N PRO L 71 -29.44 2.02 -13.69
CA PRO L 71 -29.51 3.20 -14.56
C PRO L 71 -30.16 4.44 -13.94
N ILE L 72 -31.33 4.28 -13.32
CA ILE L 72 -31.96 5.34 -12.53
C ILE L 72 -32.29 4.80 -11.14
N SER L 73 -31.81 5.50 -10.12
CA SER L 73 -32.04 5.08 -8.74
C SER L 73 -33.51 5.21 -8.31
N HIS L 74 -33.89 4.29 -7.40
CA HIS L 74 -35.27 4.22 -6.93
C HIS L 74 -35.72 5.55 -6.35
N ILE L 75 -34.86 6.18 -5.54
CA ILE L 75 -35.26 7.37 -4.81
C ILE L 75 -35.52 8.52 -5.77
N ARG L 76 -34.74 8.61 -6.84
CA ARG L 76 -34.99 9.61 -7.88
C ARG L 76 -36.33 9.37 -8.55
N TYR L 77 -36.60 8.11 -8.92
CA TYR L 77 -37.89 7.80 -9.53
C TYR L 77 -39.06 8.15 -8.62
N TRP L 78 -38.94 7.83 -7.32
CA TRP L 78 -40.05 8.09 -6.40
C TRP L 78 -40.26 9.58 -6.16
N VAL L 79 -39.19 10.35 -6.03
CA VAL L 79 -39.36 11.80 -5.89
C VAL L 79 -40.06 12.37 -7.12
N PHE L 80 -39.62 11.97 -8.30
CA PHE L 80 -40.26 12.48 -9.52
C PHE L 80 -41.74 12.14 -9.55
N GLN L 81 -42.09 10.88 -9.25
CA GLN L 81 -43.49 10.48 -9.24
C GLN L 81 -44.32 11.29 -8.23
N ILE L 82 -43.79 11.45 -7.02
CA ILE L 82 -44.50 12.20 -5.99
C ILE L 82 -44.77 13.63 -6.45
N ILE L 83 -43.77 14.29 -7.05
CA ILE L 83 -43.97 15.66 -7.50
C ILE L 83 -44.97 15.71 -8.64
N MET L 84 -44.90 14.77 -9.58
CA MET L 84 -45.77 14.83 -10.76
C MET L 84 -47.22 14.51 -10.44
N VAL L 85 -47.50 13.71 -9.40
CA VAL L 85 -48.89 13.42 -9.08
C VAL L 85 -49.59 14.53 -8.31
N CYS L 86 -48.93 15.65 -8.04
CA CYS L 86 -49.52 16.78 -7.32
C CYS L 86 -49.76 18.00 -8.21
N THR L 87 -49.57 17.89 -9.52
CA THR L 87 -49.66 19.03 -10.43
C THR L 87 -51.11 19.47 -10.70
N PRO L 88 -52.04 18.54 -10.89
CA PRO L 88 -53.43 18.96 -11.11
C PRO L 88 -54.00 19.78 -9.97
N SER L 89 -53.67 19.43 -8.73
CA SER L 89 -54.11 20.22 -7.60
C SER L 89 -53.56 21.64 -7.67
N LEU L 90 -52.28 21.80 -8.00
CA LEU L 90 -51.70 23.14 -8.11
C LEU L 90 -52.41 23.93 -9.20
N CYS L 91 -52.71 23.30 -10.33
CA CYS L 91 -53.42 23.99 -11.39
C CYS L 91 -54.80 24.46 -10.92
N PHE L 92 -55.54 23.56 -10.26
CA PHE L 92 -56.86 23.92 -9.76
C PHE L 92 -56.78 25.07 -8.75
N ILE L 93 -55.79 25.04 -7.88
CA ILE L 93 -55.65 26.09 -6.88
C ILE L 93 -55.37 27.43 -7.55
N THR L 94 -54.46 27.44 -8.51
CA THR L 94 -54.13 28.69 -9.21
C THR L 94 -55.34 29.23 -9.96
N TYR L 95 -56.11 28.34 -10.60
CA TYR L 95 -57.33 28.77 -11.26
C TYR L 95 -58.30 29.40 -10.26
N SER L 96 -58.57 28.72 -9.16
CA SER L 96 -59.55 29.26 -8.21
C SER L 96 -59.08 30.58 -7.60
N VAL L 97 -57.77 30.70 -7.36
CA VAL L 97 -57.25 31.96 -6.86
C VAL L 97 -57.49 33.07 -7.86
N HIS L 98 -57.30 32.80 -9.16
CA HIS L 98 -57.61 33.86 -10.10
C HIS L 98 -59.11 34.13 -10.09
N GLN L 99 -59.91 33.06 -9.94
CA GLN L 99 -61.36 33.19 -9.91
C GLN L 99 -61.80 34.11 -8.78
N ILE L 194 -66.26 25.26 -12.62
CA ILE L 194 -65.30 24.65 -11.71
C ILE L 194 -65.46 23.13 -11.72
N SER L 195 -66.70 22.64 -11.81
CA SER L 195 -66.93 21.20 -11.73
C SER L 195 -66.31 20.47 -12.90
N ARG L 196 -66.34 21.06 -14.09
CA ARG L 196 -65.66 20.44 -15.23
C ARG L 196 -64.16 20.31 -14.96
N PHE L 197 -63.56 21.35 -14.37
CA PHE L 197 -62.15 21.26 -14.01
C PHE L 197 -61.92 20.15 -13.00
N TYR L 198 -62.84 20.00 -12.04
CA TYR L 198 -62.72 18.91 -11.06
C TYR L 198 -62.71 17.56 -11.77
N ILE L 199 -63.64 17.36 -12.69
CA ILE L 199 -63.73 16.10 -13.43
C ILE L 199 -62.41 15.84 -14.15
N ILE L 200 -61.94 16.84 -14.88
CA ILE L 200 -60.76 16.64 -15.73
C ILE L 200 -59.54 16.33 -14.86
N GLN L 201 -59.38 17.05 -13.75
CA GLN L 201 -58.21 16.81 -12.92
C GLN L 201 -58.27 15.43 -12.26
N VAL L 202 -59.47 14.95 -11.91
CA VAL L 202 -59.59 13.61 -11.36
C VAL L 202 -59.17 12.58 -12.41
N VAL L 203 -59.64 12.75 -13.65
CA VAL L 203 -59.27 11.85 -14.74
C VAL L 203 -57.75 11.82 -14.91
N PHE L 204 -57.14 13.00 -14.93
CA PHE L 204 -55.70 13.09 -15.16
C PHE L 204 -54.93 12.42 -14.03
N ARG L 205 -55.34 12.65 -12.79
CA ARG L 205 -54.66 12.01 -11.65
C ARG L 205 -54.74 10.50 -11.76
N ASN L 206 -55.93 9.96 -12.07
CA ASN L 206 -56.07 8.52 -12.25
C ASN L 206 -55.08 8.00 -13.29
N ALA L 207 -55.06 8.64 -14.46
CA ALA L 207 -54.20 8.18 -15.54
C ALA L 207 -52.73 8.21 -15.10
N LEU L 208 -52.31 9.30 -14.46
CA LEU L 208 -50.91 9.45 -14.08
C LEU L 208 -50.50 8.37 -13.09
N GLU L 209 -51.39 8.04 -12.14
CA GLU L 209 -50.98 7.08 -11.11
C GLU L 209 -50.94 5.67 -11.66
N ILE L 210 -51.83 5.35 -12.61
CA ILE L 210 -51.76 4.02 -13.22
C ILE L 210 -50.50 3.91 -14.06
N GLY L 211 -50.18 4.95 -14.83
CA GLY L 211 -48.96 4.92 -15.62
C GLY L 211 -47.72 4.73 -14.77
N PHE L 212 -47.64 5.45 -13.64
CA PHE L 212 -46.45 5.35 -12.81
C PHE L 212 -46.32 3.98 -12.17
N LEU L 213 -47.44 3.38 -11.72
CA LEU L 213 -47.35 2.04 -11.15
C LEU L 213 -46.90 1.02 -12.19
N VAL L 214 -47.46 1.08 -13.41
CA VAL L 214 -47.04 0.16 -14.46
C VAL L 214 -45.55 0.35 -14.77
N GLY L 215 -45.10 1.60 -14.88
CA GLY L 215 -43.70 1.84 -15.15
C GLY L 215 -42.79 1.31 -14.05
N GLN L 216 -43.20 1.45 -12.79
CA GLN L 216 -42.41 0.90 -11.69
C GLN L 216 -42.25 -0.62 -11.85
N TYR L 217 -43.36 -1.31 -12.11
CA TYR L 217 -43.27 -2.76 -12.30
C TYR L 217 -42.33 -3.12 -13.44
N PHE L 218 -42.41 -2.39 -14.55
CA PHE L 218 -41.59 -2.73 -15.71
C PHE L 218 -40.13 -2.35 -15.54
N LEU L 219 -39.83 -1.34 -14.73
CA LEU L 219 -38.44 -0.95 -14.54
C LEU L 219 -37.75 -1.84 -13.52
N TYR L 220 -38.41 -2.17 -12.41
CA TYR L 220 -37.71 -2.77 -11.28
C TYR L 220 -38.19 -4.16 -10.89
N GLY L 221 -39.44 -4.52 -11.14
CA GLY L 221 -39.91 -5.80 -10.63
C GLY L 221 -40.21 -5.83 -9.14
N PHE L 222 -39.90 -6.96 -8.49
CA PHE L 222 -40.25 -7.17 -7.08
C PHE L 222 -39.07 -7.54 -6.18
N SER L 223 -37.83 -7.53 -6.67
CA SER L 223 -36.72 -7.90 -5.80
C SER L 223 -35.42 -7.29 -6.30
N VAL L 224 -34.47 -7.19 -5.38
CA VAL L 224 -33.11 -6.74 -5.66
C VAL L 224 -32.15 -7.88 -5.32
N PRO L 225 -31.52 -8.52 -6.29
CA PRO L 225 -30.59 -9.62 -5.98
C PRO L 225 -29.24 -9.13 -5.47
N GLY L 226 -28.56 -10.03 -4.76
CA GLY L 226 -27.25 -9.75 -4.20
C GLY L 226 -26.08 -9.86 -5.15
N LEU L 227 -26.19 -10.64 -6.23
CA LEU L 227 -25.15 -10.76 -7.24
C LEU L 227 -25.60 -10.20 -8.57
N TYR L 228 -24.64 -9.70 -9.35
CA TYR L 228 -24.88 -9.21 -10.69
C TYR L 228 -23.75 -9.64 -11.62
N GLU L 229 -24.11 -10.07 -12.83
CA GLU L 229 -23.17 -10.55 -13.84
C GLU L 229 -23.05 -9.51 -14.95
N CYS L 230 -21.83 -9.06 -15.23
CA CYS L 230 -21.57 -7.91 -16.07
C CYS L 230 -20.64 -8.29 -17.21
N ASN L 231 -20.94 -7.79 -18.41
CA ASN L 231 -20.12 -8.02 -19.60
C ASN L 231 -19.97 -6.76 -20.45
N ARG L 232 -19.70 -5.61 -19.83
CA ARG L 232 -19.54 -4.37 -20.56
C ARG L 232 -18.08 -3.91 -20.61
N TYR L 233 -17.69 -3.38 -21.77
CA TYR L 233 -16.38 -2.79 -21.93
C TYR L 233 -16.15 -1.68 -20.91
N PRO L 234 -14.96 -1.58 -20.28
CA PRO L 234 -13.70 -2.31 -20.52
C PRO L 234 -13.52 -3.62 -19.77
N CYS L 235 -14.57 -4.18 -19.16
CA CYS L 235 -14.44 -5.46 -18.48
C CYS L 235 -14.16 -6.57 -19.48
N ILE L 236 -13.18 -7.41 -19.17
CA ILE L 236 -12.86 -8.59 -19.96
C ILE L 236 -13.86 -9.70 -19.67
N LYS L 237 -14.45 -10.25 -20.72
CA LYS L 237 -15.51 -11.25 -20.64
C LYS L 237 -16.55 -10.91 -19.56
N GLU L 238 -17.00 -11.90 -18.79
CA GLU L 238 -17.99 -11.66 -17.74
C GLU L 238 -17.38 -11.68 -16.34
N VAL L 239 -17.80 -10.71 -15.51
CA VAL L 239 -17.30 -10.52 -14.15
C VAL L 239 -18.48 -10.55 -13.18
N GLU L 240 -18.17 -10.81 -11.92
CA GLU L 240 -19.16 -10.87 -10.84
C GLU L 240 -18.99 -9.69 -9.88
N CYS L 241 -20.09 -9.03 -9.55
CA CYS L 241 -20.12 -7.85 -8.69
C CYS L 241 -21.13 -8.07 -7.55
N TYR L 242 -20.99 -7.26 -6.50
CA TYR L 242 -21.70 -7.47 -5.23
C TYR L 242 -22.37 -6.19 -4.77
N VAL L 243 -23.66 -6.30 -4.36
CA VAL L 243 -24.54 -5.18 -4.07
C VAL L 243 -24.61 -4.91 -2.57
N SER L 244 -24.91 -3.65 -2.22
CA SER L 244 -25.10 -3.20 -0.85
C SER L 244 -26.59 -3.17 -0.46
N ARG L 245 -26.88 -3.67 0.76
CA ARG L 245 -28.20 -3.64 1.37
C ARG L 245 -29.37 -4.16 0.53
N PRO L 246 -29.26 -5.38 -0.01
CA PRO L 246 -30.33 -5.87 -0.89
C PRO L 246 -31.64 -6.14 -0.16
N THR L 247 -31.58 -6.65 1.07
CA THR L 247 -32.81 -6.99 1.79
C THR L 247 -33.62 -5.74 2.14
N GLU L 248 -32.94 -4.73 2.67
CA GLU L 248 -33.62 -3.46 2.97
C GLU L 248 -34.20 -2.83 1.71
N LYS L 249 -33.46 -2.88 0.61
CA LYS L 249 -33.97 -2.29 -0.63
C LYS L 249 -35.19 -3.06 -1.15
N THR L 250 -35.19 -4.38 -1.03
CA THR L 250 -36.37 -5.17 -1.39
C THR L 250 -37.58 -4.84 -0.53
N VAL L 251 -37.37 -4.67 0.78
CA VAL L 251 -38.48 -4.31 1.67
C VAL L 251 -39.08 -2.97 1.24
N PHE L 252 -38.22 -1.98 0.98
CA PHE L 252 -38.68 -0.68 0.52
C PHE L 252 -39.49 -0.77 -0.79
N LEU L 253 -38.97 -1.52 -1.76
CA LEU L 253 -39.70 -1.75 -3.00
C LEU L 253 -41.12 -2.27 -2.75
N VAL L 254 -41.24 -3.32 -1.94
CA VAL L 254 -42.56 -3.93 -1.73
C VAL L 254 -43.50 -2.96 -1.03
N PHE L 255 -43.00 -2.25 -0.02
CA PHE L 255 -43.85 -1.27 0.69
C PHE L 255 -44.38 -0.20 -0.26
N MET L 256 -43.51 0.34 -1.11
CA MET L 256 -43.95 1.40 -2.02
C MET L 256 -44.98 0.87 -3.03
N PHE L 257 -44.78 -0.34 -3.54
CA PHE L 257 -45.77 -0.91 -4.44
C PHE L 257 -47.13 -1.03 -3.75
N ALA L 258 -47.15 -1.49 -2.50
CA ALA L 258 -48.41 -1.65 -1.78
C ALA L 258 -49.13 -0.31 -1.62
N VAL L 259 -48.41 0.72 -1.20
CA VAL L 259 -49.03 2.03 -1.00
C VAL L 259 -49.61 2.54 -2.31
N SER L 260 -48.85 2.45 -3.41
CA SER L 260 -49.36 2.96 -4.68
C SER L 260 -50.59 2.18 -5.13
N GLY L 261 -50.63 0.87 -4.88
CA GLY L 261 -51.83 0.11 -5.17
C GLY L 261 -53.04 0.62 -4.42
N ILE L 262 -52.88 0.88 -3.12
CA ILE L 262 -53.98 1.44 -2.34
C ILE L 262 -54.49 2.73 -2.98
N CYS L 263 -53.57 3.62 -3.35
CA CYS L 263 -54.00 4.90 -3.92
C CYS L 263 -54.75 4.70 -5.24
N VAL L 264 -54.28 3.79 -6.07
CA VAL L 264 -54.98 3.50 -7.33
C VAL L 264 -56.40 3.04 -7.06
N VAL L 265 -56.55 2.11 -6.12
CA VAL L 265 -57.88 1.58 -5.82
C VAL L 265 -58.81 2.72 -5.39
N LEU L 266 -58.34 3.57 -4.48
CA LEU L 266 -59.21 4.63 -3.97
C LEU L 266 -59.63 5.61 -5.08
N ASN L 267 -58.68 6.00 -5.94
CA ASN L 267 -59.06 6.95 -7.00
C ASN L 267 -60.02 6.33 -7.99
N LEU L 268 -59.86 5.04 -8.32
CA LEU L 268 -60.86 4.40 -9.17
C LEU L 268 -62.21 4.35 -8.47
N ALA L 269 -62.21 4.13 -7.15
CA ALA L 269 -63.45 4.13 -6.39
C ALA L 269 -64.20 5.43 -6.63
N GLU L 270 -63.52 6.56 -6.43
CA GLU L 270 -64.21 7.85 -6.53
C GLU L 270 -64.62 8.15 -7.98
N LEU L 271 -63.75 7.82 -8.94
CA LEU L 271 -64.12 8.00 -10.34
C LEU L 271 -65.42 7.28 -10.68
N ASN L 272 -65.55 6.03 -10.24
CA ASN L 272 -66.76 5.28 -10.53
C ASN L 272 -67.93 5.75 -9.68
N HIS L 273 -67.67 6.34 -8.52
CA HIS L 273 -68.75 6.87 -7.70
C HIS L 273 -69.43 8.04 -8.40
N LEU L 274 -68.64 8.94 -8.99
CA LEU L 274 -69.26 10.05 -9.71
C LEU L 274 -69.78 9.60 -11.07
N GLY L 275 -68.96 8.90 -11.86
CA GLY L 275 -69.43 8.31 -13.09
C GLY L 275 -69.38 9.24 -14.28
C31 MC3 M . -1.52 -40.23 -9.00
C32 MC3 M . -0.59 -41.39 -8.79
C33 MC3 M . -1.15 -42.61 -9.50
C34 MC3 M . -0.12 -43.73 -9.57
C35 MC3 M . 0.07 -44.38 -8.22
C36 MC3 M . 0.90 -45.65 -8.37
C37 MC3 M . 2.31 -45.32 -8.80
C38 MC3 M . 3.13 -46.59 -8.97
C39 MC3 M . 4.43 -46.26 -9.69
C40 MC3 M . 5.18 -47.52 -10.07
C41 MC3 M . 5.56 -48.30 -8.84
H321 MC3 M . -0.50 -41.60 -7.72
H322 MC3 M . 0.40 -41.16 -9.18
H331 MC3 M . -1.45 -42.34 -10.52
H332 MC3 M . -2.04 -42.97 -8.98
H341 MC3 M . -0.46 -44.48 -10.29
H342 MC3 M . 0.82 -43.31 -9.92
H351 MC3 M . 0.59 -43.70 -7.55
H352 MC3 M . -0.89 -44.62 -7.77
H361 MC3 M . 0.91 -46.19 -7.42
H362 MC3 M . 0.43 -46.30 -9.11
H371 MC3 M . 2.30 -44.78 -9.74
H372 MC3 M . 2.77 -44.69 -8.04
H381 MC3 M . 3.35 -47.01 -7.98
H382 MC3 M . 2.57 -47.32 -9.54
H391 MC3 M . 4.21 -45.67 -10.59
H392 MC3 M . 5.05 -45.64 -9.05
H401 MC3 M . 6.08 -47.25 -10.64
H402 MC3 M . 4.54 -48.13 -10.72
H411 MC3 M . 5.94 -47.61 -8.08
H412 MC3 M . 4.68 -48.80 -8.43
C33 MC3 N . 0.27 -37.72 -13.75
C34 MC3 N . 1.46 -38.34 -13.04
C35 MC3 N . 2.35 -39.04 -14.06
C36 MC3 N . 3.62 -39.56 -13.41
C37 MC3 N . 4.58 -40.01 -14.49
C38 MC3 N . 5.78 -40.72 -13.88
C39 MC3 N . 6.73 -41.10 -14.99
C40 MC3 N . 7.97 -41.78 -14.46
C41 MC3 N . 9.04 -41.82 -15.55
H331 MC3 N . 0.62 -37.03 -14.51
H332 MC3 N . -0.30 -38.50 -14.24
H341 MC3 N . 2.03 -37.58 -12.52
H342 MC3 N . 1.11 -39.07 -12.31
H351 MC3 N . 2.61 -38.32 -14.85
H352 MC3 N . 1.81 -39.86 -14.52
H361 MC3 N . 4.07 -38.75 -12.82
H362 MC3 N . 3.38 -40.39 -12.74
H371 MC3 N . 4.07 -40.68 -15.17
H372 MC3 N . 4.93 -39.14 -15.06
H381 MC3 N . 5.45 -41.60 -13.34
H382 MC3 N . 6.28 -40.05 -13.17
H391 MC3 N . 6.21 -41.77 -15.68
H392 MC3 N . 7.01 -40.20 -15.55
H401 MC3 N . 7.73 -42.80 -14.14
H402 MC3 N . 8.35 -41.23 -13.59
H411 MC3 N . 9.10 -40.83 -16.01
H412 MC3 N . 8.73 -42.52 -16.32
C37 MC3 O . 1.68 -44.45 -14.09
C38 MC3 O . 2.76 -45.40 -13.59
C39 MC3 O . 4.13 -44.97 -14.10
C40 MC3 O . 5.18 -46.00 -13.72
C41 MC3 O . 6.56 -45.56 -14.21
H371 MC3 O . 1.31 -43.85 -13.26
H372 MC3 O . 2.13 -43.77 -14.83
H381 MC3 O . 2.77 -45.41 -12.50
H382 MC3 O . 2.55 -46.42 -13.94
H391 MC3 O . 4.39 -44.01 -13.65
H392 MC3 O . 4.10 -44.86 -15.18
H401 MC3 O . 5.20 -46.13 -12.64
H402 MC3 O . 4.93 -46.97 -14.17
H411 MC3 O . 7.32 -46.23 -13.80
H412 MC3 O . 6.75 -44.56 -13.83
C31 MC3 P . 7.32 -36.34 11.94
C32 MC3 P . 8.33 -36.59 10.86
C33 MC3 P . 9.35 -37.60 11.37
C34 MC3 P . 10.29 -38.10 10.29
C35 MC3 P . 11.26 -39.10 10.91
C36 MC3 P . 12.22 -39.73 9.91
C37 MC3 P . 13.10 -38.70 9.21
C38 MC3 P . 14.16 -39.42 8.38
C39 MC3 P . 14.89 -38.45 7.46
C40 MC3 P . 15.62 -37.38 8.26
C41 MC3 P . 15.89 -36.14 7.40
C42 MC3 P . 16.44 -35.03 8.27
C43 MC3 P . 16.63 -33.73 7.48
C44 MC3 P . 16.79 -32.55 8.41
C32 MC3 Q . 1.24 -39.13 7.87
C33 MC3 Q . 1.95 -39.24 9.21
C34 MC3 Q . 2.87 -40.46 9.24
C35 MC3 Q . 3.47 -40.69 10.63
C36 MC3 Q . 4.46 -41.84 10.59
C37 MC3 Q . 5.70 -41.49 9.78
C38 MC3 Q . 6.67 -42.66 9.74
C39 MC3 Q . 8.01 -42.24 9.15
C40 MC3 Q . 8.98 -43.41 9.19
C41 MC3 Q . 10.33 -43.05 8.60
C42 MC3 Q . 11.22 -44.29 8.63
C43 MC3 Q . 12.62 -44.02 8.11
C44 MC3 Q . 13.42 -45.30 8.08
C31 MC3 R . 6.46 -20.80 -35.01
C32 MC3 R . 7.16 -22.10 -35.37
C33 MC3 R . 7.20 -22.24 -36.87
C34 MC3 R . 8.14 -23.36 -37.30
C35 MC3 R . 7.55 -24.73 -36.99
C36 MC3 R . 8.38 -25.82 -37.65
C37 MC3 R . 9.76 -25.89 -37.02
C38 MC3 R . 10.60 -26.96 -37.69
C39 MC3 R . 12.05 -26.80 -37.26
C40 MC3 R . 12.96 -27.71 -38.07
C41 MC3 R . 12.59 -29.16 -37.84
H321 MC3 R . 6.63 -22.94 -34.93
H322 MC3 R . 8.17 -22.09 -34.96
H331 MC3 R . 7.53 -21.31 -37.32
H332 MC3 R . 6.19 -22.46 -37.25
H341 MC3 R . 8.34 -23.30 -38.37
H342 MC3 R . 9.08 -23.25 -36.77
H351 MC3 R . 7.54 -24.88 -35.91
H352 MC3 R . 6.52 -24.78 -37.35
H361 MC3 R . 7.88 -26.78 -37.55
H362 MC3 R . 8.48 -25.59 -38.71
H371 MC3 R . 10.26 -24.93 -37.11
H372 MC3 R . 9.65 -26.11 -35.96
H381 MC3 R . 10.24 -27.94 -37.40
H382 MC3 R . 10.52 -26.87 -38.77
H391 MC3 R . 12.36 -25.76 -37.39
H392 MC3 R . 12.15 -27.04 -36.20
H401 MC3 R . 14.00 -27.54 -37.77
H402 MC3 R . 12.86 -27.47 -39.13
H411 MC3 R . 12.42 -29.31 -36.77
H412 MC3 R . 11.68 -29.40 -38.37
C33 MC3 S . 10.52 -16.87 -34.86
C34 MC3 S . 11.11 -18.21 -34.44
C35 MC3 S . 12.47 -18.39 -35.10
C36 MC3 S . 13.15 -19.65 -34.60
C37 MC3 S . 14.59 -19.67 -35.07
C38 MC3 S . 15.25 -20.99 -34.76
C39 MC3 S . 16.69 -20.94 -35.22
C40 MC3 S . 17.43 -22.23 -34.91
C41 MC3 S . 18.92 -21.99 -35.04
H331 MC3 S . 11.22 -16.08 -34.59
H332 MC3 S . 10.40 -16.86 -35.94
H341 MC3 S . 11.23 -18.25 -33.35
H342 MC3 S . 10.46 -19.02 -34.75
H351 MC3 S . 13.11 -17.53 -34.87
H352 MC3 S . 12.36 -18.45 -36.18
H361 MC3 S . 13.12 -19.67 -33.50
H362 MC3 S . 12.62 -20.53 -34.96
H371 MC3 S . 14.62 -19.49 -36.15
H372 MC3 S . 15.15 -18.86 -34.58
H381 MC3 S . 14.72 -21.80 -35.28
H382 MC3 S . 15.20 -21.20 -33.69
H391 MC3 S . 16.71 -20.76 -36.30
H392 MC3 S . 17.19 -20.10 -34.73
H401 MC3 S . 17.12 -23.01 -35.60
H402 MC3 S . 17.20 -22.56 -33.89
H411 MC3 S . 19.19 -21.06 -34.52
H412 MC3 S . 19.17 -21.87 -36.09
C37 MC3 T . 12.29 -21.74 -39.40
C38 MC3 T . 12.93 -23.13 -39.38
C39 MC3 T . 14.31 -23.06 -38.73
C40 MC3 T . 15.00 -24.42 -38.85
C41 MC3 T . 16.36 -24.36 -38.18
H371 MC3 T . 11.46 -21.72 -38.68
H372 MC3 T . 13.03 -21.01 -39.09
H381 MC3 T . 12.29 -23.81 -38.81
H382 MC3 T . 13.01 -23.50 -40.40
H391 MC3 T . 14.20 -22.80 -37.67
H392 MC3 T . 14.91 -22.30 -39.22
H401 MC3 T . 14.38 -25.18 -38.36
H402 MC3 T . 15.11 -24.68 -39.89
H411 MC3 T . 16.78 -25.37 -38.13
H412 MC3 T . 16.25 -24.01 -37.16
C31 MC3 U . 1.16 -34.79 -17.46
C32 MC3 U . 2.63 -34.70 -17.77
C33 MC3 U . 3.21 -36.10 -17.82
C34 MC3 U . 4.64 -36.14 -18.34
C35 MC3 U . 5.12 -37.58 -18.33
C36 MC3 U . 6.53 -37.75 -18.91
C37 MC3 U . 7.58 -36.99 -18.13
C38 MC3 U . 8.96 -37.37 -18.63
C39 MC3 U . 10.03 -36.43 -18.08
C40 MC3 U . 10.10 -36.50 -16.57
C41 MC3 U . 10.74 -35.25 -15.98
C42 MC3 U . 10.61 -35.25 -14.47
C43 MC3 U . 11.13 -33.97 -13.85
C44 MC3 U . 10.65 -33.82 -12.42
C32 MC3 V . -1.22 -31.71 -24.26
C33 MC3 V . -1.41 -32.90 -23.33
C34 MC3 V . -0.62 -34.10 -23.82
C35 MC3 V . -0.92 -35.36 -23.01
C36 MC3 V . -0.03 -36.51 -23.45
C37 MC3 V . 1.43 -36.26 -23.08
C38 MC3 V . 2.31 -37.41 -23.55
C39 MC3 V . 3.72 -37.30 -22.97
C40 MC3 V . 4.55 -38.49 -23.40
C41 MC3 V . 5.96 -38.42 -22.85
C42 MC3 V . 6.75 -39.62 -23.37
C43 MC3 V . 8.17 -39.67 -22.84
C44 MC3 V . 8.91 -40.84 -23.45
C31 MC3 W . 27.00 5.22 -30.72
C32 MC3 W . 27.85 4.29 -31.56
C33 MC3 W . 28.79 5.12 -32.43
C34 MC3 W . 29.85 4.26 -33.08
C35 MC3 W . 29.28 3.39 -34.17
C36 MC3 W . 30.40 2.74 -34.97
C37 MC3 W . 31.15 1.73 -34.11
C38 MC3 W . 32.28 1.09 -34.87
C39 MC3 W . 33.19 0.35 -33.92
C40 MC3 W . 34.46 -0.12 -34.62
C41 MC3 W . 34.11 -1.10 -35.73
H321 MC3 W . 27.21 3.67 -32.19
H322 MC3 W . 28.44 3.64 -30.91
H331 MC3 W . 29.25 5.90 -31.83
H332 MC3 W . 28.20 5.62 -33.22
H341 MC3 W . 30.64 4.89 -33.49
H342 MC3 W . 30.30 3.62 -32.31
H351 MC3 W . 28.65 2.61 -33.74
H352 MC3 W . 28.65 3.99 -34.84
H361 MC3 W . 29.99 2.23 -35.85
H362 MC3 W . 31.09 3.51 -35.32
H371 MC3 W . 31.55 2.23 -33.22
H372 MC3 W . 30.45 0.96 -33.77
H381 MC3 W . 31.87 0.40 -35.62
H382 MC3 W . 32.85 1.86 -35.41
H391 MC3 W . 33.45 1.00 -33.08
H392 MC3 W . 32.66 -0.51 -33.51
H401 MC3 W . 35.12 -0.61 -33.89
H402 MC3 W . 34.99 0.74 -35.04
H411 MC3 W . 33.35 -1.78 -35.37
H412 MC3 W . 33.70 -0.54 -36.58
C33 MC3 X . 29.96 6.12 -25.99
C34 MC3 X . 30.27 4.72 -26.51
C35 MC3 X . 31.77 4.46 -26.39
C36 MC3 X . 32.09 3.03 -26.78
C37 MC3 X . 33.54 2.73 -26.42
C38 MC3 X . 33.96 1.39 -26.96
C39 MC3 X . 35.39 1.12 -26.54
C40 MC3 X . 35.88 -0.24 -27.01
C41 MC3 X . 37.15 -0.59 -26.26
H331 MC3 X . 30.32 6.20 -24.96
H332 MC3 X . 30.50 6.84 -26.59
H341 MC3 X . 29.73 3.98 -25.92
H342 MC3 X . 29.97 4.63 -27.55
H351 MC3 X . 32.10 4.64 -25.37
H352 MC3 X . 32.31 5.15 -27.05
H361 MC3 X . 31.43 2.34 -26.24
H362 MC3 X . 31.94 2.88 -27.85
H371 MC3 X . 34.18 3.50 -26.83
H372 MC3 X . 33.65 2.74 -25.33
H381 MC3 X . 33.89 1.38 -28.05
H382 MC3 X . 33.31 0.60 -26.57
H391 MC3 X . 36.04 1.91 -26.94
H392 MC3 X . 35.46 1.18 -25.45
H401 MC3 X . 36.08 -0.20 -28.08
H402 MC3 X . 35.11 -0.99 -26.82
H411 MC3 X . 37.01 -0.40 -25.19
H412 MC3 X . 37.97 0.05 -26.60
C37 MC3 Y . 34.34 4.97 -31.18
C38 MC3 Y . 34.93 3.77 -31.92
C39 MC3 Y . 35.65 2.85 -30.95
C40 MC3 Y . 36.37 1.74 -31.70
C41 MC3 Y . 37.07 0.81 -30.74
H371 MC3 Y . 33.25 4.87 -31.15
H372 MC3 Y . 34.71 4.97 -30.16
H381 MC3 Y . 34.12 3.22 -32.41
H382 MC3 Y . 35.62 4.12 -32.68
H391 MC3 Y . 34.93 2.42 -30.25
H392 MC3 Y . 36.38 3.43 -30.37
H401 MC3 Y . 35.63 1.18 -32.29
H402 MC3 Y . 37.09 2.17 -32.39
H411 MC3 Y . 37.44 -0.06 -31.28
H412 MC3 Y . 36.35 0.45 -29.99
C31 MC3 Z . 13.25 -12.94 -34.28
C32 MC3 Z . 14.61 -13.28 -33.74
C33 MC3 Z . 15.19 -14.42 -34.55
C34 MC3 Z . 16.65 -14.70 -34.23
C35 MC3 Z . 17.13 -15.87 -35.09
C36 MC3 Z . 18.60 -16.19 -34.91
C37 MC3 Z . 18.96 -16.59 -33.50
C38 MC3 Z . 20.39 -17.09 -33.44
C39 MC3 Z . 20.88 -17.24 -32.01
C40 MC3 Z . 20.05 -18.25 -31.24
C41 MC3 Z . 20.14 -18.03 -29.74
C42 MC3 Z . 19.15 -18.94 -29.02
C43 MC3 Z . 19.13 -18.68 -27.52
C44 MC3 Z . 17.90 -19.27 -26.88
C32 MC3 AA . 15.14 -5.68 -36.54
C33 MC3 AA . 14.51 -6.98 -37.02
C34 MC3 AA . 15.51 -7.81 -37.83
C35 MC3 AA . 14.86 -9.03 -38.47
C36 MC3 AA . 15.91 -9.88 -39.16
C37 MC3 AA . 16.85 -10.53 -38.16
C38 MC3 AA . 17.91 -11.36 -38.87
C39 MC3 AA . 18.69 -12.22 -37.89
C40 MC3 AA . 19.69 -13.09 -38.63
C41 MC3 AA . 20.51 -13.96 -37.68
C42 MC3 AA . 21.51 -14.74 -38.51
C43 MC3 AA . 22.35 -15.69 -37.67
C44 MC3 AA . 23.37 -16.39 -38.52
C31 MC3 BA . 39.47 11.79 -0.45
C32 MC3 BA . 40.71 11.35 -1.19
C33 MC3 BA . 41.93 12.07 -0.63
C34 MC3 BA . 43.23 11.45 -1.14
C35 MC3 BA . 43.45 11.78 -2.60
C36 MC3 BA . 44.86 11.39 -3.00
C37 MC3 BA . 45.03 9.87 -2.97
C38 MC3 BA . 46.43 9.46 -3.35
C39 MC3 BA . 46.64 8.00 -3.01
C40 MC3 BA . 48.10 7.61 -3.17
C41 MC3 BA . 48.54 7.78 -4.61
H321 MC3 BA . 40.60 11.57 -2.25
H322 MC3 BA . 40.85 10.26 -1.08
H331 MC3 BA . 41.90 12.02 0.46
H332 MC3 BA . 41.89 13.12 -0.93
H341 MC3 BA . 44.06 11.82 -0.54
H342 MC3 BA . 43.16 10.37 -1.01
H351 MC3 BA . 42.74 11.24 -3.22
H352 MC3 BA . 43.31 12.85 -2.76
H361 MC3 BA . 45.08 11.75 -4.00
H362 MC3 BA . 45.58 11.84 -2.31
H371 MC3 BA . 44.80 9.50 -1.97
H372 MC3 BA . 44.31 9.43 -3.66
H381 MC3 BA . 46.58 9.62 -4.42
H382 MC3 BA . 47.15 10.08 -2.81
H391 MC3 BA . 46.32 7.82 -1.98
H392 MC3 BA . 46.03 7.38 -3.66
H401 MC3 BA . 48.23 6.57 -2.87
H402 MC3 BA . 48.72 8.24 -2.51
H411 MC3 BA . 47.75 7.41 -5.26
H412 MC3 BA . 48.67 8.85 -4.82
C33 MC3 CA . 39.02 8.26 3.96
C34 MC3 CA . 39.66 7.51 2.79
C35 MC3 CA . 40.82 6.67 3.31
C36 MC3 CA . 41.39 5.81 2.19
C37 MC3 CA . 42.36 4.81 2.78
C38 MC3 CA . 43.11 4.07 1.70
C39 MC3 CA . 44.02 3.06 2.35
C40 MC3 CA . 44.78 2.24 1.31
C41 MC3 CA . 45.39 1.01 1.99
H331 MC3 CA . 38.70 7.53 4.71
H332 MC3 CA . 39.76 8.91 4.42
H341 MC3 CA . 38.93 6.87 2.31
H342 MC3 CA . 40.03 8.23 2.05
H351 MC3 CA . 40.47 6.02 4.12
H352 MC3 CA . 41.60 7.31 3.71
H361 MC3 CA . 40.59 5.29 1.68
H362 MC3 CA . 41.90 6.44 1.47
H371 MC3 CA . 43.07 5.33 3.42
H372 MC3 CA . 41.82 4.10 3.40
H381 MC3 CA . 43.69 4.77 1.10
H382 MC3 CA . 42.39 3.56 1.03
H391 MC3 CA . 44.73 3.57 2.99
H392 MC3 CA . 43.44 2.39 2.97
H401 MC3 CA . 45.57 2.85 0.87
H402 MC3 CA . 44.11 1.92 0.52
H411 MC3 CA . 44.63 0.55 2.61
H412 MC3 CA . 46.21 1.33 2.64
C37 MC3 DA . 45.68 8.95 2.32
C38 MC3 DA . 46.65 8.37 1.31
C39 MC3 DA . 46.73 6.85 1.44
C40 MC3 DA . 47.81 6.29 0.55
C41 MC3 DA . 47.87 4.77 0.66
H371 MC3 DA . 44.79 9.30 1.79
H372 MC3 DA . 45.37 8.16 3.01
H381 MC3 DA . 46.33 8.62 0.30
H382 MC3 DA . 47.64 8.79 1.47
H391 MC3 DA . 45.77 6.41 1.18
H392 MC3 DA . 46.94 6.59 2.49
H401 MC3 DA . 47.60 6.56 -0.49
H402 MC3 DA . 48.78 6.72 0.82
H411 MC3 DA . 48.54 4.38 -0.10
H412 MC3 DA . 46.88 4.37 0.48
C31 MC3 EA . 31.58 7.32 -21.64
C32 MC3 EA . 32.39 6.21 -21.02
C33 MC3 EA . 33.41 5.71 -22.04
C34 MC3 EA . 34.41 4.74 -21.44
C35 MC3 EA . 35.37 4.29 -22.54
C36 MC3 EA . 36.49 3.37 -22.04
C37 MC3 EA . 35.95 2.08 -21.45
C38 MC3 EA . 37.11 1.13 -21.17
C39 MC3 EA . 36.66 -0.06 -20.32
C40 MC3 EA . 35.60 -0.89 -21.05
C41 MC3 EA . 34.79 -1.70 -20.06
C42 MC3 EA . 33.62 -2.35 -20.78
C43 MC3 EA . 32.70 -3.10 -19.82
C44 MC3 EA . 31.36 -3.41 -20.45
C32 MC3 FA . 34.00 12.85 -16.64
C33 MC3 FA . 33.86 12.52 -18.12
C34 MC3 FA . 35.18 12.06 -18.72
C35 MC3 FA . 35.11 11.90 -20.22
C36 MC3 FA . 36.42 11.34 -20.76
C37 MC3 FA . 36.64 9.90 -20.30
C38 MC3 FA . 37.95 9.35 -20.84
C39 MC3 FA . 38.05 7.85 -20.62
C40 MC3 FA . 39.35 7.33 -21.21
C41 MC3 FA . 39.50 5.83 -21.00
C42 MC3 FA . 40.85 5.40 -21.58
C43 MC3 FA . 41.09 3.91 -21.47
C44 MC3 FA . 42.46 3.56 -21.98
C31 MC3 GA . 31.47 -7.62 25.49
C32 MC3 GA . 32.93 -7.94 25.30
C33 MC3 GA . 33.54 -8.28 26.65
C34 MC3 GA . 34.92 -8.90 26.50
C35 MC3 GA . 35.95 -7.86 26.09
C36 MC3 GA . 37.35 -8.44 26.19
C37 MC3 GA . 37.54 -9.54 25.16
C38 MC3 GA . 38.93 -10.14 25.27
C39 MC3 GA . 39.00 -11.42 24.47
C40 MC3 GA . 40.30 -12.16 24.72
C41 MC3 GA . 41.48 -11.32 24.29
H321 MC3 GA . 33.45 -7.08 24.87
H322 MC3 GA . 33.05 -8.78 24.62
H331 MC3 GA . 32.89 -8.99 27.17
H332 MC3 GA . 33.62 -7.39 27.26
H341 MC3 GA . 35.23 -9.36 27.43
H342 MC3 GA . 34.87 -9.68 25.74
H351 MC3 GA . 35.76 -7.55 25.06
H352 MC3 GA . 35.86 -6.98 26.73
H361 MC3 GA . 38.08 -7.64 26.04
H362 MC3 GA . 37.50 -8.85 27.19
H371 MC3 GA . 36.81 -10.33 25.30
H372 MC3 GA . 37.41 -9.12 24.17
H381 MC3 GA . 39.67 -9.42 24.90
H382 MC3 GA . 39.16 -10.35 26.32
H391 MC3 GA . 38.15 -12.05 24.72
H392 MC3 GA . 38.92 -11.18 23.39
H401 MC3 GA . 40.29 -13.11 24.17
H402 MC3 GA . 40.37 -12.40 25.78
H411 MC3 GA . 41.25 -10.84 23.33
H412 MC3 GA . 41.65 -10.52 25.02
C33 MC3 HA . 28.75 -12.55 24.96
C34 MC3 HA . 30.00 -12.58 24.08
C35 MC3 HA . 30.68 -13.92 24.23
C36 MC3 HA . 31.85 -14.04 23.26
C37 MC3 HA . 32.36 -15.46 23.25
C38 MC3 HA . 33.64 -15.58 22.46
C39 MC3 HA . 34.06 -17.03 22.45
C40 MC3 HA . 35.33 -17.24 21.64
C41 MC3 HA . 35.50 -18.72 21.34
H331 MC3 HA . 28.10 -13.38 24.68
H332 MC3 HA . 29.04 -12.69 26.00
H341 MC3 HA . 29.72 -12.42 23.05
H342 MC3 HA . 30.68 -11.79 24.39
H351 MC3 HA . 29.97 -14.73 24.02
H352 MC3 HA . 31.04 -14.05 25.25
H361 MC3 HA . 31.53 -13.75 22.26
H362 MC3 HA . 32.66 -13.36 23.57
H371 MC3 HA . 32.52 -15.80 24.27
H372 MC3 HA . 31.59 -16.11 22.81
H381 MC3 HA . 34.41 -14.97 22.93
H382 MC3 HA . 33.48 -15.23 21.44
H391 MC3 HA . 34.23 -17.37 23.47
H392 MC3 HA . 33.26 -17.64 22.02
H401 MC3 HA . 36.19 -16.86 22.19
H402 MC3 HA . 35.27 -16.68 20.70
H411 MC3 HA . 34.55 -19.13 21.00
H412 MC3 HA . 35.77 -19.24 22.27
C37 MC3 IA . 35.04 -13.72 27.50
C38 MC3 IA . 36.46 -13.87 26.97
C39 MC3 IA . 36.53 -15.01 25.96
C40 MC3 IA . 37.98 -15.25 25.54
C41 MC3 IA . 38.04 -16.37 24.50
H371 MC3 IA . 34.61 -12.80 27.10
H372 MC3 IA . 34.44 -14.56 27.15
H381 MC3 IA . 36.77 -12.94 26.49
H382 MC3 IA . 37.15 -14.08 27.79
H391 MC3 IA . 35.94 -14.74 25.07
H392 MC3 IA . 36.11 -15.92 26.39
H401 MC3 IA . 38.39 -14.34 25.11
H402 MC3 IA . 38.57 -15.52 26.41
H411 MC3 IA . 39.06 -16.42 24.10
H412 MC3 IA . 37.38 -16.13 23.68
C31 MC3 JA . 37.76 5.78 7.80
C32 MC3 JA . 38.11 4.31 7.65
C33 MC3 JA . 39.56 4.21 7.19
C34 MC3 JA . 40.09 2.79 7.22
C35 MC3 JA . 41.53 2.79 6.73
C36 MC3 JA . 42.20 1.41 6.79
C37 MC3 JA . 41.50 0.39 5.92
C38 MC3 JA . 42.33 -0.88 5.86
C39 MC3 JA . 41.56 -2.03 5.23
C40 MC3 JA . 41.17 -1.71 3.80
C41 MC3 JA . 39.98 -2.55 3.34
C42 MC3 JA . 39.51 -2.07 1.99
C43 MC3 JA . 38.25 -2.81 1.53
C44 MC3 JA . 37.56 -2.08 0.40
C32 MC3 KA . 36.43 5.39 15.51
C33 MC3 KA . 37.21 6.17 14.45
C34 MC3 KA . 38.65 5.69 14.37
C35 MC3 KA . 39.49 6.56 13.44
C36 MC3 KA . 40.90 5.99 13.32
C37 MC3 KA . 40.90 4.66 12.58
C38 MC3 KA . 42.31 4.10 12.46
C39 MC3 KA . 42.35 2.91 11.51
C40 MC3 KA . 43.78 2.41 11.38
C41 MC3 KA . 43.88 1.21 10.44
C42 MC3 KA . 45.33 0.75 10.42
C43 MC3 KA . 45.56 -0.41 9.47
C44 MC3 KA . 47.00 -0.88 9.54
C31 MC3 LA . 11.02 -33.61 21.23
C32 MC3 LA . 12.33 -34.31 21.52
C33 MC3 LA . 12.06 -35.62 22.23
C34 MC3 LA . 13.31 -36.48 22.29
C35 MC3 LA . 14.31 -35.94 23.28
C36 MC3 LA . 15.42 -36.95 23.51
C37 MC3 LA . 16.25 -37.14 22.24
C38 MC3 LA . 17.34 -38.16 22.45
C39 MC3 LA . 17.94 -38.55 21.11
C40 MC3 LA . 18.89 -39.73 21.24
C41 MC3 LA . 20.05 -39.37 22.15
H321 MC3 LA . 12.95 -33.67 22.15
H322 MC3 LA . 12.87 -34.50 20.59
H331 MC3 LA . 11.27 -36.16 21.71
H332 MC3 LA . 11.71 -35.41 23.25
H341 MC3 LA . 13.03 -37.50 22.57
H342 MC3 LA . 13.75 -36.51 21.29
H351 MC3 LA . 14.75 -35.01 22.89
H352 MC3 LA . 13.82 -35.71 24.22
H361 MC3 LA . 16.07 -36.63 24.32
H362 MC3 LA . 14.98 -37.91 23.78
H371 MC3 LA . 15.61 -37.46 21.42
H372 MC3 LA . 16.69 -36.18 21.96
H381 MC3 LA . 18.11 -37.74 23.09
H382 MC3 LA . 16.93 -39.04 22.94
H391 MC3 LA . 17.13 -38.80 20.42
H392 MC3 LA . 18.48 -37.69 20.69
H401 MC3 LA . 19.26 -40.01 20.26
H402 MC3 LA . 18.35 -40.58 21.67
H411 MC3 LA . 20.39 -38.36 21.89
H412 MC3 LA . 19.71 -39.35 23.19
C33 MC3 MA . 9.40 -35.53 16.15
C34 MC3 MA . 10.92 -35.51 16.22
C35 MC3 MA . 11.46 -36.78 15.59
C36 MC3 MA . 12.98 -36.72 15.50
C37 MC3 MA . 13.47 -37.86 14.66
C38 MC3 MA . 14.98 -37.97 14.70
C39 MC3 MA . 15.41 -39.11 13.81
C40 MC3 MA . 16.93 -39.25 13.77
C41 MC3 MA . 17.32 -40.14 12.60
H331 MC3 MA . 9.07 -35.65 15.12
H332 MC3 MA . 9.03 -36.39 16.72
H341 MC3 MA . 11.29 -34.63 15.66
H342 MC3 MA . 11.24 -35.43 17.25
H351 MC3 MA . 11.05 -36.89 14.58
H352 MC3 MA . 11.16 -37.63 16.18
H361 MC3 MA . 13.29 -35.77 15.04
H362 MC3 MA . 13.41 -36.77 16.49
H371 MC3 MA . 13.03 -38.80 15.02
H372 MC3 MA . 13.15 -37.73 13.62
H381 MC3 MA . 15.31 -38.16 15.73
H382 MC3 MA . 15.43 -37.04 14.37
H391 MC3 MA . 14.97 -40.04 14.17
H392 MC3 MA . 15.05 -38.93 12.79
H401 MC3 MA . 17.28 -39.69 14.71
H402 MC3 MA . 17.39 -38.27 13.66
H411 MC3 MA . 16.78 -39.81 11.71
H412 MC3 MA . 17.03 -41.17 12.82
C37 MC3 NA . 13.09 -40.41 19.32
C38 MC3 NA . 14.55 -40.74 19.54
C39 MC3 NA . 15.27 -40.90 18.20
C40 MC3 NA . 16.69 -41.39 18.41
C41 MC3 NA . 17.42 -41.53 17.08
H371 MC3 NA . 12.91 -39.37 19.60
H372 MC3 NA . 12.86 -40.51 18.25
H381 MC3 NA . 15.04 -39.94 20.10
H382 MC3 NA . 14.64 -41.67 20.11
H391 MC3 NA . 15.28 -39.95 17.67
H392 MC3 NA . 14.73 -41.63 17.58
H401 MC3 NA . 17.23 -40.67 19.04
H402 MC3 NA . 16.68 -42.35 18.93
H411 MC3 NA . 18.47 -41.73 17.27
H412 MC3 NA . 17.33 -40.59 16.54
C31 MC3 OA . 25.67 -16.11 24.49
C32 MC3 OA . 26.12 -17.14 23.49
C33 MC3 OA . 27.57 -17.51 23.80
C34 MC3 OA . 28.06 -18.69 22.99
C35 MC3 OA . 29.51 -18.97 23.36
C36 MC3 OA . 30.10 -20.19 22.65
C37 MC3 OA . 30.10 -20.06 21.14
C38 MC3 OA . 30.88 -21.21 20.53
C39 MC3 OA . 30.68 -21.28 19.02
C40 MC3 OA . 31.18 -20.02 18.33
C41 MC3 OA . 30.53 -19.84 16.98
C42 MC3 OA . 30.90 -18.47 16.41
C43 MC3 OA . 30.20 -18.20 15.09
C44 MC3 OA . 30.25 -16.72 14.73
C32 MC3 PA . 20.12 -20.63 27.70
C33 MC3 PA . 21.33 -19.76 28.04
C34 MC3 PA . 22.57 -20.60 28.27
C35 MC3 PA . 23.74 -19.77 28.77
C36 MC3 PA . 24.99 -20.64 28.89
C37 MC3 PA . 25.50 -21.08 27.52
C38 MC3 PA . 26.74 -21.95 27.65
C39 MC3 PA . 27.40 -22.18 26.30
C40 MC3 PA . 28.66 -23.00 26.47
C41 MC3 PA . 29.35 -23.27 25.15
C42 MC3 PA . 30.57 -24.15 25.41
C43 MC3 PA . 31.36 -24.43 24.14
C44 MC3 PA . 32.52 -25.36 24.45
C31 MC3 QA . -28.91 -6.96 28.60
C32 MC3 QA . -30.37 -6.63 28.73
C33 MC3 QA . -30.86 -7.02 30.11
C34 MC3 QA . -32.24 -6.44 30.40
C35 MC3 QA . -33.31 -7.16 29.62
C36 MC3 QA . -34.69 -6.75 30.12
C37 MC3 QA . -34.96 -5.29 29.79
C38 MC3 QA . -36.32 -4.87 30.31
C39 MC3 QA . -36.42 -3.34 30.26
C40 MC3 QA . -37.68 -2.87 30.97
C41 MC3 QA . -38.92 -3.41 30.27
H321 MC3 QA . -30.95 -7.16 27.97
H322 MC3 QA . -30.53 -5.55 28.57
H331 MC3 QA . -30.15 -6.65 30.86
H332 MC3 QA . -30.90 -8.10 30.19
H341 MC3 QA . -32.45 -6.52 31.47
H342 MC3 QA . -32.24 -5.39 30.13
H351 MC3 QA . -33.22 -6.90 28.56
H352 MC3 QA . -33.19 -8.24 29.72
H361 MC3 QA . -35.45 -7.37 29.65
H362 MC3 QA . -34.74 -6.90 31.20
H371 MC3 QA . -34.19 -4.66 30.25
H372 MC3 QA . -34.91 -5.15 28.72
H381 MC3 QA . -37.10 -5.31 29.69
H382 MC3 QA . -36.45 -5.21 31.34
H391 MC3 QA . -35.55 -2.91 30.73
H392 MC3 QA . -36.44 -3.02 29.22
H401 MC3 QA . -37.70 -1.78 30.96
H402 MC3 QA . -37.66 -3.20 32.00
H411 MC3 QA . -38.78 -3.33 29.20
H412 MC3 QA . -39.03 -4.47 30.52
C33 MC3 RA . -26.14 -2.35 30.38
C34 MC3 RA . -27.47 -1.92 29.76
C35 MC3 RA . -28.11 -0.85 30.61
C36 MC3 RA . -29.35 -0.30 29.95
C37 MC3 RA . -29.82 0.93 30.69
C38 MC3 RA . -31.18 1.39 30.17
C39 MC3 RA . -31.56 2.65 30.93
C40 MC3 RA . -32.90 3.20 30.44
C41 MC3 RA . -33.06 4.62 30.95
H331 MC3 RA . -25.50 -1.48 30.50
H332 MC3 RA . -26.35 -2.76 31.38
H341 MC3 RA . -27.29 -1.54 28.75
H342 MC3 RA . -28.13 -2.77 29.68
H351 MC3 RA . -27.39 -0.03 30.77
H352 MC3 RA . -28.37 -1.26 31.59
H361 MC3 RA . -29.12 -0.04 28.91
H362 MC3 RA . -30.14 -1.06 29.93
H371 MC3 RA . -29.90 0.70 31.76
H372 MC3 RA . -29.10 1.74 30.56
H381 MC3 RA . -31.92 0.61 30.34
H382 MC3 RA . -31.11 1.60 29.11
H391 MC3 RA . -31.64 2.41 31.99
H392 MC3 RA . -30.79 3.40 30.80
H401 MC3 RA . -33.71 2.57 30.81
H402 MC3 RA . -32.93 3.19 29.35
H411 MC3 RA . -32.14 5.17 30.78
H412 MC3 RA . -33.24 4.60 32.03
C37 MC3 SA . -32.17 -2.78 33.70
C38 MC3 SA . -33.63 -2.42 33.43
C39 MC3 SA . -33.77 -0.94 33.14
C40 MC3 SA . -35.23 -0.55 33.02
C41 MC3 SA . -35.37 0.93 32.70
H371 MC3 SA . -31.79 -3.36 32.85
H372 MC3 SA . -31.59 -1.86 33.76
H381 MC3 SA . -34.01 -3.00 32.58
H382 MC3 SA . -34.24 -2.67 34.31
H391 MC3 SA . -33.25 -0.70 32.20
H392 MC3 SA . -33.30 -0.36 33.94
H401 MC3 SA . -35.70 -1.14 32.23
H402 MC3 SA . -35.74 -0.78 33.96
H411 MC3 SA . -36.42 1.16 32.48
H412 MC3 SA . -34.79 1.16 31.82
C31 MC3 TA . -36.98 -9.82 7.18
C32 MC3 TA . -37.32 -8.49 7.81
C33 MC3 TA . -38.80 -8.21 7.60
C34 MC3 TA . -39.29 -7.00 8.39
C35 MC3 TA . -40.77 -6.80 8.09
C36 MC3 TA . -41.40 -5.66 8.88
C37 MC3 TA . -40.76 -4.32 8.58
C38 MC3 TA . -41.57 -3.21 9.24
C39 MC3 TA . -40.83 -1.88 9.21
C40 MC3 TA . -40.58 -1.42 7.78
C41 MC3 TA . -39.41 -0.44 7.71
C42 MC3 TA . -39.06 -0.16 6.27
C43 MC3 TA . -37.84 0.74 6.14
C44 MC3 TA . -37.26 0.70 4.74
C32 MC3 UA . -34.98 -13.31 13.90
C33 MC3 UA . -35.86 -13.47 12.66
C34 MC3 UA . -37.30 -13.07 12.96
C35 MC3 UA . -38.24 -13.37 11.80
C36 MC3 UA . -39.63 -12.85 12.08
C37 MC3 UA . -39.67 -11.33 12.12
C38 MC3 UA . -41.07 -10.83 12.43
C39 MC3 UA . -41.18 -9.33 12.21
C40 MC3 UA . -42.60 -8.86 12.46
C41 MC3 UA . -42.76 -7.36 12.27
C42 MC3 UA . -44.20 -6.99 12.60
C43 MC3 UA . -44.48 -5.51 12.39
C44 MC3 UA . -45.89 -5.17 12.80
C31 MC3 VA . -8.23 18.17 36.11
C32 MC3 VA . -9.50 18.58 36.82
C33 MC3 VA . -9.13 19.37 38.07
C34 MC3 VA . -10.35 20.05 38.67
C35 MC3 VA . -11.27 19.06 39.34
C36 MC3 VA . -12.33 19.79 40.15
C37 MC3 VA . -13.27 20.55 39.23
C38 MC3 VA . -14.32 21.29 40.03
C39 MC3 VA . -15.03 22.28 39.12
C40 MC3 VA . -15.93 23.21 39.92
C41 MC3 VA . -17.01 22.41 40.63
H321 MC3 VA . -10.07 17.70 37.10
H322 MC3 VA . -10.12 19.19 36.17
H331 MC3 VA . -8.38 20.12 37.82
H332 MC3 VA . -8.70 18.69 38.81
H341 MC3 VA . -10.03 20.80 39.40
H342 MC3 VA . -10.89 20.57 37.87
H351 MC3 VA . -11.76 18.44 38.58
H352 MC3 VA . -10.69 18.40 39.99
H361 MC3 VA . -12.90 19.06 40.74
H362 MC3 VA . -11.84 20.49 40.83
H371 MC3 VA . -12.70 21.26 38.63
H372 MC3 VA . -13.76 19.84 38.56
H381 MC3 VA . -15.03 20.59 40.44
H382 MC3 VA . -13.84 21.83 40.85
H391 MC3 VA . -14.29 22.88 38.58
H392 MC3 VA . -15.62 21.75 38.39
H401 MC3 VA . -16.39 23.94 39.25
H402 MC3 VA . -15.34 23.75 40.66
H411 MC3 VA . -17.40 21.67 39.94
H412 MC3 VA . -16.58 21.88 41.49
C33 MC3 WA . -7.06 22.41 32.55
C34 MC3 WA . -8.57 22.33 32.73
C35 MC3 WA . -9.16 23.71 32.88
C36 MC3 WA . -10.67 23.67 32.91
C37 MC3 WA . -11.22 25.08 32.82
C38 MC3 WA . -12.71 25.09 33.05
C39 MC3 WA . -13.21 26.51 32.89
C40 MC3 WA . -14.72 26.61 33.08
C41 MC3 WA . -15.20 27.95 32.55
H331 MC3 WA . -6.84 23.05 31.69
H332 MC3 WA . -6.64 22.89 33.44
H341 MC3 WA . -9.02 21.83 31.86
H342 MC3 WA . -8.81 21.73 33.62
H351 MC3 WA . -8.84 24.34 32.03
H352 MC3 WA . -8.78 24.18 33.79
H361 MC3 WA . -11.03 23.07 32.08
H362 MC3 WA . -11.00 23.20 33.85
H371 MC3 WA . -10.73 25.71 33.55
H372 MC3 WA . -11.00 25.48 31.82
H381 MC3 WA . -12.94 24.73 34.06
H382 MC3 WA . -13.22 24.44 32.33
H391 MC3 WA . -12.72 27.14 33.63
H392 MC3 WA . -12.94 26.88 31.90
H401 MC3 WA . -14.96 26.51 34.13
H402 MC3 WA . -15.21 25.80 32.53
H411 MC3 WA . -14.75 28.13 31.57
H412 MC3 WA . -14.86 28.74 33.22
C37 MC3 XA . -10.34 24.94 38.06
C38 MC3 XA . -11.77 25.08 38.56
C39 MC3 XA . -12.60 25.86 37.56
C40 MC3 XA . -13.99 26.13 38.11
C41 MC3 XA . -14.84 26.91 37.11
H371 MC3 XA . -10.16 23.90 37.77
H372 MC3 XA . -10.20 25.57 37.18
H381 MC3 XA . -12.21 24.09 38.69
H382 MC3 XA . -11.78 25.58 39.52
H391 MC3 XA . -12.69 25.31 36.62
H392 MC3 XA . -12.11 26.82 37.34
H401 MC3 XA . -14.48 25.18 38.35
H402 MC3 XA . -13.91 26.71 39.05
H411 MC3 XA . -15.87 26.94 37.46
H412 MC3 XA . -14.83 26.37 36.16
C31 MC3 YA . -22.87 0.96 31.49
C32 MC3 YA . -23.40 2.34 31.20
C33 MC3 YA . -24.80 2.45 31.77
C34 MC3 YA . -25.34 3.88 31.72
C35 MC3 YA . -26.75 3.89 32.31
C36 MC3 YA . -27.36 5.28 32.38
C37 MC3 YA . -27.52 5.92 31.01
C38 MC3 YA . -28.34 7.20 31.14
C39 MC3 YA . -28.27 8.03 29.86
C40 MC3 YA . -28.87 7.26 28.69
C41 MC3 YA . -28.36 7.81 27.36
C42 MC3 YA . -28.81 6.91 26.22
C43 MC3 YA . -28.24 7.33 24.89
C44 MC3 YA . -28.36 6.24 23.84
C32 MC3 ZA . -16.95 3.43 36.00
C33 MC3 ZA . -18.14 2.47 35.96
C34 MC3 ZA . -19.33 3.04 36.70
C35 MC3 ZA . -20.46 2.04 36.84
C36 MC3 ZA . -21.68 2.69 37.49
C37 MC3 ZA . -22.30 3.74 36.57
C38 MC3 ZA . -23.51 4.39 37.24
C39 MC3 ZA . -24.29 5.24 36.26
C40 MC3 ZA . -25.51 5.83 36.93
C41 MC3 ZA . -26.32 6.72 35.99
C42 MC3 ZA . -27.49 7.30 36.78
C43 MC3 ZA . -28.40 8.16 35.90
C44 MC3 ZA . -29.50 8.78 36.74
C31 MC3 AB . 1.66 39.34 12.27
C32 MC3 AB . 0.78 40.23 13.12
C33 MC3 AB . 1.30 41.66 13.07
C34 MC3 AB . 0.30 42.63 13.66
C35 MC3 AB . 0.24 42.52 15.17
C36 MC3 AB . -0.56 43.67 15.75
C37 MC3 AB . -2.01 43.56 15.35
C38 MC3 AB . -2.82 44.72 15.90
C39 MC3 AB . -4.18 44.76 15.23
C40 MC3 AB . -4.94 46.03 15.60
C41 MC3 AB . -5.19 46.08 17.09
H321 MC3 AB . 0.79 39.88 14.15
H322 MC3 AB . -0.25 40.20 12.76
H331 MC3 AB . 1.50 41.93 12.03
H332 MC3 AB . 2.24 41.72 13.62
H341 MC3 AB . 0.58 43.65 13.38
H342 MC3 AB . -0.68 42.42 13.24
H351 MC3 AB . -0.23 41.57 15.44
H352 MC3 AB . 1.25 42.53 15.58
H361 MC3 AB . -0.48 43.66 16.84
H362 MC3 AB . -0.15 44.61 15.39
H371 MC3 AB . -2.11 43.56 14.26
H372 MC3 AB . -2.42 42.62 15.72
H381 MC3 AB . -2.94 44.59 16.99
H382 MC3 AB . -2.29 45.65 15.73
H391 MC3 AB . -4.06 44.71 14.15
H392 MC3 AB . -4.76 43.89 15.54
H401 MC3 AB . -5.89 46.05 15.07
H402 MC3 AB . -4.35 46.90 15.30
H411 MC3 AB . -5.50 45.08 17.44
H412 MC3 AB . -4.26 46.32 17.61
C33 MC3 BB . -0.62 39.51 7.09
C34 MC3 BB . -1.72 39.66 8.12
C35 MC3 BB . -2.69 40.74 7.68
C36 MC3 BB . -3.88 40.84 8.61
C37 MC3 BB . -4.93 41.74 7.99
C38 MC3 BB . -6.05 42.02 8.98
C39 MC3 BB . -7.09 42.89 8.30
C40 MC3 BB . -8.26 43.18 9.21
C41 MC3 BB . -9.41 43.72 8.39
H331 MC3 BB . -1.06 39.28 6.12
H332 MC3 BB . -0.08 40.45 7.00
H341 MC3 BB . -2.27 38.73 8.24
H342 MC3 BB . -1.30 39.93 9.09
H351 MC3 BB . -3.04 40.52 6.66
H352 MC3 BB . -2.17 41.71 7.64
H361 MC3 BB . -4.29 39.84 8.76
H362 MC3 BB . -3.56 41.23 9.58
H371 MC3 BB . -4.47 42.69 7.70
H372 MC3 BB . -5.35 41.27 7.11
H381 MC3 BB . -5.65 42.53 9.86
H382 MC3 BB . -6.50 41.07 9.31
H391 MC3 BB . -6.63 43.83 8.00
H392 MC3 BB . -7.43 42.38 7.40
H401 MC3 BB . -7.97 43.91 9.97
H402 MC3 BB . -8.57 42.27 9.72
H411 MC3 BB . -9.55 43.10 7.51
H412 MC3 BB . -9.17 44.73 8.06
C37 MC3 CB . -1.90 45.48 10.29
C38 MC3 CB . -2.91 46.01 11.30
C39 MC3 CB . -4.32 45.86 10.77
C40 MC3 CB . -5.32 46.53 11.71
C41 MC3 CB . -6.73 46.36 11.19
H371 MC3 CB . -1.47 44.55 10.68
H372 MC3 CB . -2.42 45.23 9.36
H381 MC3 CB . -2.81 45.47 12.24
H382 MC3 CB . -2.71 47.07 11.48
H391 MC3 CB . -4.56 44.80 10.69
H392 MC3 CB . -4.40 46.30 9.77
H401 MC3 CB . -5.23 46.10 12.70
H402 MC3 CB . -5.08 47.59 11.78
H411 MC3 CB . -7.44 46.71 11.95
H412 MC3 CB . -6.93 45.30 11.03
C31 MC3 DB . -5.31 25.28 29.16
C32 MC3 DB . -6.41 26.02 28.46
C33 MC3 DB . -7.35 26.61 29.50
C34 MC3 DB . -8.38 27.56 28.90
C35 MC3 DB . -9.26 28.09 30.02
C36 MC3 DB . -10.29 29.11 29.56
C37 MC3 DB . -11.27 28.54 28.53
C38 MC3 DB . -12.37 29.55 28.27
C39 MC3 DB . -13.21 29.15 27.06
C40 MC3 DB . -13.90 27.81 27.27
C41 MC3 DB . -14.26 27.17 25.94
C42 MC3 DB . -14.76 25.75 26.18
C43 MC3 DB . -15.04 25.02 24.89
C44 MC3 DB . -15.15 23.53 25.10
C32 MC3 EB . 0.43 29.90 26.51
C33 MC3 EB . -0.16 29.30 27.77
C34 MC3 EB . -1.02 30.31 28.50
C35 MC3 EB . -1.50 29.81 29.86
C36 MC3 EB . -2.45 30.80 30.49
C37 MC3 EB . -3.77 30.87 29.74
C38 MC3 EB . -4.71 31.87 30.38
C39 MC3 EB . -6.11 31.77 29.79
C40 MC3 EB . -7.05 32.74 30.49
C41 MC3 EB . -8.46 32.68 29.92
C42 MC3 EB . -9.31 33.73 30.64
C43 MC3 EB . -10.75 33.71 30.19
C44 MC3 EB . -11.53 34.81 30.88
C31 MC3 FB . -9.11 35.39 -19.07
C32 MC3 FB . -9.82 36.66 -18.66
C33 MC3 FB . -9.99 37.55 -19.88
C34 MC3 FB . -10.94 38.71 -19.60
C35 MC3 FB . -10.29 39.74 -18.71
C36 MC3 FB . -11.15 40.99 -18.66
C37 MC3 FB . -12.47 40.71 -17.94
C38 MC3 FB . -13.35 41.94 -17.91
C39 MC3 FB . -14.75 41.56 -17.48
C40 MC3 FB . -15.71 42.71 -17.64
C41 MC3 FB . -15.29 43.87 -16.74
H321 MC3 FB . -9.22 37.18 -17.90
H322 MC3 FB . -10.79 36.43 -18.23
H331 MC3 FB . -10.39 36.95 -20.70
H332 MC3 FB . -9.02 37.95 -20.19
H341 MC3 FB . -11.25 39.17 -20.54
H342 MC3 FB . -11.83 38.31 -19.11
H351 MC3 FB . -10.18 39.35 -17.70
H352 MC3 FB . -9.30 39.99 -19.09
H361 MC3 FB . -10.61 41.79 -18.13
H362 MC3 FB . -11.36 41.33 -19.67
H371 MC3 FB . -13.01 39.91 -18.46
H372 MC3 FB . -12.26 40.38 -16.92
H381 MC3 FB . -12.92 42.66 -17.19
H382 MC3 FB . -13.37 42.41 -18.89
H391 MC3 FB . -15.09 40.71 -18.09
H392 MC3 FB . -14.73 41.23 -16.44
H401 MC3 FB . -16.72 42.39 -17.38
H402 MC3 FB . -15.72 43.05 -18.68
H411 MC3 FB . -15.00 43.47 -15.78
H412 MC3 FB . -14.42 44.37 -17.18
C33 MC3 GB . -13.24 31.80 -20.52
C34 MC3 GB . -13.76 32.73 -19.44
C35 MC3 GB . -15.17 33.18 -19.79
C36 MC3 GB . -15.76 34.00 -18.67
C37 MC3 GB . -17.24 34.23 -18.93
C38 MC3 GB . -17.83 35.20 -17.94
C39 MC3 GB . -19.31 35.35 -18.23
C40 MC3 GB . -19.99 36.28 -17.24
C41 MC3 GB . -21.50 36.10 -17.33
H331 MC3 GB . -13.93 30.96 -20.63
H332 MC3 GB . -13.22 32.33 -21.47
H341 MC3 GB . -13.77 32.22 -18.48
H342 MC3 GB . -13.11 33.61 -19.35
H351 MC3 GB . -15.80 32.31 -19.97
H352 MC3 GB . -15.15 33.78 -20.70
H361 MC3 GB . -15.64 33.47 -17.71
H362 MC3 GB . -15.26 34.96 -18.59
H371 MC3 GB . -17.37 34.61 -19.94
H372 MC3 GB . -17.77 33.27 -18.85
H381 MC3 GB . -17.34 36.18 -18.03
H382 MC3 GB . -17.68 34.84 -16.92
H391 MC3 GB . -19.45 35.72 -19.23
H392 MC3 GB . -19.78 34.36 -18.17
H401 MC3 GB . -19.72 37.32 -17.48
H402 MC3 GB . -19.65 36.06 -16.23
H411 MC3 GB . -21.74 35.04 -17.33
H412 MC3 GB . -21.85 36.52 -18.28
C37 MC3 HB . -15.31 38.24 -21.83
C38 MC3 HB . -15.90 39.41 -21.06
C39 MC3 HB . -17.22 39.00 -20.41
C40 MC3 HB . -17.89 40.20 -19.77
C41 MC3 HB . -19.18 39.79 -19.09
H371 MC3 HB . -14.41 37.88 -21.30
H372 MC3 HB . -16.03 37.43 -21.86
H381 MC3 HB . -15.20 39.74 -20.29
H382 MC3 HB . -16.08 40.25 -21.74
H391 MC3 HB . -17.02 38.25 -19.64
H392 MC3 HB . -17.88 38.56 -21.16
H401 MC3 HB . -17.22 40.64 -19.02
H402 MC3 HB . -18.09 40.96 -20.52
H411 MC3 HB . -19.57 40.62 -18.51
H412 MC3 HB . -18.98 38.98 -18.40
C31 MC3 IB . -1.86 38.85 2.54
C32 MC3 IB . -3.35 38.89 2.36
C33 MC3 IB . -3.90 40.11 3.09
C34 MC3 IB . -5.36 40.36 2.79
C35 MC3 IB . -5.81 41.60 3.56
C36 MC3 IB . -7.26 42.00 3.28
C37 MC3 IB . -8.26 40.91 3.67
C38 MC3 IB . -9.67 41.46 3.55
C39 MC3 IB . -10.71 40.35 3.66
C40 MC3 IB . -10.63 39.65 5.01
C41 MC3 IB . -11.24 38.26 4.93
C42 MC3 IB . -10.96 37.51 6.23
C43 MC3 IB . -11.46 36.07 6.18
C44 MC3 IB . -10.86 35.23 7.29
C32 MC3 JB . -0.20 39.64 -5.07
C33 MC3 JB . 0.10 40.22 -3.69
C34 MC3 JB . -0.70 41.48 -3.44
C35 MC3 JB . -0.29 42.17 -2.15
C36 MC3 JB . -1.19 43.36 -1.87
C37 MC3 JB . -2.61 42.93 -1.54
C38 MC3 JB . -3.51 44.13 -1.28
C39 MC3 JB . -4.84 43.71 -0.70
C40 MC3 JB . -5.70 44.93 -0.39
C41 MC3 JB . -7.06 44.56 0.16
C42 MC3 JB . -7.84 45.84 0.38
C43 MC3 JB . -9.21 45.58 1.01
C44 MC3 JB . -9.98 46.88 1.13
C31 MC3 KB . -29.75 10.32 -26.66
C32 MC3 KB . -30.65 11.52 -26.83
C33 MC3 KB . -31.67 11.23 -27.91
C34 MC3 KB . -32.78 12.28 -27.93
C35 MC3 KB . -32.29 13.60 -28.48
C36 MC3 KB . -33.46 14.53 -28.73
C37 MC3 KB . -34.11 14.93 -27.42
C38 MC3 KB . -35.29 15.85 -27.65
C39 MC3 KB . -36.09 15.98 -26.36
C40 MC3 KB . -37.41 16.70 -26.60
C41 MC3 KB . -37.14 18.11 -27.10
H321 MC3 KB . -30.05 12.40 -27.11
H322 MC3 KB . -31.16 11.74 -25.89
H331 MC3 KB . -32.11 10.25 -27.75
H332 MC3 KB . -31.18 11.22 -28.89
H341 MC3 KB . -33.62 11.92 -28.53
H342 MC3 KB . -33.14 12.41 -26.91
H351 MC3 KB . -31.60 14.05 -27.77
H352 MC3 KB . -31.75 13.42 -29.43
H361 MC3 KB . -33.13 15.41 -29.26
H362 MC3 KB . -34.20 14.02 -29.35
H371 MC3 KB . -34.44 14.05 -26.87
H372 MC3 KB . -33.37 15.44 -26.80
H381 MC3 KB . -34.94 16.83 -27.97
H382 MC3 KB . -35.92 15.44 -28.44
H391 MC3 KB . -36.29 14.98 -25.95
H392 MC3 KB . -35.51 16.53 -25.62
H401 MC3 KB . -37.98 16.73 -25.68
H402 MC3 KB . -37.99 16.15 -27.35
H411 MC3 KB . -36.34 18.54 -26.51
H412 MC3 KB . -36.82 18.08 -28.14
C33 MC3 LB . -32.28 7.07 -22.78
C34 MC3 LB . -32.61 8.52 -22.49
C35 MC3 LB . -34.07 8.66 -22.13
C36 MC3 LB . -34.40 10.08 -21.70
C37 MC3 LB . -35.79 10.11 -21.12
C38 MC3 LB . -36.24 11.54 -20.86
C39 MC3 LB . -37.62 11.51 -20.22
C40 MC3 LB . -38.12 12.91 -19.90
C41 MC3 LB . -39.30 12.80 -18.95
H331 MC3 LB . -32.54 6.46 -21.92
H332 MC3 LB . -32.88 6.73 -23.62
H341 MC3 LB . -31.99 8.89 -21.66
H342 MC3 LB . -32.39 9.14 -23.37
H351 MC3 LB . -34.31 7.97 -21.31
H352 MC3 LB . -34.69 8.39 -22.98
H361 MC3 LB . -33.68 10.41 -20.95
H362 MC3 LB . -34.34 10.75 -22.55
H371 MC3 LB . -36.49 9.64 -21.80
H372 MC3 LB . -35.80 9.55 -20.17
H381 MC3 LB . -36.27 12.09 -21.80
H382 MC3 LB . -35.53 12.03 -20.18
H391 MC3 LB . -38.31 11.02 -20.92
H392 MC3 LB . -37.58 10.91 -19.31
H401 MC3 LB . -38.42 13.41 -20.82
H402 MC3 LB . -37.32 13.48 -19.43
H411 MC3 LB . -39.06 12.10 -18.15
H412 MC3 LB . -40.16 12.40 -19.50
C37 MC3 MB . -37.09 10.57 -26.25
C38 MC3 MB . -37.71 11.96 -26.22
C39 MC3 MB . -38.33 12.25 -24.86
C40 MC3 MB . -39.08 13.57 -24.87
C41 MC3 MB . -39.67 13.86 -23.51
H371 MC3 MB . -36.00 10.67 -26.27
H372 MC3 MB . -37.37 10.04 -25.34
H381 MC3 MB . -36.94 12.72 -26.43
H382 MC3 MB . -38.48 12.04 -26.99
H391 MC3 MB . -37.54 12.29 -24.11
H392 MC3 MB . -39.01 11.43 -24.60
H401 MC3 MB . -38.39 14.36 -25.16
H402 MC3 MB . -39.87 13.52 -25.63
H411 MC3 MB . -40.07 14.88 -23.50
H412 MC3 MB . -38.87 13.81 -22.76
C31 MC3 NB . -15.95 28.14 -21.76
C32 MC3 NB . -17.26 28.12 -21.01
C33 MC3 NB . -17.88 29.51 -21.07
C34 MC3 NB . -19.31 29.54 -20.53
C35 MC3 NB . -19.83 30.97 -20.62
C36 MC3 NB . -21.28 31.12 -20.17
C37 MC3 NB . -21.48 30.73 -18.72
C38 MC3 NB . -22.89 31.10 -18.29
C39 MC3 NB . -23.24 30.49 -16.94
C40 MC3 NB . -22.32 31.00 -15.84
C41 MC3 NB . -22.28 30.04 -14.66
C42 MC3 NB . -21.20 30.48 -13.68
C43 MC3 NB . -21.06 29.50 -12.53
C44 MC3 NB . -19.76 29.71 -11.78
C32 MC3 OB . -18.22 22.98 -27.21
C33 MC3 OB . -17.61 24.36 -27.02
C34 MC3 OB . -18.66 25.46 -27.20
C35 MC3 OB . -18.05 26.85 -27.19
C36 MC3 OB . -19.13 27.91 -27.26
C37 MC3 OB . -19.97 27.93 -25.98
C38 MC3 OB . -21.06 28.99 -26.07
C39 MC3 OB . -21.72 29.21 -24.72
C40 MC3 OB . -22.77 30.30 -24.83
C41 MC3 OB . -23.48 30.55 -23.51
C42 MC3 OB . -24.54 31.62 -23.72
C43 MC3 OB . -25.27 31.99 -22.44
C44 MC3 OB . -26.36 32.99 -22.73
C31 MC3 PB . -39.67 -10.94 -2.79
C32 MC3 PB . -40.95 -10.22 -3.10
C33 MC3 PB . -42.13 -11.15 -2.89
C34 MC3 PB . -43.45 -10.39 -2.89
C35 MC3 PB . -43.83 -9.95 -4.30
C36 MC3 PB . -45.25 -9.43 -4.32
C37 MC3 PB . -45.37 -8.15 -3.51
C38 MC3 PB . -46.79 -7.64 -3.51
C39 MC3 PB . -46.94 -6.56 -2.46
C40 MC3 PB . -48.40 -6.18 -2.27
C41 MC3 PB . -48.97 -5.61 -3.56
H321 MC3 PB . -40.94 -9.86 -4.14
H322 MC3 PB . -41.05 -9.35 -2.45
H331 MC3 PB . -42.01 -11.66 -1.93
H332 MC3 PB . -42.14 -11.91 -3.67
H341 MC3 PB . -44.24 -11.03 -2.50
H342 MC3 PB . -43.36 -9.52 -2.24
H351 MC3 PB . -43.14 -9.15 -4.62
H352 MC3 PB . -43.72 -10.79 -4.99
H361 MC3 PB . -45.56 -9.26 -5.34
H362 MC3 PB . -45.91 -10.19 -3.89
H371 MC3 PB . -45.05 -8.33 -2.49
H372 MC3 PB . -44.71 -7.40 -3.95
H381 MC3 PB . -47.03 -7.24 -4.50
H382 MC3 PB . -47.48 -8.47 -3.30
H391 MC3 PB . -46.54 -6.91 -1.51
H392 MC3 PB . -46.37 -5.67 -2.76
H401 MC3 PB . -48.48 -5.43 -1.47
H402 MC3 PB . -48.97 -7.06 -1.97
H411 MC3 PB . -48.23 -4.93 -4.00
H412 MC3 PB . -49.14 -6.42 -4.27
C33 MC3 QB . -38.75 -10.12 2.73
C34 MC3 QB . -39.48 -8.90 2.16
C35 MC3 QB . -40.56 -8.46 3.13
C36 MC3 QB . -41.21 -7.18 2.66
C37 MC3 QB . -42.10 -6.63 3.76
C38 MC3 QB . -42.92 -5.46 3.26
C39 MC3 QB . -43.76 -4.94 4.41
C40 MC3 QB . -44.59 -3.73 4.00
C41 MC3 QB . -45.10 -3.03 5.25
H331 MC3 QB . -38.35 -9.86 3.72
H332 MC3 QB . -39.47 -10.93 2.86
H341 MC3 QB . -38.77 -8.09 2.01
H342 MC3 QB . -39.93 -9.15 1.20
H351 MC3 QB . -40.13 -8.30 4.12
H352 MC3 QB . -41.32 -9.24 3.22
H361 MC3 QB . -40.44 -6.44 2.42
H362 MC3 QB . -41.80 -7.36 1.76
H371 MC3 QB . -42.77 -7.42 4.11
H372 MC3 QB . -41.49 -6.32 4.60
H381 MC3 QB . -43.57 -5.77 2.44
H382 MC3 QB . -42.26 -4.67 2.89
H391 MC3 QB . -44.42 -5.72 4.76
H392 MC3 QB . -43.10 -4.66 5.24
H401 MC3 QB . -45.42 -4.04 3.38
H402 MC3 QB . -43.97 -3.03 3.42
H411 MC3 QB . -44.28 -2.92 5.96
H412 MC3 QB . -45.87 -3.65 5.71
C37 MC3 RB . -45.54 -10.05 1.55
C38 MC3 RB . -46.59 -9.05 1.06
C39 MC3 RB . -46.61 -7.82 1.95
C40 MC3 RB . -47.76 -6.90 1.56
C41 MC3 RB . -47.77 -5.66 2.44
H371 MC3 RB . -44.71 -10.06 0.85
H372 MC3 RB . -45.16 -9.71 2.52
H381 MC3 RB . -46.36 -8.76 0.04
H382 MC3 RB . -47.58 -9.52 1.06
H391 MC3 RB . -45.66 -7.29 1.86
H392 MC3 RB . -46.73 -8.13 2.99
H401 MC3 RB . -47.64 -6.61 0.50
H402 MC3 RB . -48.71 -7.44 1.65
H411 MC3 RB . -48.50 -4.95 2.04
H412 MC3 RB . -46.78 -5.20 2.39
C31 MC3 SB . -33.54 3.81 -19.41
C32 MC3 SB . -34.26 4.45 -18.25
C33 MC3 SB . -35.35 5.36 -18.77
C34 MC3 SB . -36.28 5.88 -17.69
C35 MC3 SB . -37.32 6.79 -18.32
C36 MC3 SB . -38.36 7.31 -17.33
C37 MC3 SB . -37.75 8.14 -16.22
C38 MC3 SB . -38.85 8.78 -15.40
C39 MC3 SB . -38.30 9.39 -14.11
C40 MC3 SB . -37.30 10.49 -14.40
C41 MC3 SB . -36.38 10.72 -13.21
C42 MC3 SB . -35.26 11.67 -13.61
C43 MC3 SB . -34.26 11.86 -12.48
C44 MC3 SB . -32.97 12.48 -12.99
C32 MC3 TB . -35.63 -3.53 -17.70
C33 MC3 TB . -35.62 -2.50 -18.82
C34 MC3 TB . -36.97 -1.85 -18.98
C35 MC3 TB . -37.04 -0.94 -20.21
C36 MC3 TB . -38.37 -0.22 -20.27
C37 MC3 TB . -38.51 0.80 -19.13
C38 MC3 TB . -39.86 1.51 -19.20
C39 MC3 TB . -39.90 2.69 -18.24
C40 MC3 TB . -41.24 3.40 -18.38
C41 MC3 TB . -41.33 4.59 -17.43
C42 MC3 TB . -42.72 5.21 -17.59
C43 MC3 TB . -42.90 6.45 -16.72
C44 MC3 TB . -44.32 6.97 -16.86
#